data_2Y73
#
_entry.id   2Y73
#
_cell.length_a   225.755
_cell.length_b   225.755
_cell.length_c   216.985
_cell.angle_alpha   90.00
_cell.angle_beta   90.00
_cell.angle_gamma   120.00
#
_symmetry.space_group_name_H-M   'P 65 2 2'
#
loop_
_entity.id
_entity.type
_entity.pdbx_description
1 polymer 'MEMBRANE PRIMARY AMINE OXIDASE'
2 branched alpha-D-mannopyranose-(1-4)-2-acetamido-2-deoxy-beta-D-glucopyranose-(1-4)-2-acetamido-2-deoxy-beta-D-glucopyranose
3 branched 2-acetamido-2-deoxy-beta-D-glucopyranose-(1-4)-2-acetamido-2-deoxy-beta-D-glucopyranose
4 non-polymer 'COPPER (II) ION'
5 non-polymer 'CALCIUM ION'
6 non-polymer IMIDAZOLE
7 non-polymer 2-acetamido-2-deoxy-beta-D-glucopyranose
8 non-polymer 'FORMIC ACID'
9 water water
#
_entity_poly.entity_id   1
_entity_poly.type   'polypeptide(L)'
_entity_poly.pdbx_seq_one_letter_code
;MNQKTILVLLILAVITIFALVCVLLVGRGGDGGEPSQLPHCPSVSPSAQPWTHPGQSQLFADLSREELTAVMRFLTQRLG
PGLVDAAQARPSDNCVFSVELQLPPKAAALAHLDRGSPPPAREALAIVFFGRQPQPNVSELVVGPLPHPSYMRDVTVERH
GGPLPYHRRPVLFQEYLDIDQMIFNRELPQASGLLHHCCFYKHRGRNLVTMTTAPRGLQSGDRATWFGLYYNISGAGFFL
HHVGLELLVNHKALDPARWTIQKVFYQGRYYDSLAQLEAQFEAGLVNVVLIPDNGTGGSWSLKSPVPPGPAPPLQFYPQG
PRFSVQGSRVASSLWTFSFGLGAFSGPRIFDVRFQGERLVYEISLQEALAIYGGNSPAAMTTRYVDGGFGMGKYTTPLTR
GVDCPYLATYVDWHFLLESQAPKTIRDAFCVFEQNQGLPLRRHHSDLYSHYFGGLAETVLVVRSMSTLLN(TPQ)DYVWD
TVFHPSGAIEIRFYATGYISSAFLFGATGKYGNQVSEHTLGTVHTHSAHFKVDLDVAGLENWVWAEDMVFVPMAVPWSPE
HQLQRLQVTRKLLEMEEQAAFLVGSATPRYLYLASNHSNKWGHPRGYRIQMLSFAGEPLPQNSSMARGFSWERYQLAVTQ
RKEEEPSSSSVFNQNDPWAPTVDFSDFINNETIAGKDLVAWVTAGFLHIPHAEDIPNTVTVGNGVGFFLRPYNFFDEDPS
FYSADSIYFRGDQDAGACEVNPLACLPQAAACAPDLPAFSHGGFSHN
;
_entity_poly.pdbx_strand_id   A,B
#
# COMPACT_ATOMS: atom_id res chain seq x y z
N GLY A 55 -12.42 -35.30 -3.06
CA GLY A 55 -12.68 -34.95 -1.67
C GLY A 55 -13.61 -33.76 -1.47
N GLN A 56 -14.89 -34.03 -1.31
CA GLN A 56 -15.87 -33.01 -1.09
C GLN A 56 -16.53 -32.50 0.16
N SER A 57 -15.79 -32.34 1.23
CA SER A 57 -16.43 -31.86 2.43
C SER A 57 -15.83 -30.62 3.03
N GLN A 58 -16.68 -29.84 3.67
CA GLN A 58 -16.26 -28.60 4.23
C GLN A 58 -15.60 -28.82 5.56
N LEU A 59 -14.38 -29.31 5.53
CA LEU A 59 -13.61 -29.60 6.75
C LEU A 59 -13.33 -28.39 7.60
N PHE A 60 -13.48 -27.19 7.04
CA PHE A 60 -12.94 -26.01 7.71
C PHE A 60 -14.06 -25.05 8.07
N ALA A 61 -15.32 -25.47 7.87
CA ALA A 61 -16.48 -24.68 8.27
C ALA A 61 -16.58 -24.53 9.78
N ASP A 62 -16.94 -23.32 10.19
CA ASP A 62 -17.20 -23.06 11.59
C ASP A 62 -18.43 -23.87 11.95
N LEU A 63 -18.57 -24.20 13.23
CA LEU A 63 -19.69 -25.02 13.71
C LEU A 63 -21.00 -24.33 13.45
N SER A 64 -22.04 -25.09 13.14
CA SER A 64 -23.36 -24.50 12.96
C SER A 64 -24.06 -24.41 14.29
N ARG A 65 -25.24 -23.81 14.29
CA ARG A 65 -25.98 -23.72 15.54
C ARG A 65 -26.32 -25.13 16.03
N GLU A 66 -26.88 -25.94 15.12
CA GLU A 66 -27.22 -27.32 15.43
C GLU A 66 -26.04 -28.01 16.07
N GLU A 67 -24.87 -27.78 15.51
CA GLU A 67 -23.67 -28.49 15.92
C GLU A 67 -23.22 -28.03 17.27
N LEU A 68 -23.32 -26.72 17.48
CA LEU A 68 -22.98 -26.07 18.74
C LEU A 68 -23.90 -26.56 19.85
N THR A 69 -25.21 -26.47 19.57
CA THR A 69 -26.23 -26.98 20.48
C THR A 69 -25.92 -28.41 20.90
N ALA A 70 -25.59 -29.22 19.89
CA ALA A 70 -25.33 -30.63 20.04
C ALA A 70 -24.18 -30.89 21.01
N VAL A 71 -23.11 -30.14 20.85
CA VAL A 71 -21.96 -30.25 21.71
C VAL A 71 -22.34 -29.77 23.10
N MET A 72 -23.11 -28.70 23.18
CA MET A 72 -23.52 -28.17 24.47
C MET A 72 -24.36 -29.20 25.21
N ARG A 73 -25.30 -29.83 24.49
CA ARG A 73 -26.11 -30.88 25.13
C ARG A 73 -25.23 -32.00 25.67
N PHE A 74 -24.29 -32.45 24.86
CA PHE A 74 -23.41 -33.53 25.26
C PHE A 74 -22.68 -33.19 26.55
N LEU A 75 -22.24 -31.93 26.62
CA LEU A 75 -21.41 -31.48 27.71
C LEU A 75 -22.24 -31.35 28.99
N THR A 76 -23.42 -30.80 28.84
CA THR A 76 -24.38 -30.58 29.91
C THR A 76 -24.52 -31.85 30.77
N GLN A 77 -24.77 -32.97 30.10
CA GLN A 77 -24.87 -34.28 30.73
C GLN A 77 -23.61 -34.63 31.52
N ARG A 78 -22.47 -34.51 30.87
CA ARG A 78 -21.24 -35.10 31.33
C ARG A 78 -20.33 -34.25 32.24
N LEU A 79 -20.71 -33.01 32.52
CA LEU A 79 -19.85 -32.15 33.32
C LEU A 79 -20.37 -32.21 34.73
N GLY A 80 -21.68 -32.36 34.79
CA GLY A 80 -22.31 -32.88 35.98
C GLY A 80 -23.13 -31.88 36.75
N PRO A 81 -22.97 -31.90 38.07
CA PRO A 81 -23.85 -31.14 38.96
C PRO A 81 -23.39 -29.69 39.03
N GLY A 82 -24.35 -28.76 39.05
CA GLY A 82 -24.01 -27.38 39.33
C GLY A 82 -23.13 -26.78 38.25
N LEU A 83 -23.46 -27.17 37.02
CA LEU A 83 -22.94 -26.54 35.84
C LEU A 83 -23.80 -25.30 35.71
N VAL A 84 -23.16 -24.15 35.51
CA VAL A 84 -23.90 -22.92 35.36
C VAL A 84 -23.73 -22.31 33.96
N ASP A 85 -24.81 -21.66 33.51
CA ASP A 85 -24.80 -20.80 32.37
C ASP A 85 -23.74 -19.73 32.63
N ALA A 86 -22.69 -19.68 31.82
CA ALA A 86 -21.55 -18.80 32.08
C ALA A 86 -21.90 -17.31 31.99
N ALA A 87 -23.05 -17.03 31.38
CA ALA A 87 -23.57 -15.68 31.24
C ALA A 87 -23.89 -15.05 32.58
N GLN A 88 -24.12 -15.90 33.59
CA GLN A 88 -24.34 -15.48 34.99
C GLN A 88 -23.44 -16.20 35.97
N ALA A 89 -22.33 -16.75 35.48
CA ALA A 89 -21.48 -17.54 36.35
C ALA A 89 -20.66 -16.70 37.33
N ARG A 90 -20.50 -17.20 38.55
CA ARG A 90 -19.57 -16.56 39.47
C ARG A 90 -18.24 -17.30 39.41
N PRO A 91 -17.17 -16.67 39.89
CA PRO A 91 -15.83 -17.26 39.84
C PRO A 91 -15.77 -18.65 40.37
N SER A 92 -16.63 -18.98 41.32
CA SER A 92 -16.52 -20.29 41.96
C SER A 92 -17.42 -21.36 41.31
N ASP A 93 -18.34 -20.92 40.44
CA ASP A 93 -19.08 -21.83 39.55
C ASP A 93 -18.20 -22.68 38.55
N ASN A 94 -18.81 -23.71 37.97
CA ASN A 94 -18.28 -24.43 36.84
C ASN A 94 -19.07 -23.98 35.65
N CYS A 95 -18.39 -23.58 34.59
CA CYS A 95 -19.13 -23.24 33.37
C CYS A 95 -18.40 -23.53 32.06
N VAL A 96 -19.19 -23.56 31.00
CA VAL A 96 -18.63 -23.69 29.68
C VAL A 96 -18.48 -22.29 29.15
N PHE A 97 -17.22 -21.88 28.93
CA PHE A 97 -16.87 -20.53 28.49
C PHE A 97 -17.04 -20.42 26.99
N SER A 98 -16.50 -21.39 26.25
CA SER A 98 -16.69 -21.41 24.80
C SER A 98 -16.83 -22.79 24.22
N VAL A 99 -17.51 -22.83 23.08
CA VAL A 99 -17.49 -24.00 22.26
C VAL A 99 -17.29 -23.59 20.81
N GLU A 100 -16.24 -24.09 20.17
CA GLU A 100 -16.03 -23.85 18.73
C GLU A 100 -15.30 -25.01 18.00
N LEU A 101 -15.26 -24.90 16.68
CA LEU A 101 -14.57 -25.88 15.85
C LEU A 101 -13.15 -26.20 16.30
N GLN A 102 -12.85 -27.49 16.39
CA GLN A 102 -11.48 -27.95 16.48
C GLN A 102 -11.02 -28.23 15.05
N LEU A 103 -9.97 -27.56 14.61
CA LEU A 103 -9.51 -27.75 13.26
C LEU A 103 -8.88 -29.12 13.12
N PRO A 104 -9.16 -29.78 12.00
CA PRO A 104 -8.65 -31.12 11.72
C PRO A 104 -7.15 -31.14 11.67
N PRO A 105 -6.57 -32.31 11.86
CA PRO A 105 -5.12 -32.30 11.64
C PRO A 105 -4.82 -32.35 10.14
N LYS A 106 -3.77 -31.65 9.73
CA LYS A 106 -3.45 -31.44 8.32
C LYS A 106 -3.38 -32.72 7.51
N ALA A 107 -2.58 -33.67 7.99
CA ALA A 107 -2.32 -34.92 7.24
C ALA A 107 -3.63 -35.57 6.77
N ALA A 108 -4.49 -35.82 7.74
CA ALA A 108 -5.78 -36.39 7.45
C ALA A 108 -6.59 -35.46 6.55
N ALA A 109 -6.57 -34.17 6.83
CA ALA A 109 -7.34 -33.23 6.02
C ALA A 109 -6.92 -33.31 4.55
N LEU A 110 -5.61 -33.35 4.31
CA LEU A 110 -5.11 -33.39 2.95
C LEU A 110 -5.38 -34.75 2.29
N ALA A 111 -5.13 -35.83 3.02
CA ALA A 111 -5.52 -37.14 2.52
C ALA A 111 -6.97 -37.13 2.01
N HIS A 112 -7.88 -36.52 2.75
CA HIS A 112 -9.25 -36.44 2.29
C HIS A 112 -9.37 -35.59 1.05
N LEU A 113 -8.74 -34.40 1.06
CA LEU A 113 -8.93 -33.40 0.01
C LEU A 113 -8.19 -33.74 -1.30
N ASP A 114 -7.04 -34.42 -1.19
CA ASP A 114 -6.23 -34.71 -2.38
C ASP A 114 -6.31 -36.17 -2.84
N ARG A 115 -6.17 -37.09 -1.90
CA ARG A 115 -6.18 -38.51 -2.19
C ARG A 115 -7.55 -39.15 -2.01
N GLY A 116 -8.58 -38.38 -1.67
CA GLY A 116 -9.92 -38.96 -1.52
C GLY A 116 -10.20 -39.92 -0.36
N SER A 117 -9.31 -40.03 0.62
CA SER A 117 -9.57 -40.74 1.88
C SER A 117 -10.79 -40.18 2.58
N PRO A 118 -11.28 -40.90 3.60
CA PRO A 118 -12.44 -40.45 4.37
C PRO A 118 -11.98 -39.25 5.14
N PRO A 119 -12.86 -38.27 5.34
CA PRO A 119 -12.54 -37.02 6.05
C PRO A 119 -12.34 -37.26 7.54
N PRO A 120 -11.46 -36.48 8.17
CA PRO A 120 -11.22 -36.65 9.60
C PRO A 120 -12.48 -36.29 10.36
N ALA A 121 -12.59 -36.80 11.59
CA ALA A 121 -13.77 -36.57 12.40
C ALA A 121 -13.93 -35.07 12.60
N ARG A 122 -15.17 -34.60 12.54
CA ARG A 122 -15.44 -33.20 12.82
C ARG A 122 -15.62 -33.01 14.33
N GLU A 123 -14.75 -32.23 14.98
CA GLU A 123 -14.76 -32.14 16.43
C GLU A 123 -14.91 -30.69 16.87
N ALA A 124 -15.28 -30.48 18.13
CA ALA A 124 -15.25 -29.14 18.73
C ALA A 124 -14.29 -29.10 19.89
N LEU A 125 -13.85 -27.89 20.19
CA LEU A 125 -13.06 -27.71 21.39
C LEU A 125 -13.87 -26.83 22.31
N ALA A 126 -14.02 -27.28 23.55
CA ALA A 126 -14.77 -26.51 24.54
C ALA A 126 -13.83 -26.14 25.67
N ILE A 127 -13.98 -24.89 26.10
CA ILE A 127 -13.22 -24.36 27.20
C ILE A 127 -14.16 -24.26 28.38
N VAL A 128 -13.79 -24.96 29.45
CA VAL A 128 -14.63 -25.12 30.62
C VAL A 128 -13.92 -24.52 31.82
N PHE A 129 -14.60 -23.62 32.50
CA PHE A 129 -14.06 -23.00 33.69
C PHE A 129 -14.53 -23.85 34.86
N PHE A 130 -13.57 -24.51 35.53
CA PHE A 130 -13.89 -25.37 36.67
C PHE A 130 -13.55 -24.66 37.98
N GLY A 131 -14.49 -23.82 38.45
CA GLY A 131 -14.31 -23.06 39.69
C GLY A 131 -14.76 -23.77 40.97
N ARG A 132 -15.75 -24.66 40.86
CA ARG A 132 -16.33 -25.38 41.99
C ARG A 132 -15.51 -26.63 42.35
N GLN A 133 -14.44 -26.41 43.11
CA GLN A 133 -13.47 -27.43 43.53
C GLN A 133 -12.33 -26.79 44.34
N PRO A 134 -11.62 -27.60 45.13
CA PRO A 134 -10.34 -27.31 45.78
C PRO A 134 -9.32 -26.59 44.89
N GLN A 135 -8.99 -27.16 43.74
CA GLN A 135 -8.01 -26.56 42.81
C GLN A 135 -8.60 -26.18 41.44
N PRO A 136 -9.21 -24.99 41.34
CA PRO A 136 -9.82 -24.60 40.06
C PRO A 136 -8.81 -24.65 38.91
N ASN A 137 -9.35 -24.96 37.73
CA ASN A 137 -8.53 -25.09 36.56
C ASN A 137 -9.42 -24.65 35.44
N VAL A 138 -8.79 -24.33 34.32
CA VAL A 138 -9.52 -24.16 33.07
C VAL A 138 -9.14 -25.42 32.33
N SER A 139 -10.10 -26.11 31.73
CA SER A 139 -9.75 -27.23 30.90
C SER A 139 -10.24 -27.03 29.48
N GLU A 140 -9.49 -27.65 28.57
CA GLU A 140 -9.79 -27.67 27.14
C GLU A 140 -10.32 -29.08 26.80
N LEU A 141 -11.57 -29.18 26.33
CA LEU A 141 -12.10 -30.49 25.99
C LEU A 141 -12.50 -30.60 24.50
N VAL A 142 -12.04 -31.69 23.86
CA VAL A 142 -12.49 -32.03 22.52
C VAL A 142 -13.72 -32.94 22.58
N VAL A 143 -14.68 -32.64 21.73
CA VAL A 143 -15.94 -33.35 21.71
C VAL A 143 -16.25 -33.71 20.27
N GLY A 144 -16.59 -34.96 20.00
CA GLY A 144 -17.04 -35.34 18.67
C GLY A 144 -17.56 -36.74 18.71
N PRO A 145 -17.82 -37.32 17.55
CA PRO A 145 -17.71 -36.65 16.26
C PRO A 145 -19.03 -36.02 15.85
N LEU A 146 -19.02 -34.78 15.39
CA LEU A 146 -20.25 -34.15 14.92
C LEU A 146 -20.73 -34.82 13.65
N PRO A 147 -22.05 -34.84 13.43
CA PRO A 147 -23.07 -34.11 14.19
C PRO A 147 -23.62 -34.80 15.44
N HIS A 148 -23.39 -36.09 15.64
CA HIS A 148 -23.89 -36.69 16.88
C HIS A 148 -22.74 -37.12 17.74
N PRO A 149 -22.30 -36.23 18.61
CA PRO A 149 -21.15 -36.46 19.45
C PRO A 149 -21.39 -37.67 20.35
N SER A 150 -20.31 -38.38 20.66
CA SER A 150 -20.32 -39.61 21.43
C SER A 150 -19.10 -39.75 22.35
N TYR A 151 -18.12 -38.86 22.21
CA TYR A 151 -16.95 -38.84 23.11
C TYR A 151 -16.52 -37.43 23.49
N MET A 152 -15.77 -37.34 24.59
CA MET A 152 -15.18 -36.07 24.97
C MET A 152 -13.83 -36.43 25.55
N ARG A 153 -12.79 -35.67 25.22
CA ARG A 153 -11.48 -35.87 25.84
C ARG A 153 -10.83 -34.55 26.28
N ASP A 154 -10.21 -34.61 27.45
CA ASP A 154 -9.54 -33.45 28.03
C ASP A 154 -8.16 -33.48 27.41
N VAL A 155 -7.79 -32.40 26.72
CA VAL A 155 -6.50 -32.33 26.04
C VAL A 155 -5.62 -31.33 26.71
N THR A 156 -6.11 -30.73 27.79
CA THR A 156 -5.36 -29.71 28.52
C THR A 156 -3.90 -30.08 28.73
N VAL A 157 -3.66 -31.18 29.46
CA VAL A 157 -2.29 -31.60 29.79
C VAL A 157 -1.41 -31.97 28.58
N GLU A 158 -2.05 -32.51 27.54
CA GLU A 158 -1.37 -32.89 26.30
C GLU A 158 -0.74 -31.64 25.71
N ARG A 159 -1.53 -30.57 25.68
CA ARG A 159 -1.12 -29.32 25.07
C ARG A 159 -0.22 -28.47 25.96
N HIS A 160 -0.62 -28.33 27.22
CA HIS A 160 0.05 -27.40 28.12
C HIS A 160 0.97 -28.01 29.20
N GLY A 161 1.06 -29.33 29.28
CA GLY A 161 2.03 -29.97 30.17
C GLY A 161 1.62 -29.99 31.63
N GLY A 162 0.40 -29.51 31.88
CA GLY A 162 -0.10 -29.40 33.23
C GLY A 162 -1.44 -28.71 33.14
N PRO A 163 -2.07 -28.46 34.29
CA PRO A 163 -3.39 -27.81 34.29
C PRO A 163 -3.22 -26.34 33.93
N LEU A 164 -4.31 -25.67 33.54
CA LEU A 164 -4.25 -24.25 33.25
C LEU A 164 -4.63 -23.48 34.51
N PRO A 165 -3.69 -22.71 35.04
CA PRO A 165 -3.97 -21.94 36.25
C PRO A 165 -5.18 -21.04 36.04
N TYR A 166 -6.05 -20.97 37.04
CA TYR A 166 -7.38 -20.44 36.89
C TYR A 166 -7.41 -18.96 36.61
N HIS A 167 -6.34 -18.28 37.02
CA HIS A 167 -6.32 -16.82 36.91
C HIS A 167 -6.05 -16.40 35.48
N ARG A 168 -5.69 -17.36 34.63
CA ARG A 168 -5.52 -17.11 33.19
C ARG A 168 -6.83 -16.95 32.46
N ARG A 169 -7.93 -17.35 33.09
CA ARG A 169 -9.16 -17.39 32.34
C ARG A 169 -9.52 -15.97 31.98
N PRO A 170 -10.11 -15.77 30.82
CA PRO A 170 -10.62 -14.42 30.53
C PRO A 170 -11.57 -13.99 31.62
N VAL A 171 -11.78 -12.68 31.72
CA VAL A 171 -12.73 -12.15 32.68
C VAL A 171 -14.10 -12.32 32.07
N LEU A 172 -14.99 -13.00 32.79
CA LEU A 172 -16.37 -13.20 32.32
C LEU A 172 -17.14 -11.89 32.26
N PHE A 173 -18.12 -11.82 31.39
CA PHE A 173 -19.00 -10.69 31.37
C PHE A 173 -19.71 -10.47 32.72
N GLN A 174 -19.98 -11.56 33.45
CA GLN A 174 -20.59 -11.47 34.78
C GLN A 174 -19.61 -10.87 35.77
N GLU A 175 -18.33 -11.22 35.62
CA GLU A 175 -17.26 -10.68 36.44
C GLU A 175 -17.22 -9.16 36.23
N TYR A 176 -17.11 -8.71 34.98
CA TYR A 176 -17.20 -7.27 34.69
C TYR A 176 -18.40 -6.66 35.44
N LEU A 177 -19.57 -7.30 35.34
CA LEU A 177 -20.80 -6.82 35.97
C LEU A 177 -20.72 -6.72 37.48
N ASP A 178 -20.03 -7.69 38.11
CA ASP A 178 -19.85 -7.72 39.54
C ASP A 178 -18.90 -6.65 40.03
N ILE A 179 -17.73 -6.59 39.39
CA ILE A 179 -16.81 -5.48 39.55
C ILE A 179 -17.54 -4.13 39.52
N ASP A 180 -18.34 -3.89 38.50
CA ASP A 180 -19.10 -2.67 38.43
C ASP A 180 -20.01 -2.44 39.62
N GLN A 181 -20.44 -3.51 40.26
CA GLN A 181 -21.39 -3.39 41.34
C GLN A 181 -20.59 -2.94 42.55
N MET A 182 -19.50 -3.63 42.84
CA MET A 182 -18.58 -3.16 43.86
C MET A 182 -18.14 -1.72 43.61
N ILE A 183 -17.99 -1.34 42.35
CA ILE A 183 -17.50 0.02 42.07
C ILE A 183 -18.58 1.04 42.36
N PHE A 184 -19.79 0.79 41.88
CA PHE A 184 -20.82 1.82 41.87
C PHE A 184 -21.78 1.78 43.07
N ASN A 185 -21.65 0.72 43.87
CA ASN A 185 -22.57 0.52 44.97
C ASN A 185 -21.87 0.50 46.32
N ARG A 186 -20.57 0.27 46.30
CA ARG A 186 -19.86 0.17 47.54
C ARG A 186 -18.61 1.02 47.58
N GLU A 187 -18.35 1.78 46.53
CA GLU A 187 -17.05 2.43 46.45
C GLU A 187 -17.20 3.86 46.06
N LEU A 188 -17.74 4.08 44.87
CA LEU A 188 -17.97 5.42 44.42
C LEU A 188 -18.81 6.23 45.39
N PRO A 189 -19.79 5.60 46.05
CA PRO A 189 -20.56 6.38 47.03
C PRO A 189 -19.72 6.99 48.17
N GLN A 190 -18.69 6.28 48.63
CA GLN A 190 -17.76 6.86 49.60
C GLN A 190 -17.15 8.21 49.19
N ALA A 191 -17.51 8.70 48.00
CA ALA A 191 -16.92 9.94 47.49
C ALA A 191 -17.97 10.74 46.78
N SER A 192 -19.22 10.53 47.18
CA SER A 192 -20.36 11.18 46.54
C SER A 192 -20.20 12.68 46.53
N GLY A 193 -19.38 13.16 47.47
CA GLY A 193 -19.16 14.58 47.64
C GLY A 193 -18.40 15.12 46.47
N LEU A 194 -17.22 14.53 46.27
CA LEU A 194 -16.34 14.90 45.18
C LEU A 194 -17.06 14.76 43.85
N LEU A 195 -17.66 13.57 43.68
CA LEU A 195 -18.37 13.20 42.47
C LEU A 195 -19.54 14.10 42.18
N HIS A 196 -20.16 14.62 43.25
CA HIS A 196 -21.32 15.48 43.07
C HIS A 196 -20.78 16.78 42.53
N HIS A 197 -19.59 17.13 43.02
CA HIS A 197 -18.98 18.38 42.63
C HIS A 197 -18.46 18.29 41.21
N CYS A 198 -17.67 17.24 40.95
CA CYS A 198 -16.79 17.19 39.78
C CYS A 198 -17.48 16.74 38.48
N CYS A 199 -18.38 15.78 38.59
CA CYS A 199 -18.90 15.03 37.44
C CYS A 199 -20.37 14.65 37.53
N PHE A 200 -21.20 15.53 38.09
CA PHE A 200 -22.64 15.37 37.96
C PHE A 200 -23.24 14.10 38.57
N TYR A 201 -22.60 13.54 39.60
CA TYR A 201 -23.06 12.28 40.21
C TYR A 201 -24.44 12.40 40.85
N LYS A 202 -24.91 11.28 41.36
CA LYS A 202 -26.15 11.16 42.12
C LYS A 202 -26.33 9.76 42.62
N ARG A 206 -26.37 5.15 36.36
CA ARG A 206 -25.77 6.41 36.70
C ARG A 206 -25.50 7.16 35.47
N ASN A 207 -24.39 7.85 35.49
CA ASN A 207 -24.00 8.70 34.42
C ASN A 207 -22.59 8.40 34.01
N LEU A 208 -21.94 7.54 34.77
CA LEU A 208 -20.60 7.04 34.46
C LEU A 208 -20.57 5.55 34.06
N VAL A 209 -19.60 5.21 33.21
CA VAL A 209 -19.31 3.83 32.85
C VAL A 209 -17.83 3.57 33.03
N THR A 210 -17.52 2.33 33.32
CA THR A 210 -16.15 1.89 33.55
C THR A 210 -15.60 1.27 32.23
N MET A 211 -14.27 1.20 32.05
CA MET A 211 -13.67 0.43 30.93
C MET A 211 -12.31 -0.20 31.25
N THR A 212 -12.16 -1.47 30.92
CA THR A 212 -11.08 -2.27 31.46
C THR A 212 -9.79 -2.02 30.71
N THR A 213 -8.71 -2.55 31.25
CA THR A 213 -7.42 -2.46 30.62
C THR A 213 -6.64 -3.77 30.68
N ALA A 214 -5.34 -3.62 30.44
CA ALA A 214 -4.46 -4.56 29.73
C ALA A 214 -4.17 -5.76 30.47
N PRO A 215 -2.88 -5.99 30.83
CA PRO A 215 -2.78 -7.13 31.75
C PRO A 215 -3.29 -6.64 33.11
N ARG A 216 -3.54 -7.55 34.03
CA ARG A 216 -4.18 -7.17 35.26
C ARG A 216 -3.23 -7.52 36.40
N GLY A 217 -2.27 -6.63 36.65
CA GLY A 217 -1.30 -6.88 37.71
C GLY A 217 0.15 -6.68 37.30
N LEU A 218 1.08 -7.34 37.99
CA LEU A 218 2.51 -7.08 37.82
C LEU A 218 3.39 -8.35 37.86
N GLN A 219 2.80 -9.46 38.25
CA GLN A 219 3.51 -10.73 38.20
C GLN A 219 2.49 -11.73 37.76
N SER A 220 2.98 -12.90 37.39
CA SER A 220 2.13 -14.06 37.20
C SER A 220 1.21 -14.26 38.43
N GLY A 221 -0.07 -14.51 38.17
CA GLY A 221 -1.00 -14.75 39.24
C GLY A 221 -1.87 -13.55 39.56
N ASP A 222 -1.47 -12.37 39.12
CA ASP A 222 -2.24 -11.21 39.52
C ASP A 222 -3.54 -11.13 38.75
N ARG A 223 -4.58 -10.64 39.39
CA ARG A 223 -5.78 -10.26 38.66
C ARG A 223 -6.26 -8.94 39.23
N ALA A 224 -5.47 -7.90 39.01
CA ALA A 224 -5.80 -6.53 39.39
C ALA A 224 -5.94 -5.62 38.16
N THR A 225 -7.13 -5.13 37.90
CA THR A 225 -7.35 -4.33 36.69
C THR A 225 -7.51 -2.84 36.96
N TRP A 226 -6.78 -1.99 36.25
CA TRP A 226 -7.08 -0.57 36.31
C TRP A 226 -8.28 -0.22 35.46
N PHE A 227 -9.30 0.42 36.02
CA PHE A 227 -10.51 0.77 35.29
C PHE A 227 -10.63 2.25 35.23
N GLY A 228 -10.74 2.80 34.04
CA GLY A 228 -10.96 4.23 33.93
C GLY A 228 -12.44 4.51 33.98
N LEU A 229 -12.81 5.71 34.41
CA LEU A 229 -14.19 6.11 34.51
C LEU A 229 -14.56 7.18 33.48
N TYR A 230 -15.72 7.04 32.85
CA TYR A 230 -16.06 7.90 31.70
C TYR A 230 -17.50 8.33 31.77
N TYR A 231 -17.78 9.51 31.25
CA TYR A 231 -19.16 9.89 31.10
C TYR A 231 -19.85 8.93 30.17
N ASN A 232 -20.87 8.23 30.66
CA ASN A 232 -21.71 7.44 29.78
C ASN A 232 -22.27 8.46 28.84
N ILE A 233 -21.69 8.53 27.67
CA ILE A 233 -22.15 9.40 26.62
C ILE A 233 -23.21 8.63 25.84
N SER A 234 -24.11 9.38 25.22
CA SER A 234 -25.28 8.82 24.56
C SER A 234 -25.23 8.89 23.03
N GLY A 235 -25.11 7.73 22.39
CA GLY A 235 -25.13 7.64 20.93
C GLY A 235 -23.80 7.96 20.27
N ALA A 236 -22.73 7.92 21.05
CA ALA A 236 -21.40 8.22 20.55
C ALA A 236 -20.40 7.77 21.60
N GLY A 237 -19.12 7.80 21.28
CA GLY A 237 -18.13 7.08 22.07
C GLY A 237 -17.79 7.60 23.46
N PHE A 238 -18.03 6.81 24.49
CA PHE A 238 -17.64 7.27 25.80
C PHE A 238 -16.14 7.47 25.94
N PHE A 239 -15.38 6.92 25.00
CA PHE A 239 -13.92 6.78 25.15
C PHE A 239 -13.17 8.09 25.26
N LEU A 240 -13.78 9.15 24.75
CA LEU A 240 -13.15 10.47 24.69
C LEU A 240 -13.46 11.32 25.95
N HIS A 241 -14.25 10.75 26.87
CA HIS A 241 -14.77 11.49 28.00
C HIS A 241 -14.39 10.89 29.34
N HIS A 242 -13.10 10.70 29.50
CA HIS A 242 -12.54 10.14 30.71
C HIS A 242 -12.65 11.26 31.73
N VAL A 243 -13.19 10.98 32.91
CA VAL A 243 -13.43 12.03 33.91
C VAL A 243 -12.27 12.17 34.90
N GLY A 244 -11.24 11.36 34.75
CA GLY A 244 -10.03 11.62 35.46
C GLY A 244 -9.78 10.65 36.59
N LEU A 245 -10.80 9.86 36.92
CA LEU A 245 -10.68 8.86 37.99
C LEU A 245 -10.38 7.44 37.45
N GLU A 246 -9.44 6.74 38.09
CA GLU A 246 -9.06 5.39 37.73
C GLU A 246 -8.87 4.53 38.96
N LEU A 247 -9.50 3.36 38.98
CA LEU A 247 -9.47 2.48 40.16
C LEU A 247 -8.69 1.21 39.88
N LEU A 248 -7.81 0.84 40.78
CA LEU A 248 -7.09 -0.42 40.61
C LEU A 248 -7.84 -1.48 41.42
N VAL A 249 -8.75 -2.20 40.74
CA VAL A 249 -9.58 -3.22 41.38
C VAL A 249 -8.87 -4.54 41.43
N ASN A 250 -8.73 -5.10 42.63
CA ASN A 250 -8.20 -6.44 42.74
C ASN A 250 -9.35 -7.43 42.77
N HIS A 251 -9.59 -8.11 41.64
CA HIS A 251 -10.71 -9.03 41.51
C HIS A 251 -10.20 -10.47 41.39
N LYS A 252 -9.02 -10.70 41.94
CA LYS A 252 -8.46 -12.04 41.98
C LYS A 252 -9.27 -13.03 42.82
N ALA A 253 -9.96 -12.53 43.84
CA ALA A 253 -10.60 -13.38 44.82
C ALA A 253 -11.73 -14.20 44.22
N LEU A 254 -11.82 -15.47 44.62
CA LEU A 254 -12.92 -16.28 44.11
C LEU A 254 -14.28 -15.83 44.62
N ASP A 255 -14.29 -15.22 45.81
CA ASP A 255 -15.49 -14.60 46.38
C ASP A 255 -15.50 -13.10 46.05
N PRO A 256 -16.44 -12.64 45.23
CA PRO A 256 -16.37 -11.23 44.85
C PRO A 256 -16.48 -10.24 46.06
N ALA A 257 -16.90 -10.74 47.22
CA ALA A 257 -17.04 -9.90 48.39
C ALA A 257 -15.67 -9.62 49.00
N ARG A 258 -14.72 -10.52 48.76
CA ARG A 258 -13.32 -10.24 49.10
C ARG A 258 -12.57 -9.28 48.12
N TRP A 259 -13.26 -8.73 47.12
CA TRP A 259 -12.58 -7.85 46.16
C TRP A 259 -12.42 -6.46 46.74
N THR A 260 -11.25 -5.87 46.50
CA THR A 260 -10.90 -4.62 47.13
C THR A 260 -10.41 -3.62 46.10
N ILE A 261 -10.19 -2.38 46.52
CA ILE A 261 -9.60 -1.38 45.65
C ILE A 261 -8.17 -1.06 46.09
N GLN A 262 -7.20 -1.55 45.32
CA GLN A 262 -5.81 -1.43 45.72
C GLN A 262 -5.28 0.01 45.66
N LYS A 263 -5.91 0.87 44.86
CA LYS A 263 -5.37 2.21 44.63
C LYS A 263 -6.30 3.12 43.90
N VAL A 264 -6.11 4.42 44.09
CA VAL A 264 -6.96 5.38 43.43
C VAL A 264 -6.12 6.40 42.67
N PHE A 265 -6.69 6.99 41.62
CA PHE A 265 -5.98 7.96 40.83
C PHE A 265 -6.99 9.01 40.36
N TYR A 266 -6.83 10.21 40.88
CA TYR A 266 -7.70 11.28 40.48
C TYR A 266 -6.86 12.43 39.95
N GLN A 267 -7.16 12.78 38.70
CA GLN A 267 -6.57 13.89 38.00
C GLN A 267 -5.14 14.18 38.40
N GLY A 268 -4.22 13.21 38.29
CA GLY A 268 -2.81 13.49 38.51
C GLY A 268 -2.25 13.04 39.86
N ARG A 269 -3.17 12.74 40.78
CA ARG A 269 -2.80 12.40 42.15
C ARG A 269 -3.14 10.97 42.54
N TYR A 270 -2.24 10.31 43.26
CA TYR A 270 -2.61 9.02 43.84
C TYR A 270 -3.19 9.16 45.25
N TYR A 271 -4.15 8.31 45.58
CA TYR A 271 -4.76 8.24 46.90
C TYR A 271 -4.88 6.79 47.34
N ASP A 272 -4.82 6.52 48.64
CA ASP A 272 -4.79 5.13 49.11
C ASP A 272 -6.16 4.46 49.05
N SER A 273 -7.21 5.27 48.96
CA SER A 273 -8.57 4.74 48.98
C SER A 273 -9.54 5.79 48.47
N LEU A 274 -10.79 5.41 48.29
CA LEU A 274 -11.76 6.37 47.85
C LEU A 274 -12.18 7.30 49.00
N ALA A 275 -12.09 6.78 50.23
CA ALA A 275 -12.43 7.53 51.44
C ALA A 275 -11.44 8.67 51.65
N GLN A 276 -10.16 8.33 51.53
CA GLN A 276 -9.11 9.32 51.70
C GLN A 276 -9.23 10.42 50.67
N LEU A 277 -9.68 10.08 49.46
CA LEU A 277 -9.83 11.12 48.45
C LEU A 277 -10.96 12.03 48.90
N GLU A 278 -12.06 11.43 49.36
CA GLU A 278 -13.22 12.20 49.78
C GLU A 278 -12.83 13.16 50.92
N ALA A 279 -12.09 12.59 51.88
CA ALA A 279 -11.51 13.35 52.97
C ALA A 279 -10.84 14.63 52.46
N GLN A 280 -9.77 14.48 51.70
CA GLN A 280 -9.07 15.65 51.18
C GLN A 280 -9.95 16.60 50.37
N PHE A 281 -10.83 16.09 49.51
CA PHE A 281 -11.71 16.99 48.77
C PHE A 281 -12.58 17.82 49.71
N GLU A 282 -12.99 17.21 50.81
CA GLU A 282 -13.77 17.95 51.79
C GLU A 282 -12.92 18.94 52.55
N ALA A 283 -11.75 18.50 52.99
CA ALA A 283 -10.85 19.34 53.69
C ALA A 283 -10.41 20.46 52.83
N GLY A 284 -11.09 20.66 51.71
CA GLY A 284 -10.70 21.67 50.75
C GLY A 284 -9.33 21.50 50.13
N LEU A 285 -8.84 20.29 50.15
CA LEU A 285 -7.45 20.03 49.83
C LEU A 285 -7.17 19.49 48.44
N VAL A 286 -8.19 19.49 47.61
CA VAL A 286 -8.08 18.92 46.29
C VAL A 286 -8.51 19.94 45.25
N ASN A 287 -7.61 20.28 44.33
CA ASN A 287 -8.00 21.20 43.27
C ASN A 287 -8.68 20.42 42.12
N VAL A 288 -9.98 20.48 42.09
CA VAL A 288 -10.75 19.66 41.19
C VAL A 288 -10.95 20.30 39.83
N VAL A 289 -10.54 19.60 38.78
CA VAL A 289 -10.75 20.12 37.42
C VAL A 289 -12.15 19.78 36.97
N LEU A 290 -12.88 20.77 36.51
CA LEU A 290 -14.27 20.53 36.18
C LEU A 290 -14.48 20.12 34.72
N ILE A 291 -14.77 18.83 34.49
CA ILE A 291 -14.92 18.33 33.11
C ILE A 291 -16.35 18.21 32.60
N PRO A 292 -16.71 18.95 31.56
CA PRO A 292 -18.11 18.91 31.10
C PRO A 292 -18.70 17.54 30.68
N ASP A 293 -19.91 17.31 31.18
CA ASP A 293 -20.92 16.29 30.85
C ASP A 293 -21.34 16.15 29.40
N ASN A 294 -21.33 17.27 28.69
CA ASN A 294 -21.96 17.35 27.39
C ASN A 294 -21.20 18.38 26.55
N GLY A 295 -21.47 18.37 25.25
CA GLY A 295 -20.76 19.22 24.32
C GLY A 295 -21.37 19.01 22.94
N THR A 296 -20.81 19.71 21.95
CA THR A 296 -21.13 19.44 20.55
C THR A 296 -19.93 19.74 19.67
N GLY A 297 -19.50 18.73 18.96
CA GLY A 297 -18.32 18.90 18.15
C GLY A 297 -17.93 17.65 17.41
N GLY A 298 -18.53 16.52 17.76
CA GLY A 298 -17.99 15.37 17.09
C GLY A 298 -16.86 14.77 17.89
N SER A 299 -16.39 15.45 18.93
CA SER A 299 -15.81 14.65 20.01
C SER A 299 -16.98 14.29 20.93
N TRP A 300 -18.18 14.68 20.48
CA TRP A 300 -19.42 14.43 21.21
C TRP A 300 -20.44 13.68 20.37
N SER A 301 -20.37 13.84 19.05
CA SER A 301 -21.33 13.20 18.17
C SER A 301 -20.61 12.33 17.13
N LEU A 302 -21.27 11.30 16.67
CA LEU A 302 -20.75 10.60 15.51
C LEU A 302 -21.61 10.99 14.31
N LYS A 303 -22.74 11.64 14.57
CA LYS A 303 -23.70 11.97 13.52
C LYS A 303 -23.40 13.25 12.73
N SER A 304 -23.29 13.14 11.43
CA SER A 304 -22.94 14.33 10.65
C SER A 304 -24.07 15.32 10.67
N PRO A 305 -23.71 16.60 10.89
CA PRO A 305 -24.70 17.67 10.98
C PRO A 305 -24.95 18.24 9.60
N VAL A 306 -24.52 17.51 8.57
CA VAL A 306 -24.65 18.01 7.21
C VAL A 306 -25.55 17.11 6.40
N PRO A 307 -26.52 17.72 5.74
CA PRO A 307 -27.53 16.99 4.95
C PRO A 307 -26.88 16.19 3.79
N PRO A 308 -27.44 15.00 3.50
CA PRO A 308 -27.07 14.08 2.40
C PRO A 308 -27.03 14.78 1.07
N GLY A 309 -25.98 14.55 0.30
CA GLY A 309 -25.79 15.20 -1.00
C GLY A 309 -26.05 14.18 -2.08
N PRO A 310 -25.66 14.48 -3.33
CA PRO A 310 -25.80 13.45 -4.37
C PRO A 310 -25.03 12.19 -3.95
N ALA A 311 -25.50 11.04 -4.45
CA ALA A 311 -25.09 9.70 -4.04
C ALA A 311 -23.66 9.40 -4.42
N PRO A 312 -22.95 8.72 -3.53
CA PRO A 312 -21.63 8.27 -3.90
C PRO A 312 -21.77 7.20 -4.99
N PRO A 313 -20.66 6.86 -5.67
CA PRO A 313 -20.64 5.86 -6.73
C PRO A 313 -21.14 4.52 -6.24
N LEU A 314 -21.74 3.80 -7.16
CA LEU A 314 -22.24 2.46 -6.86
C LEU A 314 -21.66 1.41 -7.83
N GLN A 315 -21.28 0.26 -7.29
CA GLN A 315 -20.75 -0.81 -8.12
C GLN A 315 -21.78 -1.90 -8.36
N PHE A 316 -21.83 -2.45 -9.57
CA PHE A 316 -22.74 -3.57 -9.82
C PHE A 316 -22.20 -4.52 -10.88
N TYR A 317 -22.78 -5.74 -10.95
CA TYR A 317 -22.33 -6.75 -11.91
C TYR A 317 -23.26 -6.79 -13.11
N PRO A 318 -22.87 -6.15 -14.22
CA PRO A 318 -23.70 -5.95 -15.40
C PRO A 318 -24.36 -7.23 -15.92
N GLN A 319 -23.75 -8.38 -15.67
CA GLN A 319 -24.21 -9.64 -16.27
C GLN A 319 -24.14 -10.72 -15.25
N GLY A 320 -24.63 -10.44 -14.05
CA GLY A 320 -24.67 -11.47 -13.02
C GLY A 320 -23.34 -11.51 -12.32
N PRO A 321 -23.27 -12.22 -11.20
CA PRO A 321 -22.10 -12.23 -10.31
C PRO A 321 -21.11 -13.25 -10.85
N ARG A 322 -19.88 -13.21 -10.39
CA ARG A 322 -18.86 -13.99 -11.06
C ARG A 322 -18.12 -14.83 -10.05
N PHE A 323 -18.79 -15.02 -8.93
CA PHE A 323 -18.32 -15.93 -7.91
C PHE A 323 -19.56 -16.37 -7.16
N SER A 324 -19.38 -17.35 -6.28
CA SER A 324 -20.50 -17.90 -5.54
C SER A 324 -20.02 -18.26 -4.18
N VAL A 325 -20.90 -18.09 -3.18
CA VAL A 325 -20.56 -18.49 -1.81
C VAL A 325 -21.49 -19.62 -1.43
N GLN A 326 -20.92 -20.70 -0.92
CA GLN A 326 -21.75 -21.83 -0.54
C GLN A 326 -21.26 -22.35 0.80
N GLY A 327 -22.00 -22.05 1.86
CA GLY A 327 -21.53 -22.37 3.18
C GLY A 327 -20.40 -21.42 3.47
N SER A 328 -19.23 -21.99 3.75
CA SER A 328 -18.05 -21.21 4.04
C SER A 328 -17.07 -21.33 2.85
N ARG A 329 -17.52 -21.90 1.72
CA ARG A 329 -16.66 -22.00 0.54
C ARG A 329 -16.98 -20.88 -0.40
N VAL A 330 -15.93 -20.29 -0.98
CA VAL A 330 -16.07 -19.36 -2.08
C VAL A 330 -15.45 -19.94 -3.32
N ALA A 331 -16.03 -19.63 -4.46
CA ALA A 331 -15.46 -20.05 -5.72
C ALA A 331 -15.79 -19.07 -6.80
N SER A 332 -14.80 -18.79 -7.61
CA SER A 332 -14.94 -17.99 -8.80
C SER A 332 -14.18 -18.77 -9.83
N SER A 333 -13.97 -18.20 -11.00
CA SER A 333 -13.27 -18.95 -12.05
C SER A 333 -11.76 -19.10 -11.81
N LEU A 334 -11.17 -18.31 -10.91
CA LEU A 334 -9.75 -18.48 -10.60
C LEU A 334 -9.51 -19.05 -9.21
N TRP A 335 -10.39 -18.72 -8.28
CA TRP A 335 -10.09 -19.01 -6.89
C TRP A 335 -11.13 -19.87 -6.23
N THR A 336 -10.67 -20.77 -5.38
CA THR A 336 -11.53 -21.37 -4.39
C THR A 336 -10.81 -21.43 -3.06
N PHE A 337 -11.56 -21.18 -2.00
CA PHE A 337 -10.99 -21.20 -0.67
C PHE A 337 -12.14 -21.28 0.29
N SER A 338 -11.85 -21.64 1.53
CA SER A 338 -12.83 -21.66 2.57
C SER A 338 -12.45 -20.53 3.58
N PHE A 339 -13.43 -19.93 4.24
CA PHE A 339 -13.15 -18.90 5.26
C PHE A 339 -13.91 -19.12 6.58
N GLY A 340 -13.49 -18.42 7.65
CA GLY A 340 -14.24 -18.46 8.90
C GLY A 340 -13.61 -17.54 9.93
N LEU A 341 -14.12 -17.55 11.16
CA LEU A 341 -13.44 -16.90 12.29
C LEU A 341 -13.18 -17.86 13.44
N GLY A 342 -11.97 -17.87 13.98
CA GLY A 342 -11.77 -18.49 15.30
C GLY A 342 -12.35 -17.53 16.35
N ALA A 343 -13.02 -18.06 17.38
CA ALA A 343 -13.60 -17.18 18.40
C ALA A 343 -12.55 -16.24 18.99
N PHE A 344 -11.31 -16.69 19.06
CA PHE A 344 -10.32 -15.87 19.71
C PHE A 344 -9.31 -15.31 18.73
N SER A 345 -8.84 -16.16 17.81
CA SER A 345 -7.82 -15.75 16.83
C SER A 345 -8.34 -14.89 15.69
N GLY A 346 -9.63 -14.95 15.40
CA GLY A 346 -10.18 -14.14 14.33
C GLY A 346 -10.16 -14.84 13.00
N PRO A 347 -10.15 -14.06 11.90
CA PRO A 347 -10.25 -14.47 10.50
C PRO A 347 -9.25 -15.51 10.11
N ARG A 348 -9.70 -16.47 9.30
CA ARG A 348 -8.83 -17.46 8.72
C ARG A 348 -9.42 -17.85 7.38
N ILE A 349 -8.55 -18.20 6.44
CA ILE A 349 -9.00 -18.78 5.20
C ILE A 349 -8.20 -20.10 5.01
N PHE A 350 -8.83 -21.15 4.47
CA PHE A 350 -8.13 -22.43 4.30
C PHE A 350 -8.22 -22.94 2.86
N ASP A 351 -7.20 -23.66 2.41
CA ASP A 351 -7.31 -24.46 1.18
C ASP A 351 -7.54 -23.59 -0.07
N VAL A 352 -6.60 -22.70 -0.31
CA VAL A 352 -6.73 -21.69 -1.33
C VAL A 352 -6.20 -22.28 -2.61
N ARG A 353 -7.04 -22.37 -3.62
CA ARG A 353 -6.58 -22.94 -4.86
C ARG A 353 -6.72 -21.92 -5.94
N PHE A 354 -5.68 -21.82 -6.72
CA PHE A 354 -5.69 -20.94 -7.85
C PHE A 354 -5.77 -21.85 -9.01
N GLN A 355 -6.81 -21.68 -9.80
CA GLN A 355 -7.00 -22.51 -10.96
C GLN A 355 -6.74 -23.97 -10.64
N GLY A 356 -7.32 -24.44 -9.56
CA GLY A 356 -7.15 -25.81 -9.17
C GLY A 356 -5.93 -26.19 -8.35
N GLU A 357 -4.87 -25.37 -8.34
CA GLU A 357 -3.68 -25.70 -7.53
C GLU A 357 -3.66 -25.07 -6.15
N ARG A 358 -3.47 -25.88 -5.12
CA ARG A 358 -3.38 -25.29 -3.78
C ARG A 358 -2.11 -24.46 -3.66
N LEU A 359 -2.21 -23.26 -3.09
CA LEU A 359 -1.06 -22.41 -2.79
C LEU A 359 -0.85 -22.39 -1.28
N VAL A 360 -1.94 -22.23 -0.53
CA VAL A 360 -1.85 -22.13 0.93
C VAL A 360 -2.85 -23.04 1.59
N TYR A 361 -2.37 -23.82 2.55
CA TYR A 361 -3.23 -24.65 3.39
C TYR A 361 -4.07 -23.76 4.32
N GLU A 362 -3.46 -22.71 4.86
CA GLU A 362 -4.05 -21.83 5.89
C GLU A 362 -3.39 -20.43 5.84
N ILE A 363 -4.20 -19.38 5.91
CA ILE A 363 -3.72 -18.06 6.28
C ILE A 363 -4.65 -17.64 7.40
N SER A 364 -4.13 -17.23 8.54
CA SER A 364 -5.06 -16.84 9.61
C SER A 364 -4.43 -15.82 10.55
N LEU A 365 -5.25 -14.86 10.98
CA LEU A 365 -4.87 -13.95 12.05
C LEU A 365 -4.54 -14.78 13.31
N GLN A 366 -3.54 -14.34 14.04
CA GLN A 366 -3.06 -15.10 15.18
C GLN A 366 -3.22 -14.28 16.44
N GLU A 367 -2.90 -13.00 16.34
CA GLU A 367 -2.96 -12.13 17.51
C GLU A 367 -3.00 -10.67 17.06
N ALA A 368 -3.52 -9.81 17.92
CA ALA A 368 -3.43 -8.37 17.70
C ALA A 368 -3.03 -7.76 19.03
N LEU A 369 -2.26 -6.68 18.98
CA LEU A 369 -1.55 -6.18 20.14
C LEU A 369 -1.55 -4.66 20.21
N ALA A 370 -1.97 -4.08 21.32
CA ALA A 370 -1.80 -2.64 21.45
C ALA A 370 -0.99 -2.31 22.70
N ILE A 371 0.13 -1.62 22.51
CA ILE A 371 0.98 -1.20 23.62
C ILE A 371 0.91 0.33 23.83
N TYR A 372 0.32 0.74 24.96
CA TYR A 372 0.18 2.14 25.31
C TYR A 372 1.27 2.77 26.18
N GLY A 373 1.36 4.08 26.03
CA GLY A 373 2.01 4.93 27.02
C GLY A 373 1.01 5.95 27.55
N GLY A 374 1.39 6.60 28.64
CA GLY A 374 0.57 7.65 29.22
C GLY A 374 1.19 8.09 30.54
N ASN A 375 0.51 8.93 31.27
CA ASN A 375 1.07 9.33 32.56
C ASN A 375 0.02 9.13 33.63
N SER A 376 -1.06 8.46 33.22
CA SER A 376 -2.13 8.01 34.08
C SER A 376 -1.93 6.50 34.20
N PRO A 377 -2.35 5.90 35.31
CA PRO A 377 -1.76 4.56 35.41
C PRO A 377 -2.39 3.55 34.47
N ALA A 378 -3.64 3.76 34.09
CA ALA A 378 -4.29 2.82 33.16
C ALA A 378 -3.50 2.73 31.84
N ALA A 379 -3.39 3.87 31.16
CA ALA A 379 -2.78 3.89 29.84
C ALA A 379 -1.30 3.59 29.93
N MET A 380 -0.67 4.00 30.99
CA MET A 380 0.74 3.74 31.18
C MET A 380 1.05 2.22 31.17
N THR A 381 0.07 1.39 31.51
CA THR A 381 0.38 -0.05 31.70
C THR A 381 -0.48 -0.97 30.85
N THR A 382 -1.24 -0.38 29.96
CA THR A 382 -1.99 -1.17 29.01
C THR A 382 -1.11 -1.83 27.92
N ARG A 383 -1.17 -3.16 27.88
CA ARG A 383 -0.75 -3.95 26.75
C ARG A 383 -1.89 -4.90 26.43
N TYR A 384 -2.78 -4.54 25.50
CA TYR A 384 -3.90 -5.39 25.15
C TYR A 384 -3.41 -6.50 24.29
N VAL A 385 -3.68 -7.74 24.67
CA VAL A 385 -3.44 -8.89 23.78
C VAL A 385 -4.80 -9.42 23.36
N ASP A 386 -5.32 -8.89 22.26
CA ASP A 386 -6.75 -8.98 22.00
C ASP A 386 -7.36 -10.37 21.84
N GLY A 387 -6.57 -11.34 21.40
CA GLY A 387 -7.03 -12.71 21.41
C GLY A 387 -7.67 -13.09 22.75
N GLY A 388 -7.17 -12.49 23.84
CA GLY A 388 -7.75 -12.68 25.15
C GLY A 388 -9.18 -12.19 25.27
N PHE A 389 -9.57 -11.25 24.42
CA PHE A 389 -11.00 -10.90 24.34
C PHE A 389 -11.59 -11.75 23.27
N GLY A 390 -10.93 -11.81 22.12
CA GLY A 390 -11.32 -12.68 21.02
C GLY A 390 -11.82 -11.90 19.82
N MET A 391 -11.10 -12.00 18.71
CA MET A 391 -11.44 -11.24 17.51
C MET A 391 -12.66 -11.80 16.85
N GLY A 392 -12.94 -13.08 17.07
CA GLY A 392 -14.13 -13.67 16.48
C GLY A 392 -15.32 -13.24 17.30
N LYS A 393 -15.18 -13.54 18.60
CA LYS A 393 -16.12 -13.16 19.62
C LYS A 393 -16.65 -11.74 19.56
N TYR A 394 -15.83 -10.76 19.19
CA TYR A 394 -16.26 -9.35 19.20
C TYR A 394 -16.54 -8.86 17.77
N THR A 395 -16.69 -9.79 16.84
CA THR A 395 -17.04 -9.42 15.46
C THR A 395 -18.41 -8.75 15.35
N THR A 396 -18.52 -7.77 14.48
CA THR A 396 -19.76 -7.02 14.44
C THR A 396 -20.38 -7.04 13.06
N PRO A 397 -21.67 -6.82 13.01
CA PRO A 397 -22.30 -6.87 11.68
C PRO A 397 -21.77 -5.80 10.78
N LEU A 398 -21.64 -6.17 9.53
CA LEU A 398 -21.21 -5.24 8.50
C LEU A 398 -22.40 -4.42 8.03
N THR A 399 -22.26 -3.10 8.07
CA THR A 399 -23.33 -2.27 7.56
C THR A 399 -23.31 -2.23 6.04
N ARG A 400 -24.36 -2.74 5.45
CA ARG A 400 -24.41 -2.83 4.01
C ARG A 400 -24.27 -1.44 3.40
N GLY A 401 -23.30 -1.25 2.51
CA GLY A 401 -23.07 0.05 1.86
C GLY A 401 -22.02 0.95 2.50
N VAL A 402 -21.60 0.60 3.71
CA VAL A 402 -20.62 1.37 4.45
C VAL A 402 -19.42 0.49 4.68
N ASP A 403 -19.64 -0.66 5.34
CA ASP A 403 -18.54 -1.58 5.56
C ASP A 403 -18.07 -2.34 4.32
N CYS A 404 -18.98 -2.71 3.44
CA CYS A 404 -18.63 -3.38 2.17
C CYS A 404 -19.52 -2.76 1.14
N PRO A 405 -19.28 -3.06 -0.13
CA PRO A 405 -20.18 -2.48 -1.10
C PRO A 405 -21.59 -2.99 -0.90
N TYR A 406 -22.52 -2.22 -1.42
CA TYR A 406 -23.91 -2.48 -1.20
C TYR A 406 -24.30 -3.87 -1.71
N LEU A 407 -23.78 -4.23 -2.88
CA LEU A 407 -24.15 -5.51 -3.49
C LEU A 407 -23.20 -6.68 -3.15
N ALA A 408 -22.35 -6.52 -2.15
CA ALA A 408 -21.55 -7.64 -1.64
C ALA A 408 -22.49 -8.74 -1.21
N THR A 409 -21.98 -9.97 -1.13
CA THR A 409 -22.81 -10.95 -0.44
C THR A 409 -22.41 -11.08 1.01
N TYR A 410 -23.41 -11.02 1.88
CA TYR A 410 -23.16 -11.02 3.32
C TYR A 410 -23.49 -12.37 3.95
N VAL A 411 -22.77 -12.71 5.01
CA VAL A 411 -22.85 -14.07 5.53
C VAL A 411 -22.84 -14.09 7.06
N ASP A 412 -23.75 -14.84 7.69
CA ASP A 412 -23.86 -14.80 9.15
C ASP A 412 -22.77 -15.63 9.79
N TRP A 413 -22.48 -15.39 11.06
CA TRP A 413 -21.56 -16.20 11.83
C TRP A 413 -22.20 -16.69 13.12
N HIS A 414 -21.94 -17.93 13.54
CA HIS A 414 -22.57 -18.50 14.73
C HIS A 414 -21.54 -18.87 15.76
N PHE A 415 -21.91 -18.73 17.02
CA PHE A 415 -20.95 -18.98 18.06
C PHE A 415 -21.71 -19.39 19.28
N LEU A 416 -20.99 -20.03 20.19
CA LEU A 416 -21.52 -20.29 21.51
C LEU A 416 -20.42 -19.89 22.44
N LEU A 417 -20.61 -18.70 23.02
CA LEU A 417 -19.61 -18.09 23.89
C LEU A 417 -20.24 -17.47 25.12
N GLU A 418 -19.74 -17.86 26.31
CA GLU A 418 -20.28 -17.40 27.60
C GLU A 418 -21.82 -17.46 27.60
N SER A 419 -22.34 -18.58 27.16
CA SER A 419 -23.78 -18.72 26.96
C SER A 419 -24.06 -20.22 27.01
N GLN A 420 -25.32 -20.60 27.00
CA GLN A 420 -25.60 -22.03 26.84
C GLN A 420 -26.34 -22.35 25.55
N ALA A 421 -26.59 -21.33 24.74
CA ALA A 421 -27.17 -21.52 23.42
C ALA A 421 -26.48 -20.71 22.32
N PRO A 422 -26.27 -21.31 21.14
CA PRO A 422 -25.71 -20.58 20.00
C PRO A 422 -26.36 -19.21 19.76
N LYS A 423 -25.54 -18.22 19.44
CA LYS A 423 -26.05 -16.98 18.90
C LYS A 423 -25.47 -16.74 17.51
N THR A 424 -25.99 -15.72 16.86
CA THR A 424 -25.59 -15.45 15.49
C THR A 424 -25.23 -13.96 15.37
N ILE A 425 -24.02 -13.63 14.92
CA ILE A 425 -23.78 -12.27 14.45
C ILE A 425 -24.26 -12.20 13.02
N ARG A 426 -25.34 -11.47 12.76
CA ARG A 426 -25.80 -11.39 11.37
C ARG A 426 -24.84 -10.56 10.50
N ASP A 427 -24.61 -10.97 9.25
CA ASP A 427 -23.68 -10.29 8.34
C ASP A 427 -22.26 -10.08 8.88
N ALA A 428 -21.69 -11.11 9.51
CA ALA A 428 -20.34 -10.98 10.01
C ALA A 428 -19.31 -10.90 8.88
N PHE A 429 -19.60 -11.48 7.71
CA PHE A 429 -18.65 -11.48 6.61
C PHE A 429 -19.27 -10.87 5.37
N CYS A 430 -18.46 -10.29 4.50
CA CYS A 430 -18.94 -9.96 3.15
C CYS A 430 -17.92 -10.49 2.18
N VAL A 431 -18.43 -10.89 1.01
CA VAL A 431 -17.60 -11.36 -0.07
C VAL A 431 -18.07 -10.60 -1.28
N PHE A 432 -17.16 -10.07 -2.07
CA PHE A 432 -17.54 -9.29 -3.25
C PHE A 432 -16.37 -9.20 -4.17
N GLU A 433 -16.67 -9.02 -5.46
CA GLU A 433 -15.69 -8.60 -6.45
C GLU A 433 -15.69 -7.09 -6.43
N GLN A 434 -14.49 -6.52 -6.48
CA GLN A 434 -14.31 -5.06 -6.48
C GLN A 434 -13.53 -4.70 -7.72
N ASN A 435 -14.02 -3.71 -8.45
CA ASN A 435 -13.28 -3.19 -9.58
C ASN A 435 -12.27 -2.18 -9.02
N GLN A 436 -10.98 -2.45 -9.17
CA GLN A 436 -9.97 -1.65 -8.50
C GLN A 436 -9.84 -0.25 -9.06
N GLY A 437 -10.28 -0.04 -10.29
CA GLY A 437 -10.16 1.24 -10.94
C GLY A 437 -8.73 1.55 -11.35
N LEU A 438 -8.01 0.51 -11.76
CA LEU A 438 -6.56 0.56 -11.94
C LEU A 438 -6.25 -0.62 -12.83
N PRO A 439 -5.42 -0.48 -13.86
CA PRO A 439 -5.24 -1.71 -14.65
C PRO A 439 -4.31 -2.69 -13.95
N LEU A 440 -4.55 -3.98 -14.15
CA LEU A 440 -3.65 -5.01 -13.65
C LEU A 440 -2.37 -4.98 -14.49
N ARG A 441 -2.55 -4.78 -15.79
CA ARG A 441 -1.42 -4.72 -16.67
C ARG A 441 -1.92 -3.99 -17.87
N ARG A 442 -1.01 -3.32 -18.57
CA ARG A 442 -1.36 -2.75 -19.86
C ARG A 442 -0.11 -2.29 -20.61
N HIS A 443 -0.23 -2.23 -21.94
CA HIS A 443 0.81 -1.64 -22.76
C HIS A 443 0.21 -1.06 -24.01
N HIS A 444 0.51 0.22 -24.23
CA HIS A 444 0.11 0.94 -25.43
C HIS A 444 1.34 1.11 -26.32
N SER A 445 1.38 0.42 -27.46
CA SER A 445 2.51 0.55 -28.40
C SER A 445 2.25 1.48 -29.59
N ASP A 446 3.07 2.54 -29.66
CA ASP A 446 3.14 3.52 -30.76
C ASP A 446 4.36 3.22 -31.66
N LEU A 447 5.13 2.21 -31.27
CA LEU A 447 6.47 1.94 -31.77
C LEU A 447 6.51 0.68 -32.62
N TYR A 448 6.82 0.84 -33.90
CA TYR A 448 7.01 -0.28 -34.85
C TYR A 448 5.75 -1.01 -35.24
N SER A 449 4.94 -1.35 -34.23
CA SER A 449 3.69 -2.07 -34.39
C SER A 449 2.68 -1.39 -33.50
N HIS A 450 1.48 -1.14 -34.01
CA HIS A 450 0.52 -0.38 -33.25
C HIS A 450 -0.52 -1.30 -32.62
N TYR A 451 -0.52 -1.41 -31.29
CA TYR A 451 -1.52 -2.24 -30.62
C TYR A 451 -1.71 -1.80 -29.20
N PHE A 452 -2.79 -2.25 -28.59
CA PHE A 452 -3.02 -2.03 -27.19
C PHE A 452 -3.43 -3.35 -26.56
N GLY A 453 -2.87 -3.64 -25.40
CA GLY A 453 -3.24 -4.86 -24.69
C GLY A 453 -3.28 -4.58 -23.20
N GLY A 454 -4.40 -4.88 -22.55
CA GLY A 454 -4.51 -4.53 -21.15
C GLY A 454 -5.68 -5.20 -20.48
N LEU A 455 -5.74 -5.08 -19.17
CA LEU A 455 -6.72 -5.76 -18.35
C LEU A 455 -7.01 -4.90 -17.11
N ALA A 456 -8.27 -4.51 -16.91
CA ALA A 456 -8.58 -3.78 -15.68
C ALA A 456 -8.52 -4.74 -14.47
N GLU A 457 -7.93 -4.29 -13.36
CA GLU A 457 -7.90 -5.20 -12.22
C GLU A 457 -9.23 -5.29 -11.50
N THR A 458 -9.73 -6.52 -11.41
CA THR A 458 -10.84 -6.84 -10.52
C THR A 458 -10.42 -7.87 -9.48
N VAL A 459 -10.80 -7.63 -8.27
CA VAL A 459 -10.20 -8.35 -7.17
C VAL A 459 -11.32 -9.02 -6.37
N LEU A 460 -11.03 -10.10 -5.65
CA LEU A 460 -12.08 -10.77 -4.92
C LEU A 460 -11.79 -10.67 -3.41
N VAL A 461 -12.75 -10.18 -2.64
CA VAL A 461 -12.50 -9.83 -1.25
C VAL A 461 -13.37 -10.56 -0.26
N VAL A 462 -12.76 -10.94 0.86
CA VAL A 462 -13.48 -11.38 2.04
C VAL A 462 -13.11 -10.47 3.20
N ARG A 463 -14.11 -9.99 3.92
CA ARG A 463 -13.87 -9.01 4.93
C ARG A 463 -14.69 -9.36 6.16
N SER A 464 -14.11 -9.18 7.33
CA SER A 464 -14.90 -9.14 8.54
C SER A 464 -14.29 -8.09 9.43
N MET A 465 -15.02 -7.65 10.46
CA MET A 465 -14.57 -6.59 11.36
C MET A 465 -14.74 -6.97 12.83
N SER A 466 -13.68 -6.83 13.60
CA SER A 466 -13.77 -7.10 15.03
C SER A 466 -13.81 -5.77 15.75
N THR A 467 -14.83 -5.54 16.57
CA THR A 467 -14.87 -4.32 17.36
C THR A 467 -14.45 -4.57 18.81
N LEU A 468 -13.20 -4.37 19.13
CA LEU A 468 -12.78 -4.63 20.45
C LEU A 468 -12.83 -3.34 21.18
N LEU A 469 -13.85 -3.21 22.00
CA LEU A 469 -14.07 -2.03 22.77
C LEU A 469 -14.21 -0.88 21.86
N ASN A 470 -13.14 -0.17 21.66
CA ASN A 470 -13.13 1.03 20.87
C ASN A 470 -12.60 0.84 19.48
N ASP A 472 -12.15 -0.57 15.96
CA ASP A 472 -12.76 -1.44 14.98
C ASP A 472 -11.65 -1.92 14.06
N TYR A 473 -11.35 -3.20 14.13
CA TYR A 473 -10.34 -3.77 13.24
C TYR A 473 -11.03 -4.26 11.98
N VAL A 474 -10.48 -3.90 10.84
CA VAL A 474 -11.00 -4.39 9.56
C VAL A 474 -10.01 -5.33 8.95
N TRP A 475 -10.47 -6.58 8.69
CA TRP A 475 -9.61 -7.63 8.12
C TRP A 475 -9.99 -7.98 6.68
N ASP A 476 -9.05 -7.84 5.76
CA ASP A 476 -9.29 -8.12 4.36
C ASP A 476 -8.44 -9.25 3.90
N THR A 477 -9.03 -10.14 3.12
CA THR A 477 -8.30 -11.17 2.41
C THR A 477 -8.61 -10.83 0.95
N VAL A 478 -7.57 -10.57 0.16
CA VAL A 478 -7.81 -10.08 -1.17
C VAL A 478 -7.16 -10.97 -2.20
N PHE A 479 -7.98 -11.44 -3.14
CA PHE A 479 -7.55 -12.41 -4.13
C PHE A 479 -7.40 -11.76 -5.49
N HIS A 480 -6.17 -11.71 -5.98
CA HIS A 480 -5.81 -11.03 -7.22
C HIS A 480 -5.77 -11.98 -8.39
N PRO A 481 -6.19 -11.53 -9.57
CA PRO A 481 -6.24 -12.40 -10.76
C PRO A 481 -4.86 -12.81 -11.27
N SER A 482 -3.82 -12.24 -10.68
CA SER A 482 -2.49 -12.58 -11.15
C SER A 482 -1.94 -13.80 -10.43
N GLY A 483 -2.70 -14.35 -9.47
CA GLY A 483 -2.21 -15.38 -8.60
C GLY A 483 -1.77 -14.87 -7.23
N ALA A 484 -1.87 -13.56 -6.98
CA ALA A 484 -1.39 -12.99 -5.73
C ALA A 484 -2.43 -12.92 -4.65
N ILE A 485 -1.99 -13.12 -3.40
CA ILE A 485 -2.90 -12.95 -2.30
C ILE A 485 -2.47 -11.80 -1.43
N GLU A 486 -3.42 -10.97 -1.04
CA GLU A 486 -3.13 -9.76 -0.28
C GLU A 486 -3.85 -9.80 1.09
N ILE A 487 -3.11 -9.61 2.17
CA ILE A 487 -3.73 -9.62 3.48
C ILE A 487 -3.62 -8.24 4.14
N ARG A 488 -4.75 -7.69 4.58
CA ARG A 488 -4.79 -6.32 5.06
C ARG A 488 -5.46 -6.23 6.40
N PHE A 489 -5.07 -5.22 7.15
CA PHE A 489 -5.60 -5.00 8.44
C PHE A 489 -5.58 -3.50 8.64
N TYR A 490 -6.76 -2.92 8.82
CA TYR A 490 -6.94 -1.49 9.15
C TYR A 490 -7.49 -1.35 10.54
N ALA A 491 -7.06 -0.36 11.31
CA ALA A 491 -7.78 -0.04 12.53
C ALA A 491 -8.49 1.28 12.34
N THR A 492 -9.75 1.30 12.76
CA THR A 492 -10.62 2.48 12.73
C THR A 492 -11.46 2.49 14.04
N GLY A 493 -12.55 3.27 14.11
CA GLY A 493 -13.22 3.44 15.40
C GLY A 493 -12.61 4.50 16.34
N TYR A 494 -12.85 4.38 17.64
CA TYR A 494 -12.43 5.41 18.57
C TYR A 494 -11.08 5.07 19.12
N ILE A 495 -10.25 6.07 19.36
CA ILE A 495 -9.02 5.88 20.09
C ILE A 495 -9.39 5.70 21.56
N SER A 496 -8.48 5.14 22.33
CA SER A 496 -8.61 5.12 23.78
C SER A 496 -8.03 6.44 24.25
N SER A 497 -8.60 7.05 25.29
CA SER A 497 -8.00 8.29 25.76
C SER A 497 -7.82 8.37 27.27
N ALA A 498 -7.02 9.32 27.71
CA ALA A 498 -6.88 9.63 29.13
C ALA A 498 -7.39 11.05 29.41
N PHE A 499 -7.77 11.31 30.66
CA PHE A 499 -8.01 12.68 31.09
C PHE A 499 -6.71 13.45 30.90
N LEU A 500 -6.79 14.54 30.15
CA LEU A 500 -5.63 15.37 29.81
C LEU A 500 -5.07 16.10 31.04
N PHE A 501 -3.85 15.76 31.42
CA PHE A 501 -3.35 16.37 32.61
C PHE A 501 -1.85 16.30 32.82
N GLY A 502 -1.22 17.45 32.99
CA GLY A 502 0.17 17.47 33.37
C GLY A 502 1.04 17.53 32.15
N ALA A 503 2.12 16.74 32.17
CA ALA A 503 3.18 16.80 31.16
C ALA A 503 2.99 15.86 29.96
N THR A 504 1.89 16.09 29.23
CA THR A 504 1.39 15.20 28.18
C THR A 504 2.21 15.11 26.88
N GLY A 505 2.95 16.13 26.52
CA GLY A 505 3.75 16.08 25.31
C GLY A 505 4.57 14.80 25.11
N LYS A 506 5.05 14.20 26.20
CA LYS A 506 5.80 12.96 26.07
C LYS A 506 4.89 11.71 25.84
N TYR A 507 3.58 11.88 25.98
CA TYR A 507 2.67 10.76 25.92
C TYR A 507 1.53 10.89 24.89
N GLY A 508 1.52 11.93 24.07
CA GLY A 508 0.47 12.01 23.09
C GLY A 508 0.13 13.44 22.81
N ASN A 509 -0.94 13.64 22.05
CA ASN A 509 -1.43 14.98 21.76
C ASN A 509 -2.77 15.25 22.39
N GLN A 510 -2.98 16.47 22.82
CA GLN A 510 -4.31 16.84 23.23
C GLN A 510 -5.11 16.86 21.96
N VAL A 511 -6.37 16.45 22.06
CA VAL A 511 -7.11 16.01 20.91
C VAL A 511 -8.55 16.52 21.01
N SER A 512 -8.95 16.88 22.23
CA SER A 512 -10.24 17.47 22.56
C SER A 512 -10.12 18.27 23.89
N GLU A 513 -11.20 18.90 24.38
CA GLU A 513 -11.13 19.49 25.71
C GLU A 513 -10.87 18.36 26.72
N HIS A 514 -9.82 18.52 27.51
CA HIS A 514 -9.53 17.55 28.57
C HIS A 514 -9.17 16.15 28.07
N THR A 515 -8.95 16.00 26.77
CA THR A 515 -8.75 14.68 26.18
C THR A 515 -7.37 14.48 25.58
N LEU A 516 -6.59 13.61 26.22
CA LEU A 516 -5.26 13.26 25.70
C LEU A 516 -5.34 11.97 24.91
N GLY A 517 -4.93 12.05 23.64
CA GLY A 517 -4.84 10.89 22.78
C GLY A 517 -3.53 10.19 23.10
N THR A 518 -3.59 9.10 23.84
CA THR A 518 -2.36 8.45 24.30
C THR A 518 -1.61 7.70 23.19
N VAL A 519 -0.30 7.78 23.20
CA VAL A 519 0.50 7.12 22.18
C VAL A 519 0.46 5.59 22.38
N HIS A 520 0.51 4.84 21.29
CA HIS A 520 0.50 3.37 21.37
C HIS A 520 0.99 2.79 20.06
N THR A 521 1.36 1.51 20.09
CA THR A 521 1.72 0.79 18.88
C THR A 521 0.61 -0.23 18.53
N HIS A 522 0.57 -0.68 17.29
CA HIS A 522 -0.41 -1.66 16.86
C HIS A 522 0.40 -2.73 16.18
N SER A 523 0.10 -3.99 16.47
CA SER A 523 0.82 -5.12 15.88
C SER A 523 -0.20 -6.21 15.62
N ALA A 524 -0.02 -6.99 14.56
CA ALA A 524 -0.88 -8.14 14.34
C ALA A 524 0.01 -9.24 13.84
N HIS A 525 -0.28 -10.47 14.20
CA HIS A 525 0.56 -11.58 13.79
C HIS A 525 -0.28 -12.48 12.89
N PHE A 526 0.33 -12.99 11.82
CA PHE A 526 -0.45 -13.76 10.86
C PHE A 526 0.28 -15.06 10.56
N LYS A 527 -0.48 -16.14 10.43
CA LYS A 527 0.13 -17.42 10.12
C LYS A 527 -0.13 -17.72 8.66
N VAL A 528 0.95 -18.01 7.93
CA VAL A 528 0.88 -18.20 6.49
C VAL A 528 1.49 -19.52 6.12
N ASP A 529 0.65 -20.53 6.09
CA ASP A 529 1.07 -21.88 5.78
C ASP A 529 0.99 -22.11 4.28
N LEU A 530 1.95 -21.56 3.57
CA LEU A 530 2.16 -21.85 2.18
C LEU A 530 2.61 -23.29 1.99
N ASP A 531 1.96 -24.01 1.07
CA ASP A 531 2.41 -25.29 0.58
C ASP A 531 2.80 -25.12 -0.90
N VAL A 532 3.93 -24.50 -1.17
CA VAL A 532 4.32 -24.26 -2.54
C VAL A 532 4.62 -25.53 -3.33
N ALA A 533 3.78 -25.75 -4.34
CA ALA A 533 3.77 -26.98 -5.11
C ALA A 533 3.97 -28.23 -4.22
N GLY A 534 3.19 -28.31 -3.13
CA GLY A 534 3.34 -29.44 -2.23
C GLY A 534 3.88 -29.12 -0.84
N LEU A 535 4.05 -30.13 -0.01
CA LEU A 535 4.39 -29.81 1.35
C LEU A 535 5.82 -29.35 1.47
N GLU A 536 6.71 -29.96 0.68
CA GLU A 536 8.15 -29.82 0.96
C GLU A 536 8.66 -28.51 0.37
N ASN A 537 9.03 -27.58 1.23
CA ASN A 537 9.41 -26.24 0.81
C ASN A 537 10.77 -25.84 1.37
N TRP A 538 11.44 -24.93 0.69
CA TRP A 538 12.69 -24.33 1.17
C TRP A 538 12.46 -22.84 1.20
N VAL A 539 13.28 -22.08 1.91
CA VAL A 539 13.21 -20.62 1.75
C VAL A 539 14.47 -20.01 1.15
N TRP A 540 14.25 -19.14 0.17
CA TRP A 540 15.29 -18.42 -0.56
C TRP A 540 15.29 -16.94 -0.21
N ALA A 541 16.48 -16.34 -0.08
CA ALA A 541 16.61 -14.89 0.03
C ALA A 541 17.38 -14.36 -1.17
N GLU A 542 16.69 -13.67 -2.08
CA GLU A 542 17.40 -13.01 -3.17
C GLU A 542 17.48 -11.50 -2.93
N ASP A 543 18.52 -10.88 -3.48
CA ASP A 543 18.73 -9.46 -3.29
C ASP A 543 19.79 -8.98 -4.29
N MET A 544 20.24 -7.73 -4.16
CA MET A 544 21.11 -7.18 -5.18
C MET A 544 22.42 -6.78 -4.57
N VAL A 545 23.41 -6.63 -5.44
CA VAL A 545 24.66 -6.04 -4.99
C VAL A 545 25.33 -5.37 -6.18
N PHE A 546 26.15 -4.36 -5.90
CA PHE A 546 27.02 -3.75 -6.88
C PHE A 546 28.50 -4.16 -6.67
N VAL A 547 29.09 -4.67 -7.74
CA VAL A 547 30.48 -5.08 -7.75
C VAL A 547 31.26 -4.20 -8.71
N PRO A 548 32.20 -3.41 -8.17
CA PRO A 548 32.99 -2.45 -8.95
C PRO A 548 33.96 -3.19 -9.85
N MET A 549 33.95 -2.89 -11.15
CA MET A 549 34.87 -3.54 -12.06
C MET A 549 35.19 -2.74 -13.31
N ALA A 550 36.22 -3.16 -14.04
CA ALA A 550 36.54 -2.48 -15.29
C ALA A 550 35.56 -2.84 -16.41
N VAL A 551 35.18 -1.82 -17.15
CA VAL A 551 34.29 -1.98 -18.28
C VAL A 551 35.00 -2.93 -19.20
N PRO A 552 34.47 -4.14 -19.37
CA PRO A 552 35.08 -5.21 -20.18
C PRO A 552 35.71 -4.74 -21.49
N TRP A 553 35.02 -3.89 -22.24
CA TRP A 553 35.56 -3.35 -23.49
C TRP A 553 36.23 -1.98 -23.40
N SER A 554 36.54 -1.49 -22.20
CA SER A 554 37.22 -0.20 -22.07
C SER A 554 37.83 -0.15 -20.69
N PRO A 555 38.97 -0.81 -20.52
CA PRO A 555 39.46 -1.09 -19.16
C PRO A 555 39.93 0.16 -18.46
N GLU A 556 40.06 1.24 -19.24
CA GLU A 556 40.36 2.54 -18.65
C GLU A 556 39.28 2.97 -17.66
N HIS A 557 38.03 2.60 -17.98
CA HIS A 557 36.89 2.94 -17.14
C HIS A 557 36.38 1.86 -16.20
N GLN A 558 35.60 2.34 -15.24
CA GLN A 558 35.06 1.55 -14.17
C GLN A 558 33.52 1.54 -14.34
N LEU A 559 32.84 0.43 -14.04
CA LEU A 559 31.38 0.48 -13.86
C LEU A 559 30.99 -0.26 -12.60
N GLN A 560 29.88 0.14 -11.99
CA GLN A 560 29.29 -0.60 -10.86
C GLN A 560 28.34 -1.71 -11.34
N ARG A 561 28.83 -2.95 -11.36
CA ARG A 561 28.12 -4.08 -11.97
C ARG A 561 27.01 -4.52 -11.02
N LEU A 562 25.77 -4.40 -11.49
CA LEU A 562 24.62 -4.80 -10.68
C LEU A 562 24.41 -6.30 -10.77
N GLN A 563 24.29 -6.94 -9.62
CA GLN A 563 24.11 -8.38 -9.63
C GLN A 563 23.01 -8.81 -8.71
N VAL A 564 22.46 -9.99 -9.02
CA VAL A 564 21.58 -10.71 -8.12
C VAL A 564 22.35 -11.60 -7.12
N THR A 565 21.77 -11.73 -5.95
CA THR A 565 22.32 -12.39 -4.80
C THR A 565 21.34 -13.47 -4.38
N ARG A 566 21.79 -14.72 -4.25
CA ARG A 566 20.89 -15.82 -3.89
C ARG A 566 21.45 -16.68 -2.76
N LYS A 567 20.73 -16.73 -1.67
CA LYS A 567 21.13 -17.51 -0.51
C LYS A 567 20.01 -18.43 -0.11
N LEU A 568 20.31 -19.70 0.03
CA LEU A 568 19.33 -20.59 0.62
C LEU A 568 19.37 -20.55 2.17
N LEU A 569 18.22 -20.29 2.79
CA LEU A 569 18.15 -20.18 4.23
C LEU A 569 17.79 -21.55 4.81
N GLU A 570 18.69 -22.13 5.59
CA GLU A 570 18.58 -23.54 5.93
C GLU A 570 18.04 -23.92 7.30
N MET A 571 18.19 -23.03 8.26
CA MET A 571 17.71 -23.29 9.61
C MET A 571 16.72 -22.22 10.02
N GLU A 572 15.82 -22.58 10.92
CA GLU A 572 14.81 -21.65 11.35
C GLU A 572 15.40 -20.28 11.71
N GLU A 573 16.48 -20.26 12.48
CA GLU A 573 17.09 -18.97 12.81
C GLU A 573 17.51 -18.14 11.60
N GLN A 574 17.92 -18.79 10.52
CA GLN A 574 18.37 -17.98 9.39
C GLN A 574 17.22 -17.21 8.77
N ALA A 575 16.01 -17.72 8.96
CA ALA A 575 14.81 -17.13 8.38
C ALA A 575 13.98 -16.38 9.39
N ALA A 576 14.53 -16.10 10.56
CA ALA A 576 13.80 -15.28 11.53
C ALA A 576 14.40 -13.87 11.47
N PHE A 577 13.56 -12.85 11.46
CA PHE A 577 14.07 -11.53 11.16
C PHE A 577 13.50 -10.57 12.11
N LEU A 578 14.33 -10.05 13.00
CA LEU A 578 13.83 -9.09 13.97
C LEU A 578 13.36 -7.79 13.34
N VAL A 579 12.44 -7.14 14.03
CA VAL A 579 12.02 -5.80 13.69
C VAL A 579 13.25 -4.87 13.76
N GLY A 580 13.40 -4.02 12.76
CA GLY A 580 14.51 -3.08 12.71
C GLY A 580 15.84 -3.61 12.16
N SER A 581 15.91 -4.90 11.93
CA SER A 581 17.02 -5.44 11.16
C SER A 581 16.60 -5.43 9.69
N ALA A 582 17.55 -5.65 8.79
CA ALA A 582 17.17 -5.56 7.40
C ALA A 582 16.84 -6.93 6.87
N THR A 583 16.04 -6.92 5.82
CA THR A 583 15.41 -8.09 5.34
C THR A 583 15.69 -8.21 3.87
N PRO A 584 15.95 -9.43 3.40
CA PRO A 584 16.13 -9.69 1.98
C PRO A 584 15.00 -9.02 1.19
N ARG A 585 15.34 -8.24 0.18
CA ARG A 585 14.34 -7.64 -0.67
C ARG A 585 13.45 -8.68 -1.35
N TYR A 586 13.97 -9.89 -1.62
CA TYR A 586 13.15 -10.97 -2.17
C TYR A 586 13.25 -12.15 -1.26
N LEU A 587 12.20 -12.38 -0.50
CA LEU A 587 12.13 -13.53 0.35
C LEU A 587 11.01 -14.46 -0.09
N TYR A 588 11.33 -15.70 -0.45
CA TYR A 588 10.25 -16.57 -0.87
C TYR A 588 10.36 -18.01 -0.41
N LEU A 589 9.23 -18.70 -0.32
CA LEU A 589 9.27 -20.13 -0.06
C LEU A 589 9.12 -20.80 -1.40
N ALA A 590 9.80 -21.93 -1.59
CA ALA A 590 9.86 -22.58 -2.88
C ALA A 590 9.91 -24.06 -2.78
N SER A 591 9.43 -24.70 -3.86
CA SER A 591 9.63 -26.11 -4.09
C SER A 591 11.02 -26.39 -4.67
N ASN A 592 11.47 -27.61 -4.77
CA ASN A 592 12.66 -27.88 -5.53
C ASN A 592 12.28 -28.23 -6.92
N HIS A 593 10.90 -28.46 -7.04
CA HIS A 593 10.38 -28.47 -8.39
C HIS A 593 10.58 -27.13 -9.12
N SER A 594 10.85 -27.21 -10.41
CA SER A 594 11.13 -26.02 -11.23
C SER A 594 9.99 -25.72 -12.16
N ASN A 595 9.86 -24.45 -12.51
CA ASN A 595 8.95 -24.09 -13.57
C ASN A 595 9.62 -24.41 -14.88
N LYS A 596 8.91 -24.16 -15.96
CA LYS A 596 9.36 -24.49 -17.29
C LYS A 596 10.76 -23.98 -17.62
N TRP A 597 11.24 -22.95 -16.90
CA TRP A 597 12.48 -22.27 -17.27
C TRP A 597 13.59 -22.58 -16.30
N GLY A 598 13.32 -23.48 -15.37
CA GLY A 598 14.38 -24.01 -14.56
C GLY A 598 14.53 -23.35 -13.23
N HIS A 599 13.62 -22.44 -12.93
CA HIS A 599 13.71 -21.75 -11.65
C HIS A 599 12.77 -22.40 -10.66
N PRO A 600 13.16 -22.46 -9.40
CA PRO A 600 12.30 -23.06 -8.37
C PRO A 600 10.98 -22.32 -8.27
N ARG A 601 9.88 -23.08 -8.20
CA ARG A 601 8.54 -22.50 -8.12
C ARG A 601 8.35 -21.83 -6.76
N GLY A 602 8.04 -20.54 -6.78
CA GLY A 602 8.10 -19.77 -5.56
C GLY A 602 6.90 -18.91 -5.28
N TYR A 603 6.63 -18.74 -3.99
CA TYR A 603 5.77 -17.66 -3.55
C TYR A 603 6.58 -16.78 -2.64
N ARG A 604 6.59 -15.49 -2.95
CA ARG A 604 7.33 -14.57 -2.14
C ARG A 604 6.45 -13.77 -1.19
N ILE A 605 7.04 -13.39 -0.04
CA ILE A 605 6.31 -12.65 1.00
C ILE A 605 6.82 -11.25 1.02
N GLN A 606 5.94 -10.32 0.74
CA GLN A 606 6.28 -8.91 0.67
C GLN A 606 5.47 -8.25 1.77
N MET A 607 6.18 -7.71 2.76
CA MET A 607 5.54 -7.12 3.93
C MET A 607 5.22 -5.63 3.78
N LEU A 608 4.03 -5.23 4.19
CA LEU A 608 3.70 -3.82 4.27
C LEU A 608 3.43 -3.50 5.73
N SER A 609 4.48 -3.11 6.42
CA SER A 609 4.37 -2.76 7.82
C SER A 609 5.20 -1.48 8.06
N PHE A 610 4.81 -0.69 9.05
CA PHE A 610 5.64 0.42 9.54
C PHE A 610 5.92 0.22 11.05
N ALA A 611 6.49 -0.93 11.41
CA ALA A 611 6.40 -1.38 12.81
C ALA A 611 6.97 -0.38 13.79
N GLY A 612 6.34 -0.26 14.96
CA GLY A 612 6.94 0.44 16.08
C GLY A 612 8.07 -0.38 16.70
N GLU A 613 8.89 0.24 17.53
CA GLU A 613 9.78 -0.54 18.40
C GLU A 613 8.90 -1.53 19.16
N PRO A 614 9.26 -2.81 19.16
CA PRO A 614 8.57 -3.77 20.05
C PRO A 614 8.81 -3.47 21.54
N LEU A 615 7.90 -3.88 22.41
CA LEU A 615 8.15 -3.80 23.85
C LEU A 615 9.50 -4.41 24.07
N PRO A 616 10.35 -3.73 24.83
CA PRO A 616 11.69 -4.21 25.15
C PRO A 616 11.64 -5.58 25.82
N GLN A 617 12.58 -6.43 25.47
CA GLN A 617 12.71 -7.75 26.05
C GLN A 617 12.92 -7.80 27.57
N ASN A 618 13.51 -6.76 28.15
CA ASN A 618 13.73 -6.73 29.60
C ASN A 618 12.43 -6.75 30.40
N SER A 619 11.31 -6.52 29.72
CA SER A 619 10.00 -6.55 30.36
C SER A 619 9.60 -7.97 30.70
N SER A 620 9.25 -8.19 31.96
CA SER A 620 8.85 -9.52 32.46
C SER A 620 7.65 -10.10 31.67
N MET A 621 6.91 -9.24 30.96
CA MET A 621 5.70 -9.67 30.29
C MET A 621 5.87 -9.86 28.76
N ALA A 622 7.04 -9.56 28.25
CA ALA A 622 7.22 -9.57 26.79
C ALA A 622 7.12 -10.98 26.16
N ARG A 623 7.35 -12.01 26.98
CA ARG A 623 7.29 -13.38 26.50
C ARG A 623 5.85 -13.76 26.10
N GLY A 624 4.89 -12.95 26.51
CA GLY A 624 3.49 -13.20 26.19
C GLY A 624 3.11 -12.80 24.77
N PHE A 625 3.97 -12.03 24.11
CA PHE A 625 3.75 -11.71 22.71
C PHE A 625 5.06 -11.68 21.96
N SER A 626 5.88 -12.72 22.15
CA SER A 626 7.21 -12.80 21.53
C SER A 626 7.23 -12.47 20.03
N TRP A 627 6.13 -12.72 19.35
CA TRP A 627 6.07 -12.55 17.90
C TRP A 627 6.24 -11.09 17.51
N GLU A 628 5.97 -10.20 18.45
CA GLU A 628 6.06 -8.79 18.20
C GLU A 628 7.45 -8.36 17.78
N ARG A 629 8.46 -9.08 18.26
CA ARG A 629 9.83 -8.70 17.95
C ARG A 629 10.33 -9.20 16.59
N TYR A 630 9.67 -10.20 16.03
CA TYR A 630 9.95 -10.64 14.64
C TYR A 630 9.10 -9.93 13.57
N GLN A 631 9.72 -9.48 12.49
CA GLN A 631 8.96 -9.06 11.31
C GLN A 631 8.36 -10.28 10.65
N LEU A 632 9.23 -11.26 10.43
CA LEU A 632 8.96 -12.46 9.65
C LEU A 632 9.79 -13.62 10.23
N ALA A 633 9.18 -14.78 10.36
CA ALA A 633 9.92 -15.96 10.77
C ALA A 633 9.39 -17.14 9.98
N VAL A 634 10.24 -18.10 9.69
CA VAL A 634 9.75 -19.32 9.06
C VAL A 634 10.15 -20.56 9.84
N THR A 635 9.18 -21.45 9.98
CA THR A 635 9.21 -22.45 10.99
C THR A 635 8.71 -23.78 10.39
N GLN A 636 9.06 -24.92 10.98
CA GLN A 636 8.50 -26.18 10.50
C GLN A 636 7.04 -26.26 10.95
N ARG A 637 6.06 -26.42 10.04
CA ARG A 637 4.65 -26.60 10.48
C ARG A 637 4.63 -27.76 11.42
N LYS A 638 3.81 -27.66 12.46
CA LYS A 638 3.68 -28.72 13.47
C LYS A 638 2.29 -28.81 14.11
N GLU A 639 1.72 -29.99 14.22
CA GLU A 639 0.37 -30.06 14.77
C GLU A 639 0.31 -29.50 16.20
N GLU A 640 1.42 -29.65 16.94
CA GLU A 640 1.51 -29.13 18.30
C GLU A 640 1.86 -27.63 18.42
N GLU A 641 1.94 -26.94 17.29
CA GLU A 641 2.30 -25.51 17.24
C GLU A 641 1.26 -24.84 16.36
N PRO A 642 0.01 -24.93 16.75
CA PRO A 642 -1.03 -24.52 15.81
C PRO A 642 -1.27 -23.03 15.82
N SER A 643 -0.87 -22.40 16.91
CA SER A 643 -1.02 -20.96 17.11
C SER A 643 0.15 -20.29 17.85
N SER A 644 0.38 -19.02 17.53
CA SER A 644 1.51 -18.25 18.05
C SER A 644 1.10 -17.48 19.27
N SER A 645 -0.19 -17.58 19.61
CA SER A 645 -0.74 -16.91 20.81
C SER A 645 -1.81 -17.80 21.48
N SER A 646 -2.53 -17.25 22.45
CA SER A 646 -3.54 -17.99 23.18
C SER A 646 -4.48 -17.01 23.82
N VAL A 647 -5.72 -17.44 23.99
CA VAL A 647 -6.76 -16.67 24.63
C VAL A 647 -6.30 -16.43 26.08
N PHE A 648 -5.39 -17.28 26.56
CA PHE A 648 -4.88 -17.23 27.93
C PHE A 648 -3.62 -16.41 28.16
N ASN A 649 -2.99 -15.92 27.11
CA ASN A 649 -1.80 -15.10 27.30
C ASN A 649 -2.14 -13.75 27.93
N GLN A 650 -3.31 -13.22 27.59
CA GLN A 650 -3.68 -11.90 28.03
C GLN A 650 -3.65 -11.69 29.55
N ASN A 651 -4.21 -12.62 30.32
CA ASN A 651 -4.35 -12.39 31.77
C ASN A 651 -3.21 -12.99 32.57
N ASP A 652 -2.21 -13.52 31.87
CA ASP A 652 -0.94 -13.87 32.49
C ASP A 652 0.16 -13.91 31.44
N PRO A 653 0.57 -12.73 30.96
CA PRO A 653 1.65 -12.69 29.96
C PRO A 653 3.00 -13.03 30.57
N TRP A 654 3.05 -13.16 31.89
CA TRP A 654 4.34 -13.40 32.56
C TRP A 654 4.65 -14.87 32.62
N ALA A 655 3.58 -15.66 32.51
CA ALA A 655 3.65 -17.11 32.37
C ALA A 655 2.85 -17.46 31.12
N PRO A 656 3.44 -17.25 29.94
CA PRO A 656 2.62 -17.38 28.74
C PRO A 656 2.21 -18.83 28.48
N THR A 657 0.96 -19.00 28.08
CA THR A 657 0.45 -20.27 27.65
C THR A 657 1.11 -20.73 26.32
N VAL A 658 1.38 -19.78 25.44
CA VAL A 658 2.14 -20.08 24.23
C VAL A 658 3.26 -19.05 24.21
N ASP A 659 4.48 -19.45 23.87
CA ASP A 659 5.55 -18.47 23.71
C ASP A 659 6.12 -18.58 22.30
N PHE A 660 5.71 -17.67 21.42
CA PHE A 660 5.97 -17.86 20.00
C PHE A 660 7.43 -18.16 19.73
N SER A 661 8.32 -17.64 20.59
CA SER A 661 9.75 -17.76 20.33
C SER A 661 10.20 -19.19 20.41
N ASP A 662 9.39 -20.03 21.05
CA ASP A 662 9.74 -21.43 21.13
C ASP A 662 9.74 -22.13 19.78
N PHE A 663 8.94 -21.63 18.84
CA PHE A 663 8.81 -22.32 17.57
C PHE A 663 10.12 -22.23 16.83
N ILE A 664 10.90 -21.20 17.15
CA ILE A 664 12.22 -21.01 16.54
C ILE A 664 13.33 -21.66 17.39
N ASN A 665 13.78 -22.83 16.95
CA ASN A 665 14.66 -23.67 17.77
C ASN A 665 15.61 -24.58 17.03
N ASN A 666 16.41 -24.05 16.12
CA ASN A 666 17.48 -24.83 15.49
C ASN A 666 16.99 -26.08 14.78
N GLU A 667 15.93 -25.96 13.99
CA GLU A 667 15.51 -27.07 13.14
C GLU A 667 15.69 -26.68 11.68
N THR A 668 15.99 -27.66 10.83
CA THR A 668 16.07 -27.40 9.41
C THR A 668 14.75 -26.90 8.84
N ILE A 669 14.86 -26.03 7.85
CA ILE A 669 13.71 -25.64 7.08
C ILE A 669 13.98 -25.94 5.63
N ALA A 670 14.95 -26.82 5.38
CA ALA A 670 15.20 -27.25 3.99
C ALA A 670 14.39 -28.47 3.66
N GLY A 671 13.39 -28.29 2.81
CA GLY A 671 12.59 -29.40 2.31
C GLY A 671 11.62 -29.98 3.32
N LYS A 672 10.95 -29.11 4.06
CA LYS A 672 9.99 -29.57 5.06
C LYS A 672 8.67 -28.85 4.81
N ASP A 673 7.62 -29.25 5.53
CA ASP A 673 6.40 -28.45 5.58
C ASP A 673 6.70 -27.20 6.40
N LEU A 674 6.86 -26.08 5.72
CA LEU A 674 7.22 -24.84 6.37
C LEU A 674 5.95 -24.05 6.61
N VAL A 675 5.98 -23.16 7.60
CA VAL A 675 4.94 -22.19 7.77
C VAL A 675 5.61 -20.87 8.13
N ALA A 676 5.10 -19.80 7.52
CA ALA A 676 5.67 -18.47 7.70
C ALA A 676 4.82 -17.71 8.70
N TRP A 677 5.44 -16.80 9.44
CA TRP A 677 4.69 -15.98 10.38
C TRP A 677 5.10 -14.53 10.16
N VAL A 678 4.10 -13.71 9.85
CA VAL A 678 4.36 -12.34 9.48
C VAL A 678 3.79 -11.44 10.55
N THR A 679 4.58 -10.45 10.98
CA THR A 679 4.09 -9.42 11.90
C THR A 679 3.98 -8.09 11.18
N ALA A 680 2.88 -7.39 11.40
CA ALA A 680 2.70 -6.08 10.78
C ALA A 680 2.10 -5.11 11.78
N GLY A 681 2.53 -3.86 11.71
CA GLY A 681 2.00 -2.82 12.58
C GLY A 681 2.60 -1.45 12.40
N PHE A 682 2.20 -0.50 13.23
CA PHE A 682 2.74 0.85 13.17
C PHE A 682 2.61 1.53 14.53
N LEU A 683 3.32 2.64 14.68
CA LEU A 683 3.11 3.57 15.78
C LEU A 683 1.95 4.54 15.53
N HIS A 684 1.19 4.75 16.59
CA HIS A 684 0.12 5.71 16.58
C HIS A 684 0.25 6.78 17.67
N ILE A 685 0.54 8.00 17.24
CA ILE A 685 0.47 9.19 18.07
C ILE A 685 -0.82 9.86 17.66
N PRO A 686 -1.88 9.75 18.46
CA PRO A 686 -3.20 10.24 18.04
C PRO A 686 -3.22 11.74 17.80
N HIS A 687 -4.21 12.25 17.09
CA HIS A 687 -4.21 13.65 16.73
C HIS A 687 -5.60 14.14 16.33
N ALA A 688 -5.74 15.43 16.14
CA ALA A 688 -7.07 15.98 15.92
C ALA A 688 -7.91 15.17 14.90
N GLU A 689 -7.27 14.67 13.86
CA GLU A 689 -8.01 14.02 12.78
C GLU A 689 -8.46 12.61 13.16
N ASP A 690 -8.06 12.14 14.34
CA ASP A 690 -8.55 10.87 14.85
C ASP A 690 -9.86 11.06 15.63
N ILE A 691 -10.48 12.22 15.50
CA ILE A 691 -11.68 12.53 16.25
C ILE A 691 -12.78 12.93 15.26
N PRO A 692 -13.94 12.28 15.31
CA PRO A 692 -14.45 11.19 16.17
C PRO A 692 -13.69 9.85 16.05
N ASN A 693 -13.33 9.46 14.83
CA ASN A 693 -12.66 8.16 14.67
C ASN A 693 -11.36 8.28 13.92
N THR A 694 -10.47 7.34 14.16
CA THR A 694 -9.37 7.05 13.27
C THR A 694 -9.87 6.63 11.89
N VAL A 695 -9.27 7.22 10.89
CA VAL A 695 -9.65 7.00 9.54
C VAL A 695 -8.72 5.90 8.98
N THR A 696 -9.10 5.23 7.89
CA THR A 696 -8.34 4.05 7.44
C THR A 696 -7.26 4.35 6.44
N VAL A 697 -7.25 5.58 5.93
CA VAL A 697 -6.26 5.99 4.94
C VAL A 697 -4.85 5.86 5.47
N GLY A 698 -4.00 5.18 4.71
CA GLY A 698 -2.61 5.01 5.08
C GLY A 698 -2.37 4.03 6.22
N ASN A 699 -3.46 3.55 6.84
CA ASN A 699 -3.37 2.68 8.02
C ASN A 699 -3.31 1.18 7.74
N GLY A 700 -3.43 0.83 6.45
CA GLY A 700 -3.42 -0.55 6.01
C GLY A 700 -2.04 -1.15 6.12
N VAL A 701 -2.03 -2.37 6.62
CA VAL A 701 -0.81 -2.98 7.04
C VAL A 701 -1.10 -4.45 6.78
N GLY A 702 -0.06 -5.24 6.51
CA GLY A 702 -0.29 -6.58 6.03
C GLY A 702 0.84 -7.14 5.20
N PHE A 703 0.52 -7.83 4.11
CA PHE A 703 1.57 -8.41 3.28
C PHE A 703 0.93 -8.96 2.04
N PHE A 704 1.72 -9.14 0.98
CA PHE A 704 1.26 -9.82 -0.22
C PHE A 704 1.98 -11.16 -0.29
N LEU A 705 1.35 -12.16 -0.89
CA LEU A 705 2.01 -13.36 -1.36
C LEU A 705 1.96 -13.26 -2.87
N ARG A 706 3.15 -13.15 -3.48
CA ARG A 706 3.29 -12.88 -4.91
C ARG A 706 3.95 -14.10 -5.52
N PRO A 707 3.43 -14.56 -6.67
CA PRO A 707 4.04 -15.68 -7.37
C PRO A 707 5.40 -15.30 -7.90
N TYR A 708 6.36 -16.22 -7.80
CA TYR A 708 7.73 -15.93 -8.25
C TYR A 708 8.29 -17.20 -8.94
N ASN A 709 8.05 -17.28 -10.25
CA ASN A 709 8.46 -18.42 -11.04
C ASN A 709 7.69 -19.65 -10.59
N PHE A 710 6.52 -19.41 -10.00
CA PHE A 710 5.58 -20.47 -9.72
C PHE A 710 4.97 -20.89 -11.02
N PHE A 711 4.53 -19.92 -11.81
CA PHE A 711 3.99 -20.25 -13.08
C PHE A 711 5.03 -20.18 -14.19
N ASP A 712 4.59 -20.50 -15.40
CA ASP A 712 5.46 -20.55 -16.53
C ASP A 712 5.36 -19.21 -17.21
N GLU A 713 4.27 -18.52 -16.87
CA GLU A 713 3.96 -17.17 -17.39
C GLU A 713 2.79 -16.58 -16.59
N ASP A 714 2.56 -15.27 -16.67
CA ASP A 714 1.49 -14.65 -15.90
C ASP A 714 0.13 -15.26 -16.24
N PRO A 715 -0.51 -15.86 -15.24
CA PRO A 715 -1.79 -16.50 -15.51
C PRO A 715 -2.79 -15.52 -16.15
N SER A 716 -2.63 -14.22 -15.93
CA SER A 716 -3.67 -13.29 -16.38
C SER A 716 -3.65 -13.12 -17.89
N PHE A 717 -2.63 -13.65 -18.55
CA PHE A 717 -2.59 -13.64 -20.00
C PHE A 717 -3.85 -14.34 -20.54
N TYR A 718 -4.34 -15.34 -19.79
CA TYR A 718 -5.48 -16.17 -20.22
C TYR A 718 -6.82 -15.67 -19.68
N SER A 719 -6.81 -14.49 -19.06
CA SER A 719 -8.02 -13.88 -18.55
C SER A 719 -9.11 -13.74 -19.58
N ALA A 720 -10.33 -13.94 -19.13
CA ALA A 720 -11.51 -13.70 -19.95
C ALA A 720 -11.89 -12.21 -20.09
N ASP A 721 -11.20 -11.36 -19.34
CA ASP A 721 -11.58 -9.96 -19.26
C ASP A 721 -10.54 -9.11 -19.93
N SER A 722 -9.44 -9.67 -20.43
CA SER A 722 -8.47 -8.78 -21.06
C SER A 722 -8.98 -8.18 -22.37
N ILE A 723 -8.35 -7.07 -22.75
CA ILE A 723 -8.72 -6.30 -23.92
C ILE A 723 -7.52 -6.18 -24.84
N TYR A 724 -7.73 -6.39 -26.14
CA TYR A 724 -6.65 -6.22 -27.09
C TYR A 724 -7.16 -5.83 -28.44
N PHE A 725 -6.45 -4.92 -29.09
CA PHE A 725 -6.76 -4.55 -30.48
C PHE A 725 -5.54 -3.94 -31.17
N ARG A 726 -5.41 -4.17 -32.47
CA ARG A 726 -4.30 -3.62 -33.24
C ARG A 726 -4.70 -2.24 -33.72
N GLY A 727 -3.71 -1.45 -34.14
CA GLY A 727 -3.99 -0.16 -34.74
C GLY A 727 -4.96 -0.27 -35.91
N ASP A 728 -4.73 -1.28 -36.77
CA ASP A 728 -5.59 -1.52 -37.93
C ASP A 728 -6.97 -2.16 -37.69
N GLN A 729 -7.45 -2.18 -36.44
CA GLN A 729 -8.82 -2.63 -36.21
C GLN A 729 -9.65 -1.51 -35.65
N ASP A 730 -10.94 -1.75 -35.59
CA ASP A 730 -11.86 -0.76 -35.10
C ASP A 730 -11.98 -1.01 -33.62
N ALA A 731 -11.33 -0.21 -32.77
CA ALA A 731 -11.46 -0.49 -31.33
C ALA A 731 -12.86 -0.20 -30.82
N GLY A 732 -13.68 0.37 -31.71
CA GLY A 732 -15.03 0.76 -31.36
C GLY A 732 -16.04 -0.31 -31.72
N ALA A 733 -15.56 -1.38 -32.35
CA ALA A 733 -16.39 -2.52 -32.76
C ALA A 733 -16.44 -3.63 -31.72
N CYS A 734 -17.66 -4.02 -31.41
CA CYS A 734 -17.93 -5.06 -30.45
C CYS A 734 -17.18 -6.37 -30.72
N GLU A 735 -17.08 -6.78 -31.99
CA GLU A 735 -16.35 -8.02 -32.27
C GLU A 735 -14.82 -7.95 -31.94
N VAL A 736 -14.28 -6.74 -31.84
CA VAL A 736 -12.86 -6.59 -31.52
C VAL A 736 -12.68 -6.38 -30.02
N ASN A 737 -13.65 -5.70 -29.43
CA ASN A 737 -13.48 -5.17 -28.09
C ASN A 737 -14.79 -5.19 -27.30
N PRO A 738 -14.91 -6.11 -26.34
CA PRO A 738 -16.07 -6.27 -25.46
C PRO A 738 -16.51 -4.96 -24.84
N LEU A 739 -15.57 -4.04 -24.65
CA LEU A 739 -15.86 -2.77 -24.01
C LEU A 739 -16.83 -2.02 -24.89
N ALA A 740 -16.71 -2.19 -26.20
CA ALA A 740 -17.62 -1.52 -27.12
C ALA A 740 -19.08 -1.94 -26.89
N CYS A 741 -19.31 -3.19 -26.50
CA CYS A 741 -20.68 -3.66 -26.21
C CYS A 741 -21.28 -3.06 -24.95
N LEU A 742 -20.46 -2.73 -23.96
CA LEU A 742 -20.95 -2.23 -22.66
C LEU A 742 -22.19 -1.29 -22.73
N PRO A 743 -22.14 -0.21 -23.52
CA PRO A 743 -23.35 0.58 -23.76
C PRO A 743 -24.33 -0.12 -24.72
N GLN A 744 -25.35 -0.75 -24.12
CA GLN A 744 -26.26 -1.70 -24.78
C GLN A 744 -26.05 -3.12 -24.24
N ALA A 745 -26.58 -3.39 -23.04
CA ALA A 745 -26.27 -4.59 -22.24
C ALA A 745 -25.43 -4.23 -20.99
N ALA A 746 -25.88 -3.16 -20.33
CA ALA A 746 -25.32 -2.62 -19.09
C ALA A 746 -25.99 -1.25 -18.81
N ALA A 747 -26.99 -0.90 -19.66
CA ALA A 747 -28.06 0.05 -19.34
C ALA A 747 -29.19 -0.67 -18.53
N CYS A 748 -28.74 -1.67 -17.78
CA CYS A 748 -29.52 -2.63 -17.00
C CYS A 748 -28.91 -2.81 -15.58
N ALA A 749 -29.04 -1.81 -14.71
CA ALA A 749 -28.59 -1.95 -13.33
C ALA A 749 -29.67 -2.63 -12.53
N PRO A 750 -29.28 -3.58 -11.68
CA PRO A 750 -30.24 -4.36 -10.89
C PRO A 750 -31.05 -3.51 -9.89
N ASP A 751 -32.25 -3.95 -9.55
CA ASP A 751 -32.95 -3.39 -8.39
C ASP A 751 -32.12 -3.72 -7.16
N LEU A 752 -32.03 -2.77 -6.23
CA LEU A 752 -31.20 -3.04 -5.06
C LEU A 752 -32.03 -3.77 -4.06
N PRO A 753 -31.40 -4.67 -3.32
CA PRO A 753 -32.23 -5.23 -2.25
C PRO A 753 -32.48 -4.12 -1.22
N ALA A 754 -33.54 -4.25 -0.45
CA ALA A 754 -33.82 -3.27 0.56
C ALA A 754 -32.79 -3.33 1.68
N PHE A 755 -32.52 -2.18 2.28
CA PHE A 755 -31.54 -2.15 3.36
C PHE A 755 -32.05 -2.89 4.60
N SER A 756 -31.13 -3.58 5.28
CA SER A 756 -31.43 -4.27 6.52
C SER A 756 -30.17 -4.18 7.34
N HIS A 757 -30.27 -4.19 8.65
CA HIS A 757 -29.06 -4.16 9.44
C HIS A 757 -29.03 -5.29 10.47
N GLY A 758 -27.86 -5.82 10.72
CA GLY A 758 -27.75 -7.02 11.54
C GLY A 758 -28.02 -6.87 13.02
N GLY A 759 -28.29 -5.66 13.44
CA GLY A 759 -28.73 -5.42 14.78
C GLY A 759 -27.64 -5.24 15.78
N PHE A 760 -28.03 -4.95 17.00
CA PHE A 760 -27.11 -4.76 18.06
C PHE A 760 -27.31 -5.82 19.08
N SER A 761 -26.47 -5.87 20.09
CA SER A 761 -26.58 -6.97 20.98
C SER A 761 -26.48 -6.61 22.42
N HIS A 762 -27.36 -7.22 23.19
CA HIS A 762 -27.40 -7.09 24.62
C HIS A 762 -27.33 -8.44 25.23
N SER B 57 -9.64 26.62 -16.01
CA SER B 57 -8.21 26.59 -15.79
C SER B 57 -7.58 27.97 -15.81
N GLN B 58 -6.29 28.05 -16.05
CA GLN B 58 -5.70 29.35 -16.12
C GLN B 58 -4.23 29.42 -15.89
N LEU B 59 -3.85 29.65 -14.65
CA LEU B 59 -2.52 30.08 -14.36
C LEU B 59 -1.52 29.00 -14.60
N PHE B 60 -1.92 27.78 -14.33
CA PHE B 60 -1.00 26.67 -14.47
C PHE B 60 -1.37 25.74 -15.60
N ALA B 61 -2.20 26.20 -16.51
CA ALA B 61 -2.69 25.31 -17.56
C ALA B 61 -1.61 25.11 -18.60
N ASP B 62 -1.37 23.88 -19.01
CA ASP B 62 -0.40 23.67 -20.10
C ASP B 62 -0.83 24.52 -21.30
N LEU B 63 0.10 24.81 -22.20
CA LEU B 63 -0.19 25.68 -23.33
C LEU B 63 -1.21 25.03 -24.23
N SER B 64 -2.14 25.82 -24.76
CA SER B 64 -3.13 25.37 -25.73
C SER B 64 -2.51 25.19 -27.09
N ARG B 65 -3.19 24.49 -27.99
CA ARG B 65 -2.66 24.34 -29.33
C ARG B 65 -2.50 25.75 -29.90
N GLU B 66 -3.51 26.60 -29.66
CA GLU B 66 -3.49 27.99 -30.10
C GLU B 66 -2.21 28.71 -29.65
N GLU B 67 -1.98 28.74 -28.34
CA GLU B 67 -0.77 29.32 -27.76
C GLU B 67 0.49 28.68 -28.32
N LEU B 68 0.51 27.36 -28.47
CA LEU B 68 1.71 26.70 -29.01
C LEU B 68 2.02 27.20 -30.40
N THR B 69 0.98 27.31 -31.23
CA THR B 69 1.13 27.73 -32.62
C THR B 69 1.71 29.14 -32.67
N ALA B 70 1.12 30.04 -31.90
CA ALA B 70 1.61 31.41 -31.70
C ALA B 70 3.08 31.51 -31.30
N VAL B 71 3.52 30.69 -30.33
CA VAL B 71 4.91 30.73 -29.93
C VAL B 71 5.78 30.23 -31.06
N MET B 72 5.28 29.29 -31.84
CA MET B 72 6.11 28.77 -32.93
C MET B 72 6.20 29.77 -34.08
N ARG B 73 5.09 30.40 -34.42
CA ARG B 73 5.11 31.48 -35.41
C ARG B 73 6.17 32.52 -35.01
N PHE B 74 6.09 32.99 -33.77
CA PHE B 74 7.05 33.95 -33.25
C PHE B 74 8.48 33.46 -33.32
N LEU B 75 8.68 32.16 -33.17
CA LEU B 75 10.04 31.65 -33.23
C LEU B 75 10.54 31.52 -34.67
N THR B 76 9.63 31.33 -35.61
CA THR B 76 10.02 31.14 -37.00
C THR B 76 10.42 32.46 -37.59
N GLN B 77 9.81 33.53 -37.07
CA GLN B 77 10.22 34.87 -37.43
C GLN B 77 11.58 35.26 -36.81
N ARG B 78 11.69 35.29 -35.48
CA ARG B 78 12.92 35.77 -34.82
C ARG B 78 14.15 34.88 -34.95
N LEU B 79 14.03 33.74 -35.62
CA LEU B 79 15.21 32.89 -35.88
C LEU B 79 15.43 32.72 -37.39
N GLY B 80 16.68 32.48 -37.77
CA GLY B 80 17.14 32.79 -39.12
C GLY B 80 16.70 31.84 -40.20
N PRO B 81 15.53 32.12 -40.84
CA PRO B 81 14.94 31.16 -41.80
C PRO B 81 16.06 30.30 -42.39
N GLY B 82 15.92 28.99 -42.31
CA GLY B 82 17.06 28.09 -42.42
C GLY B 82 16.97 27.26 -41.16
N LEU B 83 15.97 27.62 -40.37
CA LEU B 83 15.47 26.82 -39.27
C LEU B 83 14.75 25.60 -39.86
N VAL B 84 15.17 24.41 -39.44
CA VAL B 84 14.56 23.18 -39.93
C VAL B 84 13.50 22.62 -38.97
N ASP B 85 12.53 21.93 -39.57
CA ASP B 85 11.53 21.20 -38.81
C ASP B 85 12.26 20.08 -38.08
N ALA B 86 12.13 20.08 -36.76
CA ALA B 86 12.90 19.18 -35.89
C ALA B 86 12.65 17.72 -36.26
N ALA B 87 11.51 17.46 -36.89
CA ALA B 87 11.19 16.11 -37.28
C ALA B 87 12.04 15.56 -38.41
N GLN B 88 12.89 16.41 -38.99
CA GLN B 88 13.79 16.02 -40.09
C GLN B 88 15.22 16.49 -39.87
N ALA B 89 15.42 17.24 -38.80
CA ALA B 89 16.70 17.87 -38.52
C ALA B 89 17.86 16.89 -38.52
N ARG B 90 18.95 17.26 -39.19
CA ARG B 90 20.21 16.55 -38.99
C ARG B 90 20.93 17.25 -37.84
N PRO B 91 22.03 16.64 -37.32
CA PRO B 91 22.67 17.20 -36.13
C PRO B 91 23.14 18.64 -36.31
N SER B 92 23.49 19.00 -37.54
CA SER B 92 24.09 20.29 -37.84
C SER B 92 23.07 21.36 -38.29
N ASP B 93 21.77 21.10 -38.09
CA ASP B 93 20.75 22.10 -38.39
C ASP B 93 20.41 22.90 -37.15
N ASN B 94 19.58 23.91 -37.35
CA ASN B 94 18.90 24.55 -36.25
C ASN B 94 17.43 24.09 -36.26
N CYS B 95 16.78 24.19 -35.11
CA CYS B 95 15.79 23.19 -34.72
C CYS B 95 15.08 23.64 -33.49
N VAL B 96 13.75 23.77 -33.56
CA VAL B 96 12.99 23.85 -32.32
C VAL B 96 12.69 22.42 -31.83
N PHE B 97 13.28 22.07 -30.69
CA PHE B 97 13.12 20.74 -30.14
C PHE B 97 11.84 20.65 -29.30
N SER B 98 11.57 21.66 -28.50
CA SER B 98 10.34 21.66 -27.73
C SER B 98 9.84 23.06 -27.37
N VAL B 99 8.54 23.17 -27.12
CA VAL B 99 7.95 24.41 -26.64
C VAL B 99 6.91 24.02 -25.61
N GLU B 100 6.95 24.62 -24.44
CA GLU B 100 5.97 24.22 -23.43
C GLU B 100 5.75 25.27 -22.35
N LEU B 101 4.74 25.09 -21.51
CA LEU B 101 4.49 26.11 -20.52
C LEU B 101 5.77 26.42 -19.72
N GLN B 102 6.00 27.69 -19.50
CA GLN B 102 7.01 28.09 -18.57
C GLN B 102 6.25 28.53 -17.31
N LEU B 103 6.49 27.79 -16.23
CA LEU B 103 5.75 27.98 -14.99
C LEU B 103 6.06 29.32 -14.32
N PRO B 104 5.01 30.02 -13.93
CA PRO B 104 5.11 31.34 -13.30
C PRO B 104 5.98 31.32 -12.07
N PRO B 105 6.54 32.49 -11.73
CA PRO B 105 7.22 32.65 -10.43
C PRO B 105 6.24 32.53 -9.24
N LYS B 106 6.64 31.88 -8.15
CA LYS B 106 5.68 31.57 -7.08
C LYS B 106 5.09 32.83 -6.44
N ALA B 107 5.94 33.82 -6.20
CA ALA B 107 5.51 35.08 -5.58
C ALA B 107 4.45 35.83 -6.42
N ALA B 108 4.73 36.05 -7.69
CA ALA B 108 3.73 36.62 -8.59
C ALA B 108 2.43 35.83 -8.54
N ALA B 109 2.57 34.51 -8.61
CA ALA B 109 1.44 33.60 -8.74
C ALA B 109 0.53 33.70 -7.54
N LEU B 110 1.10 33.64 -6.35
CA LEU B 110 0.28 33.74 -5.14
C LEU B 110 -0.37 35.12 -5.01
N ALA B 111 0.40 36.16 -5.31
CA ALA B 111 -0.12 37.52 -5.37
C ALA B 111 -1.43 37.56 -6.15
N HIS B 112 -1.45 36.87 -7.28
CA HIS B 112 -2.63 36.81 -8.14
C HIS B 112 -3.79 35.94 -7.64
N LEU B 113 -3.47 34.87 -6.89
CA LEU B 113 -4.52 33.96 -6.42
C LEU B 113 -5.05 34.34 -5.06
N ASP B 114 -4.21 34.97 -4.24
CA ASP B 114 -4.58 35.24 -2.86
C ASP B 114 -4.88 36.72 -2.55
N ARG B 115 -4.31 37.62 -3.34
CA ARG B 115 -4.36 39.04 -3.04
C ARG B 115 -4.69 39.87 -4.27
N GLY B 116 -5.56 39.39 -5.13
CA GLY B 116 -6.06 40.22 -6.22
C GLY B 116 -5.08 40.67 -7.30
N SER B 117 -3.79 40.84 -6.98
CA SER B 117 -2.80 41.28 -7.99
C SER B 117 -2.94 40.59 -9.35
N PRO B 118 -2.62 41.30 -10.43
CA PRO B 118 -2.90 40.63 -11.69
C PRO B 118 -1.95 39.49 -12.08
N PRO B 119 -2.40 38.63 -12.99
CA PRO B 119 -1.61 37.43 -13.29
C PRO B 119 -0.23 37.76 -13.91
N PRO B 120 0.81 37.00 -13.51
CA PRO B 120 2.14 37.16 -14.12
C PRO B 120 2.06 36.85 -15.58
N ALA B 121 2.93 37.42 -16.39
CA ALA B 121 2.84 37.15 -17.82
C ALA B 121 2.80 35.66 -18.06
N ARG B 122 2.00 35.26 -19.03
CA ARG B 122 2.00 33.87 -19.39
C ARG B 122 3.11 33.62 -20.39
N GLU B 123 4.13 32.85 -20.03
CA GLU B 123 5.21 32.60 -20.99
C GLU B 123 5.43 31.13 -21.36
N ALA B 124 6.16 30.90 -22.46
CA ALA B 124 6.55 29.57 -22.91
C ALA B 124 8.04 29.44 -22.71
N LEU B 125 8.54 28.22 -22.60
CA LEU B 125 9.97 27.99 -22.67
C LEU B 125 10.22 27.10 -23.87
N ALA B 126 11.19 27.49 -24.70
CA ALA B 126 11.48 26.77 -25.94
C ALA B 126 12.88 26.26 -25.86
N ILE B 127 13.09 25.02 -26.28
CA ILE B 127 14.42 24.47 -26.23
C ILE B 127 14.86 24.38 -27.65
N VAL B 128 15.95 25.07 -27.97
CA VAL B 128 16.40 25.11 -29.35
C VAL B 128 17.75 24.50 -29.60
N PHE B 129 17.83 23.77 -30.71
CA PHE B 129 19.04 23.10 -31.12
C PHE B 129 19.84 23.92 -32.14
N PHE B 130 20.93 24.54 -31.66
CA PHE B 130 21.72 25.40 -32.50
C PHE B 130 22.94 24.67 -33.03
N GLY B 131 22.75 23.90 -34.09
CA GLY B 131 23.87 23.20 -34.71
C GLY B 131 24.41 23.79 -36.02
N ARG B 132 23.74 24.81 -36.59
CA ARG B 132 24.27 25.53 -37.77
C ARG B 132 25.12 26.66 -37.24
N GLN B 133 26.33 26.29 -36.82
CA GLN B 133 27.30 27.21 -36.29
C GLN B 133 28.61 26.52 -35.86
N PRO B 134 29.71 27.28 -35.92
CA PRO B 134 31.06 26.97 -35.43
C PRO B 134 31.07 26.40 -34.00
N GLN B 135 30.33 26.99 -33.07
CA GLN B 135 30.10 26.35 -31.76
C GLN B 135 28.62 26.08 -31.46
N PRO B 136 28.14 24.88 -31.83
CA PRO B 136 26.74 24.55 -31.61
C PRO B 136 26.46 24.48 -30.12
N ASN B 137 25.27 24.89 -29.71
CA ASN B 137 24.86 24.77 -28.31
C ASN B 137 23.42 24.38 -28.33
N VAL B 138 22.88 24.07 -27.15
CA VAL B 138 21.44 23.97 -26.97
C VAL B 138 21.05 25.17 -26.17
N SER B 139 19.99 25.86 -26.58
CA SER B 139 19.55 27.05 -25.83
C SER B 139 18.12 26.92 -25.31
N GLU B 140 17.93 27.39 -24.09
CA GLU B 140 16.61 27.59 -23.52
C GLU B 140 16.11 29.07 -23.67
N LEU B 141 15.12 29.29 -24.53
CA LEU B 141 14.56 30.64 -24.71
C LEU B 141 13.14 30.81 -24.12
N VAL B 142 12.97 31.76 -23.21
CA VAL B 142 11.64 32.13 -22.79
C VAL B 142 10.97 33.01 -23.85
N VAL B 143 9.72 32.76 -24.15
CA VAL B 143 9.00 33.50 -25.17
C VAL B 143 7.69 33.95 -24.59
N GLY B 144 7.28 35.20 -24.85
CA GLY B 144 6.08 35.75 -24.23
C GLY B 144 5.76 37.17 -24.67
N PRO B 145 4.71 37.78 -24.13
CA PRO B 145 3.71 37.16 -23.25
C PRO B 145 2.68 36.52 -24.14
N LEU B 146 1.86 35.63 -23.59
CA LEU B 146 0.83 35.00 -24.36
C LEU B 146 -0.50 35.62 -23.97
N PRO B 147 -1.43 35.65 -24.90
CA PRO B 147 -1.46 34.89 -26.15
C PRO B 147 -0.72 35.47 -27.31
N HIS B 148 -0.22 36.69 -27.18
CA HIS B 148 0.35 37.36 -28.36
C HIS B 148 1.81 37.78 -28.18
N PRO B 149 2.74 36.83 -28.37
CA PRO B 149 4.13 36.97 -27.95
C PRO B 149 4.83 38.11 -28.64
N SER B 150 5.55 38.92 -27.87
CA SER B 150 6.33 40.05 -28.38
C SER B 150 7.84 40.03 -28.02
N TYR B 151 8.23 39.31 -26.97
CA TYR B 151 9.64 39.19 -26.61
C TYR B 151 10.21 37.78 -26.65
N MET B 152 11.50 37.64 -26.41
CA MET B 152 12.16 36.35 -26.44
C MET B 152 13.49 36.44 -25.75
N ARG B 153 13.59 35.91 -24.55
CA ARG B 153 14.74 36.04 -23.69
C ARG B 153 15.58 34.77 -23.74
N ASP B 154 16.90 34.83 -23.77
CA ASP B 154 17.68 33.60 -23.67
C ASP B 154 18.16 33.40 -22.23
N VAL B 155 17.52 32.49 -21.51
CA VAL B 155 17.87 32.27 -20.12
C VAL B 155 18.96 31.23 -19.94
N THR B 156 19.50 30.71 -21.05
CA THR B 156 20.40 29.55 -20.96
C THR B 156 21.52 29.72 -19.97
N VAL B 157 22.20 30.85 -20.03
CA VAL B 157 23.43 30.97 -19.26
C VAL B 157 23.09 31.52 -17.87
N GLU B 158 21.98 32.23 -17.79
CA GLU B 158 21.47 32.60 -16.47
C GLU B 158 21.26 31.37 -15.60
N ARG B 159 20.70 30.32 -16.19
CA ARG B 159 20.37 29.09 -15.47
C ARG B 159 21.57 28.17 -15.24
N HIS B 160 22.43 28.06 -16.26
CA HIS B 160 23.45 27.04 -16.28
C HIS B 160 24.88 27.51 -16.09
N GLY B 161 25.12 28.81 -16.27
CA GLY B 161 26.45 29.35 -16.07
C GLY B 161 27.26 29.44 -17.36
N GLY B 162 26.70 28.97 -18.45
CA GLY B 162 27.43 28.93 -19.71
C GLY B 162 26.54 28.28 -20.74
N PRO B 163 27.06 28.05 -21.95
CA PRO B 163 26.18 27.31 -22.86
C PRO B 163 25.95 25.88 -22.37
N LEU B 164 24.94 25.24 -22.95
CA LEU B 164 24.70 23.82 -22.78
C LEU B 164 25.42 23.12 -23.91
N PRO B 165 26.40 22.29 -23.57
CA PRO B 165 27.16 21.53 -24.57
C PRO B 165 26.21 20.77 -25.48
N TYR B 166 26.50 20.68 -26.77
CA TYR B 166 25.52 20.15 -27.72
C TYR B 166 25.29 18.64 -27.59
N HIS B 167 26.22 17.93 -26.94
CA HIS B 167 26.09 16.47 -26.84
C HIS B 167 25.05 16.07 -25.77
N ARG B 168 24.73 17.01 -24.88
CA ARG B 168 23.65 16.81 -23.92
C ARG B 168 22.25 16.77 -24.55
N ARG B 169 22.12 17.27 -25.78
CA ARG B 169 20.79 17.29 -26.40
C ARG B 169 20.29 15.85 -26.55
N PRO B 170 19.02 15.62 -26.20
CA PRO B 170 18.33 14.35 -26.49
C PRO B 170 18.56 13.89 -27.92
N VAL B 171 18.59 12.58 -28.15
CA VAL B 171 18.65 12.06 -29.49
C VAL B 171 17.31 12.32 -30.12
N LEU B 172 17.33 12.95 -31.30
CA LEU B 172 16.10 13.21 -32.04
C LEU B 172 15.64 11.95 -32.69
N PHE B 173 14.37 11.94 -33.09
CA PHE B 173 13.78 10.83 -33.79
C PHE B 173 14.44 10.66 -35.16
N GLN B 174 14.76 11.77 -35.82
CA GLN B 174 15.49 11.68 -37.10
C GLN B 174 16.89 11.10 -36.89
N GLU B 175 17.55 11.51 -35.81
CA GLU B 175 18.83 10.91 -35.43
C GLU B 175 18.69 9.40 -35.28
N TYR B 176 17.59 8.92 -34.66
CA TYR B 176 17.36 7.46 -34.61
C TYR B 176 17.19 6.85 -36.00
N LEU B 177 16.36 7.44 -36.87
CA LEU B 177 16.22 6.93 -38.23
C LEU B 177 17.58 6.78 -38.90
N ASP B 178 18.46 7.77 -38.67
CA ASP B 178 19.77 7.79 -39.32
C ASP B 178 20.63 6.69 -38.74
N ILE B 179 20.60 6.51 -37.44
CA ILE B 179 21.36 5.42 -36.85
C ILE B 179 20.86 4.10 -37.44
N ASP B 180 19.56 4.00 -37.69
CA ASP B 180 19.02 2.75 -38.18
C ASP B 180 19.49 2.49 -39.58
N GLN B 181 19.42 3.53 -40.39
CA GLN B 181 19.90 3.47 -41.76
C GLN B 181 21.35 2.96 -41.78
N MET B 182 22.20 3.54 -40.93
CA MET B 182 23.59 3.11 -40.85
C MET B 182 23.63 1.63 -40.51
N ILE B 183 22.93 1.24 -39.46
CA ILE B 183 22.93 -0.15 -39.05
C ILE B 183 22.36 -1.06 -40.13
N PHE B 184 21.16 -0.78 -40.59
CA PHE B 184 20.50 -1.73 -41.47
C PHE B 184 21.03 -1.78 -42.90
N ASN B 185 21.60 -0.68 -43.38
CA ASN B 185 22.07 -0.63 -44.78
C ASN B 185 23.55 -0.75 -44.96
N ARG B 186 24.32 -0.31 -43.99
CA ARG B 186 25.74 -0.32 -44.18
C ARG B 186 26.43 -1.33 -43.28
N GLU B 187 25.84 -1.61 -42.13
CA GLU B 187 26.56 -2.44 -41.19
C GLU B 187 26.07 -3.89 -41.12
N LEU B 188 24.77 -4.11 -41.10
CA LEU B 188 24.26 -5.47 -40.91
C LEU B 188 24.59 -6.43 -42.06
N PRO B 189 24.51 -5.95 -43.32
CA PRO B 189 24.71 -6.91 -44.41
C PRO B 189 26.12 -7.49 -44.42
N GLN B 190 27.03 -6.82 -43.73
CA GLN B 190 28.37 -7.39 -43.63
C GLN B 190 28.38 -8.64 -42.77
N ALA B 191 27.26 -8.91 -42.11
CA ALA B 191 27.18 -10.11 -41.29
C ALA B 191 25.96 -10.94 -41.68
N SER B 192 25.48 -10.76 -42.90
CA SER B 192 24.35 -11.51 -43.41
C SER B 192 24.63 -13.01 -43.47
N GLY B 193 25.88 -13.39 -43.19
CA GLY B 193 26.21 -14.80 -43.09
C GLY B 193 25.63 -15.36 -41.81
N LEU B 194 26.28 -15.03 -40.69
CA LEU B 194 25.79 -15.23 -39.34
C LEU B 194 24.30 -14.98 -39.18
N LEU B 195 23.86 -13.77 -39.47
CA LEU B 195 22.47 -13.38 -39.27
C LEU B 195 21.48 -14.25 -40.05
N HIS B 196 21.92 -14.98 -41.05
CA HIS B 196 20.98 -15.86 -41.72
C HIS B 196 20.78 -17.12 -40.86
N HIS B 197 21.86 -17.55 -40.25
CA HIS B 197 21.81 -18.78 -39.50
C HIS B 197 21.32 -18.65 -38.05
N CYS B 198 21.35 -17.43 -37.52
CA CYS B 198 20.83 -17.21 -36.18
C CYS B 198 19.44 -16.58 -36.19
N CYS B 199 19.15 -15.70 -37.14
CA CYS B 199 18.02 -14.80 -36.98
C CYS B 199 17.24 -14.57 -38.22
N PHE B 200 17.21 -15.54 -39.13
CA PHE B 200 16.43 -15.43 -40.38
C PHE B 200 16.61 -14.13 -41.19
N TYR B 201 17.80 -13.56 -41.20
CA TYR B 201 18.08 -12.29 -41.85
C TYR B 201 17.72 -12.26 -43.31
N LYS B 202 17.45 -11.08 -43.84
CA LYS B 202 17.12 -11.02 -45.25
C LYS B 202 17.18 -9.63 -45.85
N HIS B 203 17.76 -9.58 -47.05
CA HIS B 203 17.84 -8.36 -47.83
C HIS B 203 18.09 -7.27 -46.84
N ARG B 204 17.22 -6.29 -46.87
CA ARG B 204 16.79 -5.57 -45.69
C ARG B 204 15.29 -5.83 -45.79
N GLY B 205 14.79 -6.77 -45.00
CA GLY B 205 13.36 -7.05 -44.92
C GLY B 205 12.59 -6.02 -44.11
N ARG B 206 13.17 -5.60 -42.98
CA ARG B 206 14.01 -6.53 -42.26
C ARG B 206 13.04 -7.11 -41.24
N ASN B 207 13.49 -8.19 -40.65
CA ASN B 207 12.77 -8.82 -39.59
C ASN B 207 13.23 -8.23 -38.27
N LEU B 208 14.28 -7.40 -38.29
CA LEU B 208 14.87 -6.93 -37.04
C LEU B 208 14.58 -5.49 -36.76
N VAL B 209 14.82 -5.10 -35.52
CA VAL B 209 14.48 -3.79 -35.03
C VAL B 209 15.47 -3.44 -33.89
N THR B 210 15.65 -2.17 -33.58
CA THR B 210 16.63 -1.82 -32.55
C THR B 210 15.99 -1.09 -31.37
N MET B 211 16.64 -1.16 -30.19
CA MET B 211 16.20 -0.34 -29.07
C MET B 211 17.36 0.30 -28.35
N THR B 212 17.25 1.60 -28.07
CA THR B 212 18.32 2.36 -27.43
C THR B 212 18.60 1.96 -26.02
N THR B 213 19.82 2.21 -25.59
CA THR B 213 20.06 2.21 -24.18
C THR B 213 20.54 3.58 -23.65
N ALA B 214 21.28 3.49 -22.55
CA ALA B 214 21.13 4.26 -21.31
C ALA B 214 21.66 5.58 -21.39
N PRO B 215 22.77 5.89 -20.63
CA PRO B 215 23.62 7.02 -21.03
C PRO B 215 24.43 6.54 -22.23
N ARG B 216 25.02 7.44 -23.00
CA ARG B 216 25.55 7.05 -24.29
C ARG B 216 27.07 7.20 -24.30
N GLY B 217 27.76 6.28 -23.63
CA GLY B 217 29.20 6.30 -23.59
C GLY B 217 29.72 6.25 -22.17
N LEU B 218 30.99 6.62 -21.94
CA LEU B 218 31.60 6.33 -20.62
C LEU B 218 32.12 7.53 -19.87
N GLN B 219 31.92 8.70 -20.46
CA GLN B 219 32.38 9.96 -19.86
C GLN B 219 31.82 11.16 -20.61
N SER B 220 31.90 12.30 -19.93
CA SER B 220 31.27 13.49 -20.46
C SER B 220 31.67 13.72 -21.91
N GLY B 221 30.70 14.14 -22.70
CA GLY B 221 31.01 14.37 -24.09
C GLY B 221 30.80 13.18 -25.00
N ASP B 222 30.75 11.96 -24.49
CA ASP B 222 30.51 10.84 -25.41
C ASP B 222 29.06 10.88 -25.93
N ARG B 223 28.87 10.37 -27.14
CA ARG B 223 27.54 10.09 -27.67
C ARG B 223 27.60 8.78 -28.43
N ALA B 224 27.90 7.71 -27.70
CA ALA B 224 27.91 6.38 -28.26
C ALA B 224 26.92 5.50 -27.51
N THR B 225 25.98 4.95 -28.25
CA THR B 225 24.84 4.26 -27.71
C THR B 225 24.91 2.77 -28.05
N TRP B 226 24.80 1.88 -27.06
CA TRP B 226 24.60 0.45 -27.31
C TRP B 226 23.17 0.16 -27.69
N PHE B 227 22.97 -0.59 -28.76
CA PHE B 227 21.63 -0.98 -29.20
C PHE B 227 21.56 -2.50 -29.22
N GLY B 228 20.45 -3.05 -28.81
CA GLY B 228 20.23 -4.44 -29.11
C GLY B 228 19.43 -4.60 -30.39
N LEU B 229 19.51 -5.82 -30.92
CA LEU B 229 18.73 -6.30 -32.06
C LEU B 229 17.64 -7.28 -31.62
N TYR B 230 16.45 -7.09 -32.20
CA TYR B 230 15.21 -7.74 -31.79
C TYR B 230 14.38 -8.16 -33.00
N TYR B 231 13.73 -9.31 -32.92
CA TYR B 231 12.79 -9.67 -33.96
C TYR B 231 11.74 -8.58 -33.97
N ASN B 232 11.30 -8.13 -35.14
CA ASN B 232 10.27 -7.11 -35.20
C ASN B 232 8.99 -7.83 -35.05
N ILE B 233 8.69 -8.28 -33.83
CA ILE B 233 7.42 -8.95 -33.55
C ILE B 233 6.24 -8.04 -33.91
N SER B 234 5.20 -8.66 -34.45
CA SER B 234 4.03 -7.95 -34.89
C SER B 234 2.86 -8.02 -33.89
N GLY B 235 2.35 -6.86 -33.45
CA GLY B 235 1.19 -6.83 -32.57
C GLY B 235 1.40 -7.25 -31.12
N ALA B 236 2.64 -7.22 -30.69
CA ALA B 236 3.01 -7.64 -29.37
C ALA B 236 4.42 -7.18 -29.21
N GLY B 237 4.98 -7.35 -28.01
CA GLY B 237 6.18 -6.63 -27.67
C GLY B 237 7.45 -7.28 -28.19
N PHE B 238 8.23 -6.49 -28.92
CA PHE B 238 9.48 -6.98 -29.48
C PHE B 238 10.52 -7.13 -28.40
N PHE B 239 10.26 -6.52 -27.26
CA PHE B 239 11.23 -6.42 -26.16
C PHE B 239 11.69 -7.74 -25.59
N LEU B 240 10.92 -8.80 -25.83
CA LEU B 240 11.21 -10.15 -25.31
C LEU B 240 11.98 -11.04 -26.27
N HIS B 241 12.40 -10.45 -27.39
CA HIS B 241 12.98 -11.18 -28.50
C HIS B 241 14.29 -10.61 -29.02
N HIS B 242 15.17 -10.40 -28.05
CA HIS B 242 16.54 -10.06 -28.29
C HIS B 242 17.15 -11.20 -29.06
N VAL B 243 17.74 -10.84 -30.17
CA VAL B 243 18.20 -11.81 -31.11
C VAL B 243 19.68 -12.11 -30.86
N GLY B 244 20.29 -11.46 -29.87
CA GLY B 244 21.63 -11.85 -29.45
C GLY B 244 22.76 -10.90 -29.78
N LEU B 245 22.52 -10.02 -30.75
CA LEU B 245 23.48 -9.05 -31.25
C LEU B 245 23.33 -7.68 -30.61
N GLU B 246 24.42 -7.11 -30.13
CA GLU B 246 24.41 -5.73 -29.63
C GLU B 246 25.48 -4.85 -30.34
N LEU B 247 25.12 -3.62 -30.70
CA LEU B 247 26.01 -2.75 -31.44
C LEU B 247 26.32 -1.47 -30.63
N LEU B 248 27.60 -1.14 -30.49
CA LEU B 248 27.93 0.16 -29.90
C LEU B 248 28.10 1.17 -31.03
N VAL B 249 27.06 1.96 -31.31
CA VAL B 249 27.12 2.98 -32.35
C VAL B 249 27.62 4.34 -31.85
N ASN B 250 28.71 4.84 -32.43
CA ASN B 250 29.16 6.19 -32.12
C ASN B 250 28.57 7.25 -33.05
N HIS B 251 27.61 8.01 -32.55
CA HIS B 251 26.94 9.01 -33.36
C HIS B 251 27.17 10.43 -32.87
N LYS B 252 28.36 10.71 -32.35
CA LYS B 252 28.69 12.05 -31.91
C LYS B 252 28.92 13.09 -33.03
N ALA B 253 29.44 12.65 -34.18
CA ALA B 253 29.70 13.55 -35.29
C ALA B 253 28.42 14.23 -35.72
N LEU B 254 28.56 15.47 -36.22
CA LEU B 254 27.43 16.23 -36.69
C LEU B 254 27.12 15.83 -38.12
N ASP B 255 28.09 15.19 -38.75
CA ASP B 255 27.88 14.58 -40.06
C ASP B 255 27.69 13.12 -39.74
N PRO B 256 26.45 12.65 -39.90
CA PRO B 256 26.08 11.25 -39.66
C PRO B 256 26.88 10.29 -40.55
N ALA B 257 27.61 10.83 -41.52
CA ALA B 257 28.47 9.98 -42.35
C ALA B 257 29.76 9.57 -41.62
N ARG B 258 30.17 10.38 -40.66
CA ARG B 258 31.37 10.06 -39.91
C ARG B 258 31.04 9.07 -38.79
N TRP B 259 29.77 8.65 -38.70
CA TRP B 259 29.34 7.74 -37.64
C TRP B 259 29.90 6.37 -37.86
N THR B 260 30.27 5.73 -36.77
CA THR B 260 31.08 4.52 -36.80
C THR B 260 30.42 3.46 -35.90
N ILE B 261 30.79 2.19 -36.05
CA ILE B 261 30.52 1.18 -35.04
C ILE B 261 31.77 0.92 -34.21
N GLN B 262 31.83 1.45 -32.99
CA GLN B 262 32.95 1.21 -32.08
C GLN B 262 33.12 -0.21 -31.50
N LYS B 263 32.02 -0.98 -31.37
CA LYS B 263 32.08 -2.32 -30.75
C LYS B 263 30.90 -3.17 -31.16
N VAL B 264 31.11 -4.49 -31.11
CA VAL B 264 30.05 -5.44 -31.40
C VAL B 264 30.10 -6.54 -30.34
N PHE B 265 28.93 -7.10 -30.04
CA PHE B 265 28.76 -8.14 -29.03
C PHE B 265 27.84 -9.21 -29.56
N TYR B 266 28.27 -10.44 -29.37
CA TYR B 266 27.50 -11.58 -29.82
C TYR B 266 27.95 -12.78 -29.01
N GLN B 267 27.00 -13.39 -28.28
CA GLN B 267 27.25 -14.57 -27.46
C GLN B 267 28.48 -14.45 -26.56
N GLY B 268 28.49 -13.44 -25.71
CA GLY B 268 29.54 -13.37 -24.72
C GLY B 268 30.84 -12.84 -25.24
N ARG B 269 30.93 -12.63 -26.55
CA ARG B 269 32.18 -12.15 -27.17
C ARG B 269 32.12 -10.74 -27.79
N TYR B 270 33.27 -10.04 -27.75
CA TYR B 270 33.39 -8.72 -28.35
C TYR B 270 34.22 -8.66 -29.64
N TYR B 271 33.86 -7.75 -30.52
CA TYR B 271 34.49 -7.59 -31.82
C TYR B 271 34.56 -6.10 -32.15
N ASP B 272 35.51 -5.70 -32.98
CA ASP B 272 35.66 -4.29 -33.28
C ASP B 272 34.80 -3.86 -34.43
N SER B 273 34.17 -4.82 -35.09
CA SER B 273 33.42 -4.50 -36.29
C SER B 273 32.59 -5.71 -36.59
N LEU B 274 31.57 -5.52 -37.42
CA LEU B 274 30.73 -6.65 -37.80
C LEU B 274 31.52 -7.58 -38.70
N ALA B 275 32.31 -7.01 -39.59
CA ALA B 275 33.04 -7.83 -40.54
C ALA B 275 33.94 -8.84 -39.79
N GLN B 276 34.55 -8.37 -38.72
CA GLN B 276 35.37 -9.21 -37.85
C GLN B 276 34.59 -10.42 -37.34
N LEU B 277 33.39 -10.15 -36.82
CA LEU B 277 32.46 -11.18 -36.38
C LEU B 277 32.07 -12.12 -37.52
N GLU B 278 31.49 -11.57 -38.58
CA GLU B 278 31.12 -12.38 -39.73
C GLU B 278 32.26 -13.32 -40.18
N ALA B 279 33.50 -12.90 -39.93
CA ALA B 279 34.67 -13.66 -40.35
C ALA B 279 34.93 -14.83 -39.41
N GLN B 280 35.05 -14.50 -38.14
CA GLN B 280 35.04 -15.51 -37.09
C GLN B 280 34.00 -16.60 -37.30
N PHE B 281 32.89 -16.23 -37.95
CA PHE B 281 31.83 -17.19 -38.16
C PHE B 281 32.08 -18.05 -39.38
N GLU B 282 32.50 -17.42 -40.46
CA GLU B 282 32.90 -18.16 -41.64
C GLU B 282 34.07 -19.11 -41.28
N ALA B 283 34.98 -18.69 -40.38
CA ALA B 283 36.06 -19.58 -39.92
C ALA B 283 35.61 -20.78 -39.08
N GLY B 284 34.29 -20.93 -38.89
CA GLY B 284 33.73 -21.97 -38.03
C GLY B 284 34.13 -21.87 -36.56
N LEU B 285 34.30 -20.64 -36.06
CA LEU B 285 34.67 -20.43 -34.65
C LEU B 285 33.53 -19.89 -33.75
N VAL B 286 32.35 -19.76 -34.33
CA VAL B 286 31.22 -19.16 -33.63
C VAL B 286 30.03 -20.07 -33.78
N ASN B 287 29.71 -20.82 -32.73
CA ASN B 287 28.55 -21.68 -32.84
C ASN B 287 27.26 -20.87 -32.98
N VAL B 288 26.59 -21.03 -34.10
CA VAL B 288 25.31 -20.36 -34.29
C VAL B 288 24.13 -21.31 -33.97
N VAL B 289 23.04 -20.75 -33.43
CA VAL B 289 21.82 -21.49 -33.18
C VAL B 289 20.62 -20.71 -33.68
N LEU B 290 19.81 -21.34 -34.52
CA LEU B 290 18.71 -20.61 -35.14
C LEU B 290 17.58 -20.31 -34.15
N ILE B 291 17.50 -19.05 -33.69
CA ILE B 291 16.43 -18.53 -32.81
C ILE B 291 15.04 -18.37 -33.47
N PRO B 292 14.04 -19.14 -33.00
CA PRO B 292 12.73 -19.06 -33.70
C PRO B 292 12.16 -17.66 -33.67
N ASP B 293 11.34 -17.30 -34.66
CA ASP B 293 10.88 -15.92 -34.78
C ASP B 293 9.36 -15.88 -34.77
N ASN B 294 8.78 -17.05 -34.50
CA ASN B 294 7.36 -17.12 -34.22
C ASN B 294 7.11 -18.07 -33.05
N GLY B 295 5.93 -17.93 -32.45
CA GLY B 295 5.58 -18.72 -31.27
C GLY B 295 4.16 -18.50 -30.81
N THR B 296 3.83 -19.15 -29.70
CA THR B 296 2.51 -18.97 -29.12
C THR B 296 2.66 -18.72 -27.65
N GLY B 297 1.66 -18.05 -27.09
CA GLY B 297 1.65 -17.82 -25.66
C GLY B 297 1.96 -16.39 -25.36
N GLY B 298 2.19 -16.12 -24.08
CA GLY B 298 2.21 -14.75 -23.60
C GLY B 298 3.51 -14.13 -24.02
N SER B 299 4.43 -15.03 -24.35
CA SER B 299 5.76 -14.67 -24.77
C SER B 299 5.75 -14.00 -26.15
N TRP B 300 4.69 -14.27 -26.93
CA TRP B 300 4.62 -13.93 -28.34
C TRP B 300 3.40 -13.12 -28.65
N SER B 301 2.56 -12.94 -27.64
CA SER B 301 1.23 -12.38 -27.85
C SER B 301 0.70 -11.69 -26.61
N LEU B 302 -0.24 -10.78 -26.80
CA LEU B 302 -0.87 -10.09 -25.67
C LEU B 302 -2.35 -10.40 -25.67
N LYS B 303 -2.85 -10.91 -26.78
CA LYS B 303 -4.28 -11.19 -26.89
C LYS B 303 -4.60 -12.53 -26.22
N SER B 304 -5.67 -12.54 -25.44
CA SER B 304 -6.04 -13.74 -24.71
C SER B 304 -6.78 -14.74 -25.58
N PRO B 305 -6.38 -16.02 -25.48
CA PRO B 305 -6.99 -17.09 -26.25
C PRO B 305 -8.34 -17.53 -25.66
N VAL B 306 -8.82 -16.85 -24.61
CA VAL B 306 -10.02 -17.30 -23.93
C VAL B 306 -11.21 -16.38 -24.22
N PRO B 307 -12.36 -16.96 -24.62
CA PRO B 307 -13.51 -16.13 -24.95
C PRO B 307 -13.86 -15.27 -23.75
N PRO B 308 -14.31 -14.03 -24.02
CA PRO B 308 -14.72 -13.11 -22.97
C PRO B 308 -15.92 -13.69 -22.30
N GLY B 309 -16.06 -13.43 -20.99
CA GLY B 309 -17.12 -14.00 -20.20
C GLY B 309 -17.97 -12.89 -19.63
N PRO B 310 -18.72 -13.17 -18.58
CA PRO B 310 -19.48 -12.04 -18.07
C PRO B 310 -18.59 -10.90 -17.58
N ALA B 311 -19.09 -9.69 -17.81
CA ALA B 311 -18.39 -8.45 -17.57
C ALA B 311 -17.94 -8.28 -16.13
N PRO B 312 -16.85 -7.56 -15.94
CA PRO B 312 -16.38 -7.17 -14.61
C PRO B 312 -17.31 -6.13 -14.04
N PRO B 313 -17.26 -5.94 -12.73
CA PRO B 313 -18.09 -4.96 -12.03
C PRO B 313 -17.92 -3.59 -12.66
N LEU B 314 -18.96 -2.78 -12.58
CA LEU B 314 -18.92 -1.44 -13.19
C LEU B 314 -19.37 -0.41 -12.17
N GLN B 315 -18.71 0.73 -12.10
CA GLN B 315 -19.21 1.74 -11.17
C GLN B 315 -19.91 2.81 -11.94
N PHE B 316 -20.98 3.34 -11.39
CA PHE B 316 -21.59 4.49 -12.03
C PHE B 316 -21.99 5.49 -10.94
N TYR B 317 -22.37 6.68 -11.38
CA TYR B 317 -22.82 7.72 -10.45
C TYR B 317 -24.35 7.86 -10.48
N PRO B 318 -25.02 7.35 -9.43
CA PRO B 318 -26.49 7.24 -9.51
C PRO B 318 -27.17 8.60 -9.75
N GLN B 319 -26.68 9.63 -9.06
CA GLN B 319 -27.17 10.99 -9.22
C GLN B 319 -26.15 11.91 -9.92
N GLY B 320 -25.44 11.39 -10.92
CA GLY B 320 -24.47 12.17 -11.67
C GLY B 320 -23.12 12.45 -11.01
N PRO B 321 -22.15 12.98 -11.79
CA PRO B 321 -20.79 13.28 -11.29
C PRO B 321 -20.87 14.18 -10.09
N ARG B 322 -19.93 14.08 -9.16
CA ARG B 322 -19.92 14.91 -7.97
C ARG B 322 -18.66 15.78 -7.96
N PHE B 323 -18.10 15.96 -9.16
CA PHE B 323 -16.95 16.81 -9.36
C PHE B 323 -17.01 17.28 -10.80
N SER B 324 -16.28 18.33 -11.11
CA SER B 324 -16.26 18.83 -12.48
C SER B 324 -14.86 19.16 -12.89
N VAL B 325 -14.67 19.10 -14.19
CA VAL B 325 -13.39 19.36 -14.79
C VAL B 325 -13.59 20.50 -15.77
N GLN B 326 -13.00 21.64 -15.46
CA GLN B 326 -13.11 22.81 -16.29
C GLN B 326 -11.71 23.20 -16.76
N GLY B 327 -11.47 23.08 -18.06
CA GLY B 327 -10.14 23.25 -18.57
C GLY B 327 -9.17 22.25 -17.95
N SER B 328 -8.40 22.71 -16.98
CA SER B 328 -7.52 21.79 -16.29
C SER B 328 -7.59 22.00 -14.78
N ARG B 329 -8.67 22.62 -14.31
CA ARG B 329 -8.97 22.67 -12.89
C ARG B 329 -10.03 21.63 -12.55
N VAL B 330 -9.92 21.05 -11.38
CA VAL B 330 -10.86 20.03 -10.97
C VAL B 330 -11.47 20.61 -9.75
N ALA B 331 -12.79 20.50 -9.63
CA ALA B 331 -13.40 20.86 -8.36
C ALA B 331 -14.43 19.84 -7.96
N SER B 332 -14.36 19.44 -6.70
CA SER B 332 -15.39 18.61 -6.07
C SER B 332 -15.83 19.40 -4.84
N SER B 333 -16.69 18.84 -4.01
CA SER B 333 -17.15 19.63 -2.87
C SER B 333 -16.04 19.78 -1.84
N LEU B 334 -14.94 19.08 -2.05
CA LEU B 334 -13.93 19.03 -1.03
C LEU B 334 -12.65 19.56 -1.55
N TRP B 335 -12.42 19.40 -2.85
CA TRP B 335 -11.11 19.66 -3.42
C TRP B 335 -11.19 20.52 -4.67
N THR B 336 -10.17 21.37 -4.79
CA THR B 336 -9.92 22.07 -6.07
C THR B 336 -8.44 22.03 -6.26
N PHE B 337 -8.02 21.83 -7.52
CA PHE B 337 -6.61 21.79 -7.89
C PHE B 337 -6.52 21.87 -9.41
N SER B 338 -5.34 22.13 -9.92
CA SER B 338 -5.16 22.12 -11.34
C SER B 338 -4.16 21.01 -11.61
N PHE B 339 -4.19 20.44 -12.81
CA PHE B 339 -3.29 19.34 -13.13
C PHE B 339 -2.67 19.57 -14.51
N GLY B 340 -1.58 18.87 -14.80
CA GLY B 340 -1.03 18.95 -16.13
C GLY B 340 0.21 18.09 -16.26
N LEU B 341 0.88 18.20 -17.42
CA LEU B 341 2.10 17.48 -17.69
C LEU B 341 3.23 18.36 -18.21
N GLY B 342 4.38 18.22 -17.58
CA GLY B 342 5.63 18.68 -18.15
C GLY B 342 6.01 17.76 -19.29
N ALA B 343 6.55 18.31 -20.37
CA ALA B 343 6.92 17.48 -21.49
C ALA B 343 7.93 16.50 -20.98
N PHE B 344 8.88 17.00 -20.18
CA PHE B 344 9.96 16.11 -19.75
C PHE B 344 9.74 15.47 -18.40
N SER B 345 9.21 16.24 -17.45
CA SER B 345 9.06 15.77 -16.07
C SER B 345 7.72 15.07 -15.81
N GLY B 346 6.74 15.24 -16.71
CA GLY B 346 5.45 14.57 -16.58
C GLY B 346 4.45 15.15 -15.58
N PRO B 347 3.67 14.29 -14.91
CA PRO B 347 2.60 14.70 -14.00
C PRO B 347 2.97 15.80 -13.02
N ARG B 348 2.00 16.69 -12.83
CA ARG B 348 2.05 17.77 -11.84
C ARG B 348 0.66 18.26 -11.43
N ILE B 349 0.58 18.69 -10.17
CA ILE B 349 -0.65 19.20 -9.57
C ILE B 349 -0.31 20.53 -8.94
N PHE B 350 -1.15 21.55 -9.12
CA PHE B 350 -0.89 22.85 -8.48
C PHE B 350 -2.06 23.35 -7.67
N ASP B 351 -1.76 24.04 -6.58
CA ASP B 351 -2.77 24.90 -5.96
C ASP B 351 -3.90 24.02 -5.44
N VAL B 352 -3.51 23.07 -4.59
CA VAL B 352 -4.44 22.14 -4.04
C VAL B 352 -5.06 22.74 -2.81
N ARG B 353 -6.37 23.02 -2.90
CA ARG B 353 -7.12 23.51 -1.74
C ARG B 353 -8.23 22.56 -1.29
N PHE B 354 -8.11 22.17 -0.03
CA PHE B 354 -9.10 21.38 0.62
C PHE B 354 -10.06 22.32 1.34
N GLN B 355 -11.31 22.33 0.87
CA GLN B 355 -12.36 23.13 1.49
C GLN B 355 -11.86 24.56 1.54
N GLY B 356 -11.29 24.98 0.42
CA GLY B 356 -10.85 26.35 0.26
C GLY B 356 -9.51 26.75 0.85
N GLU B 357 -8.97 25.95 1.76
CA GLU B 357 -7.65 26.22 2.33
C GLU B 357 -6.53 25.55 1.51
N ARG B 358 -5.51 26.30 1.10
CA ARG B 358 -4.43 25.71 0.31
C ARG B 358 -3.49 24.87 1.18
N LEU B 359 -3.27 23.62 0.75
CA LEU B 359 -2.35 22.68 1.43
C LEU B 359 -1.03 22.63 0.64
N VAL B 360 -1.10 22.61 -0.69
CA VAL B 360 0.13 22.50 -1.45
C VAL B 360 0.13 23.35 -2.69
N TYR B 361 1.26 24.00 -2.88
CA TYR B 361 1.43 24.84 -4.05
C TYR B 361 1.70 23.95 -5.27
N GLU B 362 2.61 23.00 -5.12
CA GLU B 362 2.94 22.10 -6.23
C GLU B 362 3.25 20.70 -5.73
N ILE B 363 2.76 19.69 -6.46
CA ILE B 363 3.24 18.31 -6.40
C ILE B 363 3.53 17.84 -7.81
N SER B 364 4.76 17.41 -8.03
CA SER B 364 5.15 17.03 -9.39
C SER B 364 6.21 15.93 -9.46
N LEU B 365 6.07 15.13 -10.51
CA LEU B 365 7.06 14.14 -10.81
C LEU B 365 8.29 14.86 -11.30
N GLN B 366 9.46 14.44 -10.82
CA GLN B 366 10.71 15.07 -11.19
C GLN B 366 11.47 14.24 -12.21
N GLU B 367 11.48 12.95 -11.99
CA GLU B 367 12.35 12.06 -12.71
C GLU B 367 12.02 10.60 -12.36
N ALA B 368 12.41 9.71 -13.25
CA ALA B 368 12.10 8.31 -13.16
C ALA B 368 13.39 7.69 -13.62
N LEU B 369 13.81 6.60 -12.99
CA LEU B 369 15.17 6.13 -13.20
C LEU B 369 15.20 4.60 -13.25
N ALA B 370 16.00 4.03 -14.14
CA ALA B 370 16.11 2.58 -14.15
C ALA B 370 17.54 2.16 -14.33
N ILE B 371 18.06 1.44 -13.34
CA ILE B 371 19.44 1.00 -13.34
C ILE B 371 19.54 -0.52 -13.51
N TYR B 372 20.08 -0.97 -14.63
CA TYR B 372 20.14 -2.39 -14.97
C TYR B 372 21.42 -3.13 -14.60
N GLY B 373 21.31 -4.45 -14.62
CA GLY B 373 22.46 -5.32 -14.53
C GLY B 373 22.35 -6.26 -15.73
N GLY B 374 23.44 -6.92 -16.08
CA GLY B 374 23.36 -7.88 -17.15
C GLY B 374 24.62 -8.62 -17.54
N ASN B 375 24.37 -9.57 -18.43
CA ASN B 375 25.36 -10.43 -19.05
C ASN B 375 26.06 -9.77 -20.19
N SER B 376 25.36 -8.76 -20.72
CA SER B 376 25.63 -8.13 -21.99
C SER B 376 25.93 -6.64 -21.83
N PRO B 377 26.73 -6.06 -22.74
CA PRO B 377 27.11 -4.66 -22.60
C PRO B 377 25.90 -3.69 -22.56
N ALA B 378 24.94 -3.83 -23.47
CA ALA B 378 23.82 -2.89 -23.50
C ALA B 378 23.15 -2.81 -22.12
N ALA B 379 22.58 -3.95 -21.69
CA ALA B 379 21.98 -4.10 -20.37
C ALA B 379 22.88 -3.74 -19.19
N MET B 380 24.14 -4.19 -19.19
CA MET B 380 24.99 -3.96 -18.00
C MET B 380 25.40 -2.50 -17.81
N THR B 381 25.24 -1.68 -18.85
CA THR B 381 25.60 -0.27 -18.71
C THR B 381 24.42 0.64 -18.82
N THR B 382 23.21 0.09 -18.74
CA THR B 382 22.01 0.91 -18.89
C THR B 382 21.62 1.56 -17.61
N ARG B 383 21.48 2.88 -17.66
CA ARG B 383 20.90 3.68 -16.59
C ARG B 383 19.99 4.73 -17.24
N TYR B 384 18.69 4.43 -17.35
CA TYR B 384 17.81 5.36 -18.02
C TYR B 384 17.42 6.42 -17.03
N VAL B 385 17.53 7.69 -17.43
CA VAL B 385 17.00 8.81 -16.67
C VAL B 385 15.88 9.35 -17.57
N ASP B 386 14.67 8.92 -17.29
CA ASP B 386 13.60 8.92 -18.26
C ASP B 386 13.11 10.29 -18.70
N GLY B 387 13.38 11.32 -17.89
CA GLY B 387 13.06 12.68 -18.26
C GLY B 387 13.89 13.11 -19.45
N GLY B 388 14.87 12.30 -19.82
CA GLY B 388 15.69 12.58 -20.97
C GLY B 388 14.89 12.26 -22.21
N PHE B 389 13.87 11.42 -22.08
CA PHE B 389 12.93 11.13 -23.15
C PHE B 389 11.67 11.95 -22.92
N GLY B 390 11.10 11.85 -21.71
CA GLY B 390 10.04 12.73 -21.30
C GLY B 390 8.71 12.06 -20.99
N MET B 391 8.41 12.02 -19.69
CA MET B 391 7.17 11.45 -19.19
C MET B 391 5.91 12.07 -19.79
N GLY B 392 5.97 13.31 -20.24
CA GLY B 392 4.80 13.91 -20.85
C GLY B 392 4.84 13.63 -22.34
N LYS B 393 5.98 13.81 -22.94
CA LYS B 393 6.14 13.51 -24.32
C LYS B 393 5.67 12.11 -24.66
N TYR B 394 6.01 11.15 -23.82
CA TYR B 394 5.73 9.76 -24.12
C TYR B 394 4.48 9.25 -23.42
N THR B 395 3.63 10.17 -22.98
CA THR B 395 2.37 9.84 -22.35
C THR B 395 1.50 9.30 -23.50
N THR B 396 0.55 8.43 -23.20
CA THR B 396 -0.18 7.68 -24.23
C THR B 396 -1.67 7.75 -23.88
N PRO B 397 -2.54 7.43 -24.85
CA PRO B 397 -3.97 7.50 -24.51
C PRO B 397 -4.39 6.46 -23.49
N LEU B 398 -5.31 6.86 -22.63
CA LEU B 398 -5.95 5.92 -21.74
C LEU B 398 -7.11 5.18 -22.44
N THR B 399 -7.09 3.86 -22.38
CA THR B 399 -8.18 3.03 -22.92
C THR B 399 -9.38 2.94 -21.94
N ARG B 400 -10.48 3.57 -22.34
CA ARG B 400 -11.58 3.75 -21.43
C ARG B 400 -12.10 2.41 -20.95
N GLY B 401 -12.17 2.24 -19.63
CA GLY B 401 -12.64 0.99 -19.08
C GLY B 401 -11.54 0.00 -18.76
N VAL B 402 -10.33 0.22 -19.31
CA VAL B 402 -9.14 -0.58 -18.93
C VAL B 402 -8.14 0.24 -18.11
N ASP B 403 -7.70 1.36 -18.63
CA ASP B 403 -6.75 2.18 -17.90
C ASP B 403 -7.38 2.99 -16.80
N CYS B 404 -8.65 3.33 -17.00
CA CYS B 404 -9.46 3.99 -16.00
C CYS B 404 -10.87 3.45 -16.04
N PRO B 405 -11.67 3.73 -15.02
CA PRO B 405 -13.08 3.39 -15.08
C PRO B 405 -13.77 3.85 -16.37
N TYR B 406 -14.73 3.07 -16.84
CA TYR B 406 -15.43 3.40 -18.07
C TYR B 406 -16.03 4.79 -18.04
N LEU B 407 -16.53 5.19 -16.88
CA LEU B 407 -17.24 6.47 -16.73
C LEU B 407 -16.38 7.58 -16.13
N ALA B 408 -15.07 7.44 -16.30
CA ALA B 408 -14.21 8.52 -15.86
C ALA B 408 -14.40 9.64 -16.88
N THR B 409 -13.99 10.84 -16.50
CA THR B 409 -13.84 11.92 -17.46
C THR B 409 -12.43 11.88 -18.05
N TYR B 410 -12.36 11.86 -19.37
CA TYR B 410 -11.06 11.76 -20.04
C TYR B 410 -10.75 13.08 -20.77
N VAL B 411 -9.54 13.57 -20.57
CA VAL B 411 -9.09 14.89 -21.02
C VAL B 411 -7.92 14.80 -22.02
N ASP B 412 -7.86 15.70 -23.02
CA ASP B 412 -6.75 15.64 -23.98
C ASP B 412 -5.56 16.48 -23.51
N TRP B 413 -4.38 16.20 -24.10
CA TRP B 413 -3.18 16.98 -23.84
C TRP B 413 -2.53 17.40 -25.15
N HIS B 414 -2.06 18.65 -25.24
CA HIS B 414 -1.45 19.15 -26.47
C HIS B 414 -0.03 19.48 -26.21
N PHE B 415 0.77 19.33 -27.23
CA PHE B 415 2.19 19.51 -27.06
C PHE B 415 2.80 19.87 -28.40
N LEU B 416 3.95 20.51 -28.33
CA LEU B 416 4.75 20.76 -29.50
C LEU B 416 6.17 20.21 -29.22
N LEU B 417 6.45 19.02 -29.73
CA LEU B 417 7.81 18.47 -29.60
C LEU B 417 8.25 17.84 -30.92
N GLU B 418 9.53 18.03 -31.27
CA GLU B 418 10.09 17.51 -32.51
C GLU B 418 9.16 17.64 -33.72
N SER B 419 8.44 18.76 -33.80
CA SER B 419 7.62 19.06 -34.97
C SER B 419 7.48 20.55 -35.01
N GLN B 420 6.69 21.04 -35.98
CA GLN B 420 6.52 22.49 -36.10
C GLN B 420 5.08 22.92 -35.94
N ALA B 421 4.25 21.98 -35.51
CA ALA B 421 2.86 22.27 -35.20
C ALA B 421 2.43 21.45 -34.02
N PRO B 422 1.42 21.94 -33.31
CA PRO B 422 0.84 21.24 -32.18
C PRO B 422 0.30 19.89 -32.59
N LYS B 423 0.43 18.94 -31.69
CA LYS B 423 -0.17 17.63 -31.82
C LYS B 423 -0.88 17.39 -30.50
N THR B 424 -1.77 16.42 -30.53
CA THR B 424 -2.60 16.10 -29.39
C THR B 424 -2.55 14.62 -29.06
N ILE B 425 -2.29 14.30 -27.80
CA ILE B 425 -2.53 12.96 -27.27
C ILE B 425 -3.97 12.91 -26.74
N ARG B 426 -4.90 12.27 -27.49
CA ARG B 426 -6.27 12.11 -27.03
C ARG B 426 -6.41 11.26 -25.75
N ASP B 427 -7.22 11.72 -24.81
CA ASP B 427 -7.57 10.91 -23.67
C ASP B 427 -6.31 10.66 -22.81
N ALA B 428 -5.52 11.70 -22.59
CA ALA B 428 -4.28 11.58 -21.86
C ALA B 428 -4.46 11.59 -20.34
N PHE B 429 -5.54 12.18 -19.86
CA PHE B 429 -5.74 12.23 -18.43
C PHE B 429 -7.07 11.59 -18.15
N CYS B 430 -7.24 11.06 -16.95
CA CYS B 430 -8.58 10.77 -16.51
C CYS B 430 -8.80 11.23 -15.07
N VAL B 431 -10.04 11.60 -14.80
CA VAL B 431 -10.44 12.07 -13.49
C VAL B 431 -11.72 11.32 -13.22
N PHE B 432 -11.82 10.83 -11.99
CA PHE B 432 -12.98 10.08 -11.57
C PHE B 432 -13.09 9.97 -10.07
N GLU B 433 -14.34 9.77 -9.61
CA GLU B 433 -14.56 9.33 -8.24
C GLU B 433 -14.59 7.79 -8.25
N GLN B 434 -13.98 7.19 -7.24
CA GLN B 434 -13.93 5.74 -7.17
C GLN B 434 -14.42 5.34 -5.80
N ASN B 435 -15.45 4.50 -5.75
CA ASN B 435 -15.88 4.01 -4.45
C ASN B 435 -14.90 2.90 -4.07
N GLN B 436 -14.13 3.08 -3.01
CA GLN B 436 -13.11 2.07 -2.67
C GLN B 436 -13.63 0.74 -2.08
N GLY B 437 -14.92 0.67 -1.76
CA GLY B 437 -15.50 -0.50 -1.13
C GLY B 437 -14.80 -0.88 0.16
N LEU B 438 -14.31 0.15 0.84
CA LEU B 438 -13.68 0.04 2.13
C LEU B 438 -14.24 1.22 2.93
N PRO B 439 -14.44 1.07 4.23
CA PRO B 439 -14.92 2.26 4.93
C PRO B 439 -13.77 3.24 5.20
N LEU B 440 -14.05 4.54 5.18
CA LEU B 440 -13.10 5.55 5.65
C LEU B 440 -12.97 5.44 7.16
N ARG B 441 -14.12 5.24 7.81
CA ARG B 441 -14.16 5.09 9.25
C ARG B 441 -15.45 4.39 9.57
N ARG B 442 -15.46 3.69 10.70
CA ARG B 442 -16.72 3.20 11.23
C ARG B 442 -16.55 2.70 12.66
N HIS B 443 -17.64 2.78 13.41
CA HIS B 443 -17.68 2.15 14.71
C HIS B 443 -19.07 1.59 14.90
N HIS B 444 -19.09 0.36 15.39
CA HIS B 444 -20.31 -0.32 15.75
C HIS B 444 -20.30 -0.51 17.26
N SER B 445 -21.26 0.11 17.94
CA SER B 445 -21.34 0.00 19.41
C SER B 445 -22.41 -0.94 19.87
N ASP B 446 -21.99 -1.90 20.69
CA ASP B 446 -22.87 -2.88 21.33
C ASP B 446 -22.77 -2.65 22.83
N LEU B 447 -21.86 -1.74 23.21
CA LEU B 447 -21.41 -1.54 24.59
C LEU B 447 -21.99 -0.25 25.20
N TYR B 448 -22.83 -0.37 26.22
CA TYR B 448 -23.41 0.81 26.90
C TYR B 448 -24.45 1.58 26.07
N SER B 449 -24.11 1.91 24.84
CA SER B 449 -25.04 2.60 23.98
C SER B 449 -25.02 1.92 22.59
N HIS B 450 -26.18 1.75 21.97
CA HIS B 450 -26.26 1.07 20.68
C HIS B 450 -26.38 2.01 19.49
N TYR B 451 -25.29 2.12 18.74
CA TYR B 451 -25.30 2.98 17.58
C TYR B 451 -24.29 2.48 16.59
N PHE B 452 -24.45 2.96 15.35
CA PHE B 452 -23.48 2.73 14.32
C PHE B 452 -23.26 4.01 13.56
N GLY B 453 -21.99 4.30 13.32
CA GLY B 453 -21.68 5.40 12.43
C GLY B 453 -20.45 5.09 11.64
N GLY B 454 -20.52 5.44 10.35
CA GLY B 454 -19.36 5.30 9.51
C GLY B 454 -19.63 5.90 8.16
N LEU B 455 -18.62 5.85 7.33
CA LEU B 455 -18.62 6.52 6.05
C LEU B 455 -17.80 5.65 5.11
N ALA B 456 -18.39 5.24 3.99
CA ALA B 456 -17.61 4.51 3.00
C ALA B 456 -16.72 5.47 2.21
N GLU B 457 -15.43 5.11 2.11
CA GLU B 457 -14.48 5.91 1.33
C GLU B 457 -14.70 5.96 -0.20
N THR B 458 -15.00 7.17 -0.68
CA THR B 458 -14.96 7.47 -2.11
C THR B 458 -13.83 8.48 -2.31
N VAL B 459 -13.05 8.27 -3.36
CA VAL B 459 -11.78 8.94 -3.55
C VAL B 459 -11.83 9.64 -4.93
N LEU B 460 -11.05 10.71 -5.08
CA LEU B 460 -11.02 11.48 -6.33
C LEU B 460 -9.67 11.22 -6.94
N VAL B 461 -9.61 10.90 -8.23
CA VAL B 461 -8.36 10.40 -8.81
C VAL B 461 -8.00 11.10 -10.09
N VAL B 462 -6.74 11.57 -10.21
CA VAL B 462 -6.25 11.99 -11.51
C VAL B 462 -5.16 11.06 -11.97
N ARG B 463 -5.17 10.68 -13.24
CA ARG B 463 -4.22 9.70 -13.73
C ARG B 463 -3.76 9.94 -15.17
N SER B 464 -2.51 9.61 -15.45
CA SER B 464 -2.04 9.54 -16.83
C SER B 464 -0.99 8.43 -16.88
N MET B 465 -0.65 7.99 -18.09
CA MET B 465 0.35 6.93 -18.26
C MET B 465 1.39 7.31 -19.32
N SER B 466 2.67 7.16 -18.96
CA SER B 466 3.76 7.38 -19.88
C SER B 466 4.29 6.03 -20.27
N THR B 467 4.34 5.79 -21.57
CA THR B 467 4.93 4.58 -22.09
C THR B 467 6.31 4.88 -22.66
N LEU B 468 7.32 4.69 -21.82
CA LEU B 468 8.71 4.82 -22.22
C LEU B 468 9.25 3.56 -22.85
N LEU B 469 9.10 3.44 -24.16
CA LEU B 469 9.44 2.20 -24.86
C LEU B 469 8.71 0.97 -24.27
N ASN B 470 9.40 0.14 -23.52
CA ASN B 470 8.80 -1.09 -23.07
C ASN B 470 7.90 -0.86 -21.86
N ASP B 472 5.26 0.83 -19.15
CA ASP B 472 4.14 1.73 -19.04
C ASP B 472 4.01 2.19 -17.60
N TYR B 473 4.38 3.43 -17.31
CA TYR B 473 4.32 3.94 -15.96
C TYR B 473 2.94 4.55 -15.73
N VAL B 474 2.31 4.22 -14.61
CA VAL B 474 1.01 4.76 -14.28
C VAL B 474 1.20 5.72 -13.11
N TRP B 475 0.71 6.94 -13.26
CA TRP B 475 0.87 7.99 -12.26
C TRP B 475 -0.49 8.40 -11.64
N ASP B 476 -0.60 8.23 -10.34
CA ASP B 476 -1.89 8.44 -9.70
C ASP B 476 -1.79 9.57 -8.71
N THR B 477 -2.78 10.46 -8.79
CA THR B 477 -2.94 11.48 -7.78
C THR B 477 -4.28 11.17 -7.16
N VAL B 478 -4.28 10.95 -5.86
CA VAL B 478 -5.49 10.47 -5.22
C VAL B 478 -5.90 11.36 -4.07
N PHE B 479 -7.10 11.93 -4.19
CA PHE B 479 -7.57 12.88 -3.18
C PHE B 479 -8.57 12.24 -2.23
N HIS B 480 -8.21 12.13 -0.96
CA HIS B 480 -9.07 11.49 0.03
C HIS B 480 -9.95 12.48 0.75
N PRO B 481 -11.14 12.03 1.15
CA PRO B 481 -12.03 12.91 1.88
C PRO B 481 -11.57 13.16 3.32
N SER B 482 -10.45 12.55 3.75
CA SER B 482 -9.96 12.84 5.10
C SER B 482 -9.08 14.08 5.01
N GLY B 483 -8.83 14.53 3.77
CA GLY B 483 -7.85 15.56 3.51
C GLY B 483 -6.45 15.01 3.39
N ALA B 484 -6.32 13.75 2.99
CA ALA B 484 -5.00 13.20 2.73
C ALA B 484 -4.83 13.17 1.23
N ILE B 485 -3.61 13.34 0.75
CA ILE B 485 -3.32 13.21 -0.66
C ILE B 485 -2.41 11.99 -0.81
N GLU B 486 -2.67 11.18 -1.84
CA GLU B 486 -1.91 9.96 -2.07
C GLU B 486 -1.35 10.04 -3.46
N ILE B 487 -0.03 9.94 -3.58
CA ILE B 487 0.64 9.93 -4.87
C ILE B 487 1.25 8.55 -5.07
N ARG B 488 0.88 7.94 -6.19
CA ARG B 488 1.24 6.57 -6.49
C ARG B 488 1.88 6.42 -7.85
N PHE B 489 2.80 5.49 -7.93
CA PHE B 489 3.39 5.19 -9.19
C PHE B 489 3.48 3.68 -9.35
N TYR B 490 2.97 3.20 -10.48
CA TYR B 490 2.98 1.78 -10.84
C TYR B 490 3.71 1.62 -12.18
N ALA B 491 4.44 0.53 -12.33
CA ALA B 491 5.11 0.22 -13.59
C ALA B 491 4.52 -1.05 -14.22
N THR B 492 3.93 -0.97 -15.42
CA THR B 492 3.52 -2.17 -16.15
C THR B 492 4.25 -2.18 -17.46
N GLY B 493 3.60 -2.71 -18.50
CA GLY B 493 4.21 -2.99 -19.79
C GLY B 493 5.20 -4.17 -19.83
N TYR B 494 6.18 -4.06 -20.72
CA TYR B 494 7.14 -5.14 -20.95
C TYR B 494 8.42 -4.90 -20.19
N ILE B 495 9.09 -5.96 -19.79
CA ILE B 495 10.45 -5.83 -19.28
C ILE B 495 11.42 -5.68 -20.48
N SER B 496 12.65 -5.27 -20.20
CA SER B 496 13.74 -5.30 -21.19
C SER B 496 14.33 -6.67 -21.09
N SER B 497 14.39 -7.41 -22.16
CA SER B 497 15.08 -8.67 -22.01
C SER B 497 16.44 -8.59 -22.66
N ALA B 498 17.28 -9.54 -22.28
CA ALA B 498 18.56 -9.76 -22.90
C ALA B 498 18.47 -11.12 -23.60
N PHE B 499 19.43 -11.44 -24.46
CA PHE B 499 19.45 -12.76 -25.08
C PHE B 499 20.12 -13.69 -24.09
N LEU B 500 19.54 -14.86 -23.95
CA LEU B 500 19.92 -15.73 -22.87
C LEU B 500 21.12 -16.51 -23.31
N PHE B 501 22.28 -16.18 -22.78
CA PHE B 501 23.43 -16.98 -23.16
C PHE B 501 24.48 -16.95 -22.10
N GLY B 502 25.13 -18.08 -21.86
CA GLY B 502 26.21 -18.06 -20.90
C GLY B 502 25.72 -18.21 -19.49
N ALA B 503 26.44 -17.64 -18.55
CA ALA B 503 26.06 -17.83 -17.14
C ALA B 503 25.22 -16.65 -16.62
N THR B 504 23.93 -16.88 -16.46
CA THR B 504 23.02 -15.76 -16.29
C THR B 504 22.47 -15.60 -14.87
N GLY B 505 22.84 -16.55 -14.00
CA GLY B 505 22.42 -16.57 -12.60
C GLY B 505 22.54 -15.26 -11.85
N LYS B 506 23.64 -14.55 -12.03
CA LYS B 506 23.87 -13.33 -11.28
C LYS B 506 23.17 -12.10 -11.86
N TYR B 507 22.44 -12.23 -12.96
CA TYR B 507 21.95 -11.06 -13.66
C TYR B 507 20.45 -11.09 -13.97
N GLY B 508 19.77 -12.13 -13.50
CA GLY B 508 18.36 -12.26 -13.81
C GLY B 508 17.87 -13.69 -13.92
N ASN B 509 16.62 -13.86 -14.38
CA ASN B 509 16.04 -15.19 -14.50
C ASN B 509 15.69 -15.43 -15.92
N GLN B 510 15.75 -16.69 -16.30
CA GLN B 510 15.25 -17.05 -17.60
C GLN B 510 13.77 -17.03 -17.46
N VAL B 511 13.14 -16.36 -18.41
CA VAL B 511 11.76 -16.01 -18.26
C VAL B 511 11.02 -16.47 -19.52
N SER B 512 11.79 -17.03 -20.43
CA SER B 512 11.28 -17.57 -21.69
C SER B 512 12.38 -18.31 -22.44
N GLU B 513 12.12 -18.79 -23.66
CA GLU B 513 13.07 -19.69 -24.34
C GLU B 513 14.49 -19.16 -24.44
N HIS B 514 14.62 -17.90 -24.81
CA HIS B 514 15.94 -17.38 -25.10
C HIS B 514 16.05 -16.05 -24.45
N THR B 515 15.35 -15.92 -23.34
CA THR B 515 15.08 -14.61 -22.83
C THR B 515 15.54 -14.51 -21.39
N LEU B 516 16.54 -13.66 -21.16
CA LEU B 516 16.97 -13.30 -19.82
C LEU B 516 16.23 -12.03 -19.34
N GLY B 517 15.49 -12.14 -18.24
CA GLY B 517 14.86 -10.96 -17.70
C GLY B 517 15.87 -10.37 -16.76
N THR B 518 16.40 -9.22 -17.13
CA THR B 518 17.56 -8.68 -16.46
C THR B 518 17.22 -7.91 -15.20
N VAL B 519 18.04 -8.09 -14.17
CA VAL B 519 17.79 -7.43 -12.89
C VAL B 519 17.87 -5.91 -13.06
N HIS B 520 17.04 -5.16 -12.35
CA HIS B 520 17.18 -3.70 -12.38
C HIS B 520 16.47 -3.12 -11.21
N THR B 521 16.74 -1.85 -10.94
CA THR B 521 15.96 -1.08 -9.95
C THR B 521 15.19 0.01 -10.68
N HIS B 522 14.01 0.31 -10.15
CA HIS B 522 13.19 1.42 -10.57
C HIS B 522 13.21 2.44 -9.46
N SER B 523 13.27 3.72 -9.82
CA SER B 523 12.91 4.75 -8.86
C SER B 523 12.40 6.01 -9.47
N ALA B 524 11.70 6.78 -8.65
CA ALA B 524 11.05 8.01 -9.09
C ALA B 524 11.19 9.11 -8.03
N HIS B 525 11.25 10.35 -8.52
CA HIS B 525 11.47 11.48 -7.64
C HIS B 525 10.31 12.44 -7.69
N PHE B 526 9.86 12.85 -6.51
CA PHE B 526 8.73 13.75 -6.42
C PHE B 526 9.04 15.05 -5.72
N LYS B 527 8.53 16.13 -6.32
CA LYS B 527 8.55 17.45 -5.69
C LYS B 527 7.26 17.73 -4.92
N VAL B 528 7.41 18.00 -3.63
CA VAL B 528 6.26 18.26 -2.81
C VAL B 528 6.33 19.61 -2.09
N ASP B 529 5.69 20.61 -2.70
CA ASP B 529 5.74 21.97 -2.21
C ASP B 529 4.59 22.25 -1.28
N LEU B 530 4.62 21.59 -0.13
CA LEU B 530 3.62 21.82 0.88
C LEU B 530 3.74 23.25 1.37
N ASP B 531 2.60 23.94 1.46
CA ASP B 531 2.57 25.26 2.08
C ASP B 531 1.62 25.15 3.23
N VAL B 532 2.08 24.50 4.30
CA VAL B 532 1.20 24.16 5.43
C VAL B 532 0.73 25.43 6.15
N ALA B 533 -0.52 25.83 5.85
CA ALA B 533 -1.12 26.97 6.55
C ALA B 533 -0.26 28.20 6.37
N GLY B 534 0.16 28.44 5.12
CA GLY B 534 1.02 29.55 4.78
C GLY B 534 2.35 29.08 4.21
N LEU B 535 3.33 29.97 4.08
CA LEU B 535 4.63 29.56 3.56
C LEU B 535 5.65 29.14 4.63
N GLU B 536 5.63 29.79 5.78
CA GLU B 536 6.72 29.61 6.71
C GLU B 536 6.41 28.30 7.38
N ASN B 537 7.28 27.32 7.16
CA ASN B 537 7.07 25.97 7.67
C ASN B 537 8.31 25.48 8.40
N TRP B 538 8.12 24.56 9.33
CA TRP B 538 9.25 23.92 10.01
C TRP B 538 9.21 22.42 9.72
N VAL B 539 10.23 21.66 10.05
CA VAL B 539 10.00 20.23 9.98
C VAL B 539 10.22 19.58 11.30
N TRP B 540 9.26 18.73 11.66
CA TRP B 540 9.35 17.95 12.90
C TRP B 540 9.62 16.48 12.63
N ALA B 541 10.45 15.88 13.47
CA ALA B 541 10.58 14.43 13.49
C ALA B 541 10.06 13.96 14.83
N GLU B 542 8.92 13.26 14.83
CA GLU B 542 8.43 12.59 16.04
C GLU B 542 8.58 11.07 15.92
N ASP B 543 8.76 10.41 17.06
CA ASP B 543 9.03 8.99 17.08
C ASP B 543 8.80 8.47 18.51
N MET B 544 9.35 7.32 18.85
CA MET B 544 8.98 6.71 20.12
C MET B 544 10.19 6.15 20.84
N VAL B 545 10.06 6.01 22.15
CA VAL B 545 11.12 5.39 22.93
C VAL B 545 10.55 4.67 24.16
N PHE B 546 11.16 3.55 24.55
CA PHE B 546 10.83 2.98 25.85
C PHE B 546 11.86 3.42 26.91
N VAL B 547 11.37 3.79 28.08
CA VAL B 547 12.24 4.23 29.17
C VAL B 547 11.92 3.47 30.45
N PRO B 548 12.82 2.57 30.89
CA PRO B 548 12.52 1.81 32.11
C PRO B 548 12.39 2.69 33.35
N MET B 549 11.28 2.53 34.07
CA MET B 549 10.97 3.29 35.27
C MET B 549 10.34 2.38 36.32
N ALA B 550 10.41 2.78 37.59
CA ALA B 550 9.64 2.07 38.60
C ALA B 550 8.15 2.38 38.46
N VAL B 551 7.33 1.43 38.86
CA VAL B 551 5.89 1.60 38.86
C VAL B 551 5.49 2.46 40.06
N PRO B 552 4.91 3.64 39.80
CA PRO B 552 4.55 4.61 40.85
C PRO B 552 3.85 3.98 42.07
N TRP B 553 3.48 3.18 42.04
CA TRP B 553 2.70 2.62 43.14
C TRP B 553 3.34 1.38 43.74
N SER B 554 3.79 0.83 42.93
CA SER B 554 4.47 -0.37 43.42
C SER B 554 5.92 -0.35 42.99
N PRO B 555 6.71 0.52 43.63
CA PRO B 555 8.04 0.91 43.15
C PRO B 555 9.05 -0.23 43.17
N GLU B 556 8.72 -1.31 43.86
CA GLU B 556 9.55 -2.50 43.80
C GLU B 556 9.58 -3.09 42.38
N HIS B 557 8.51 -2.84 41.62
CA HIS B 557 8.36 -3.28 40.22
C HIS B 557 8.74 -2.24 39.16
N GLN B 558 9.20 -2.74 38.02
CA GLN B 558 9.55 -1.90 36.88
C GLN B 558 8.55 -1.97 35.74
N LEU B 559 8.68 -1.08 34.78
CA LEU B 559 7.83 -1.11 33.60
C LEU B 559 8.45 -0.31 32.48
N GLN B 560 8.34 -0.76 31.24
CA GLN B 560 8.90 -0.01 30.13
C GLN B 560 7.93 1.09 29.74
N ARG B 561 8.28 2.32 30.08
CA ARG B 561 7.44 3.48 29.87
C ARG B 561 7.56 3.95 28.44
N LEU B 562 6.45 3.87 27.70
CA LEU B 562 6.46 4.27 26.30
C LEU B 562 6.27 5.78 26.27
N GLN B 563 7.12 6.46 25.50
CA GLN B 563 7.11 7.91 25.33
C GLN B 563 7.28 8.31 23.88
N VAL B 564 6.56 9.35 23.45
CA VAL B 564 6.83 10.06 22.19
C VAL B 564 8.10 10.94 22.29
N THR B 565 8.88 11.04 21.23
CA THR B 565 10.01 11.96 21.19
C THR B 565 9.80 12.93 20.03
N ARG B 566 10.10 14.21 20.23
CA ARG B 566 9.97 15.20 19.16
C ARG B 566 11.25 16.01 19.02
N LYS B 567 11.61 16.30 17.78
CA LYS B 567 12.82 17.03 17.46
C LYS B 567 12.56 17.97 16.29
N LEU B 568 12.86 19.24 16.51
CA LEU B 568 12.80 20.15 15.39
C LEU B 568 14.06 19.96 14.55
N LEU B 569 13.88 19.93 13.23
CA LEU B 569 15.02 19.83 12.33
C LEU B 569 15.24 21.18 11.64
N GLU B 570 16.38 21.81 11.94
CA GLU B 570 16.52 23.20 11.56
C GLU B 570 17.35 23.44 10.30
N MET B 571 18.20 22.47 9.95
CA MET B 571 19.08 22.61 8.80
C MET B 571 18.78 21.58 7.75
N GLU B 572 18.76 22.00 6.50
CA GLU B 572 18.62 21.07 5.39
C GLU B 572 19.22 19.67 5.66
N GLU B 573 20.43 19.62 6.21
CA GLU B 573 21.11 18.33 6.23
C GLU B 573 20.44 17.43 7.27
N GLN B 574 19.81 18.07 8.24
CA GLN B 574 19.18 17.30 9.28
C GLN B 574 17.92 16.61 8.75
N ALA B 575 17.32 17.15 7.68
CA ALA B 575 16.10 16.58 7.11
C ALA B 575 16.38 15.94 5.78
N ALA B 576 17.64 15.66 5.47
CA ALA B 576 17.94 14.83 4.30
C ALA B 576 18.20 13.44 4.83
N PHE B 577 17.47 12.46 4.27
CA PHE B 577 17.49 11.10 4.80
C PHE B 577 17.93 10.12 3.73
N LEU B 578 18.99 9.38 3.99
CA LEU B 578 19.53 8.58 2.92
C LEU B 578 18.77 7.29 2.83
N VAL B 579 18.67 6.75 1.62
CA VAL B 579 18.16 5.40 1.46
C VAL B 579 19.02 4.52 2.34
N GLY B 580 18.38 3.57 3.01
CA GLY B 580 19.12 2.70 3.90
C GLY B 580 19.28 3.12 5.34
N SER B 581 19.33 4.42 5.61
CA SER B 581 19.30 4.89 7.01
C SER B 581 17.86 4.83 7.49
N ALA B 582 17.62 4.78 8.79
CA ALA B 582 16.22 4.83 9.21
C ALA B 582 15.71 6.28 9.35
N THR B 583 14.39 6.42 9.25
CA THR B 583 13.80 7.74 9.26
C THR B 583 12.79 7.81 10.41
N PRO B 584 12.56 9.01 10.93
CA PRO B 584 11.57 9.15 12.01
C PRO B 584 10.21 8.61 11.59
N ARG B 585 9.48 8.08 12.56
CA ARG B 585 8.22 7.43 12.26
C ARG B 585 7.14 8.44 11.87
N TYR B 586 7.17 9.60 12.52
CA TYR B 586 6.36 10.72 12.12
C TYR B 586 7.29 11.78 11.58
N LEU B 587 6.98 12.25 10.38
CA LEU B 587 7.77 13.29 9.78
C LEU B 587 6.82 14.22 9.09
N TYR B 588 6.75 15.47 9.57
CA TYR B 588 5.87 16.42 8.91
C TYR B 588 6.42 17.82 8.83
N LEU B 589 5.90 18.58 7.85
CA LEU B 589 6.10 20.01 7.80
C LEU B 589 4.97 20.68 8.58
N ALA B 590 5.32 21.68 9.38
CA ALA B 590 4.33 22.39 10.20
C ALA B 590 4.43 23.91 10.04
N SER B 591 3.38 24.57 10.51
CA SER B 591 3.36 26.01 10.65
C SER B 591 3.64 26.31 12.12
N ASN B 592 3.86 27.57 12.46
CA ASN B 592 3.99 27.95 13.83
C ASN B 592 2.58 28.07 14.34
N HIS B 593 1.62 28.35 13.48
CA HIS B 593 0.20 28.35 13.90
C HIS B 593 -0.23 27.01 14.51
N SER B 594 -1.14 27.06 15.48
CA SER B 594 -1.63 25.84 16.10
C SER B 594 -3.07 25.61 15.78
N ASN B 595 -3.49 24.36 15.94
CA ASN B 595 -4.91 24.07 15.85
C ASN B 595 -5.55 24.35 17.21
N LYS B 596 -6.86 24.21 17.29
CA LYS B 596 -7.60 24.53 18.50
C LYS B 596 -6.98 23.90 19.77
N TRP B 597 -6.17 22.85 19.63
CA TRP B 597 -5.73 22.11 20.80
C TRP B 597 -4.28 22.44 21.11
N GLY B 598 -3.71 23.30 20.28
CA GLY B 598 -2.41 23.89 20.53
C GLY B 598 -1.23 23.17 19.93
N HIS B 599 -1.52 22.23 19.02
CA HIS B 599 -0.44 21.57 18.32
C HIS B 599 -0.20 22.28 16.98
N PRO B 600 1.06 22.28 16.53
CA PRO B 600 1.42 22.90 15.24
C PRO B 600 0.59 22.30 14.09
N ARG B 601 -0.15 23.12 13.35
CA ARG B 601 -0.78 22.62 12.14
C ARG B 601 0.24 21.94 11.24
N GLY B 602 0.11 20.61 11.10
CA GLY B 602 1.06 19.84 10.32
C GLY B 602 0.48 18.97 9.22
N TYR B 603 1.32 18.75 8.20
CA TYR B 603 1.10 17.67 7.25
C TYR B 603 2.24 16.69 7.23
N ARG B 604 1.90 15.45 7.44
CA ARG B 604 2.90 14.44 7.66
C ARG B 604 3.20 13.73 6.34
N ILE B 605 4.47 13.42 6.06
CA ILE B 605 4.80 12.69 4.84
C ILE B 605 5.11 11.25 5.16
N GLN B 606 4.27 10.33 4.69
CA GLN B 606 4.47 8.91 4.90
C GLN B 606 4.79 8.20 3.59
N MET B 607 5.93 7.50 3.56
CA MET B 607 6.46 6.96 2.31
C MET B 607 6.13 5.49 2.08
N LEU B 608 5.66 5.15 0.86
CA LEU B 608 5.58 3.75 0.48
C LEU B 608 6.68 3.45 -0.51
N SER B 609 7.74 2.82 -0.04
CA SER B 609 8.83 2.48 -0.91
C SER B 609 9.50 1.18 -0.42
N PHE B 610 10.03 0.41 -1.37
CA PHE B 610 10.86 -0.77 -1.13
C PHE B 610 12.19 -0.54 -1.86
N ALA B 611 12.71 0.69 -1.72
CA ALA B 611 13.97 1.07 -2.34
C ALA B 611 14.98 -0.05 -2.48
N GLY B 612 15.50 -0.18 -3.70
CA GLY B 612 16.71 -0.92 -4.01
C GLY B 612 17.91 -0.09 -3.61
N GLU B 613 19.06 -0.72 -3.45
CA GLU B 613 20.30 -0.01 -3.12
C GLU B 613 20.59 0.94 -4.28
N PRO B 614 20.82 2.23 -3.98
CA PRO B 614 21.08 3.23 -5.04
C PRO B 614 22.39 2.99 -5.71
N LEU B 615 22.54 3.40 -6.96
CA LEU B 615 23.83 3.31 -7.64
C LEU B 615 24.92 3.89 -6.75
N PRO B 616 25.96 3.10 -6.45
CA PRO B 616 26.99 3.59 -5.50
C PRO B 616 27.67 4.91 -5.94
N GLN B 617 28.06 5.74 -4.96
CA GLN B 617 28.50 7.14 -5.18
C GLN B 617 29.78 7.28 -6.00
N ASN B 618 30.60 6.24 -5.93
CA ASN B 618 31.85 6.16 -6.67
C ASN B 618 31.62 6.14 -8.17
N SER B 619 30.37 6.05 -8.60
CA SER B 619 30.15 6.02 -10.03
C SER B 619 30.39 7.40 -10.62
N SER B 620 31.22 7.45 -11.63
CA SER B 620 31.42 8.70 -12.36
C SER B 620 30.08 9.36 -12.79
N MET B 621 29.00 8.58 -12.96
CA MET B 621 27.77 9.16 -13.47
C MET B 621 26.73 9.40 -12.40
N ALA B 622 26.97 8.90 -11.20
CA ALA B 622 25.99 9.01 -10.12
C ALA B 622 25.41 10.41 -9.85
N ARG B 623 26.15 11.46 -10.15
CA ARG B 623 25.65 12.80 -9.84
C ARG B 623 24.62 13.28 -10.86
N GLY B 624 24.39 12.47 -11.90
CA GLY B 624 23.30 12.74 -12.82
C GLY B 624 21.90 12.42 -12.29
N PHE B 625 21.84 11.89 -11.06
CA PHE B 625 20.60 11.58 -10.39
C PHE B 625 20.95 11.33 -8.93
N SER B 626 21.31 12.38 -8.20
CA SER B 626 21.87 12.17 -6.87
C SER B 626 20.69 12.04 -5.92
N TRP B 627 19.50 12.31 -6.43
CA TRP B 627 18.33 12.24 -5.60
C TRP B 627 18.02 10.79 -5.29
N GLU B 628 18.44 9.89 -6.17
CA GLU B 628 18.34 8.46 -5.90
C GLU B 628 18.87 8.00 -4.52
N ARG B 629 19.78 8.76 -3.92
CA ARG B 629 20.42 8.34 -2.67
C ARG B 629 19.62 8.72 -1.43
N TYR B 630 18.64 9.61 -1.62
CA TYR B 630 17.81 10.10 -0.51
C TYR B 630 16.42 9.48 -0.54
N GLN B 631 15.81 9.21 0.60
CA GLN B 631 14.39 8.85 0.59
C GLN B 631 13.57 10.11 0.65
N LEU B 632 13.98 10.94 1.59
CA LEU B 632 13.29 12.16 1.87
C LEU B 632 14.33 13.23 2.02
N ALA B 633 14.07 14.40 1.43
CA ALA B 633 14.89 15.59 1.68
C ALA B 633 13.95 16.79 1.74
N VAL B 634 14.27 17.77 2.57
CA VAL B 634 13.48 18.99 2.60
C VAL B 634 14.40 20.19 2.46
N THR B 635 14.15 21.05 1.47
CA THR B 635 14.99 22.22 1.26
C THR B 635 14.24 23.52 1.32
N GLN B 636 14.95 24.63 1.23
CA GLN B 636 14.30 25.92 1.05
C GLN B 636 13.83 25.94 -0.38
N ARG B 637 12.60 26.35 -0.61
CA ARG B 637 12.14 26.51 -2.00
C ARG B 637 12.78 27.69 -2.69
N LYS B 638 13.49 27.42 -3.77
CA LYS B 638 14.13 28.50 -4.53
C LYS B 638 13.66 28.55 -5.97
N GLU B 639 13.53 29.76 -6.51
CA GLU B 639 13.06 29.89 -7.88
C GLU B 639 14.07 29.32 -8.87
N GLU B 640 15.33 29.31 -8.45
CA GLU B 640 16.43 28.78 -9.27
C GLU B 640 16.71 27.30 -8.99
N GLU B 641 15.81 26.66 -8.25
CA GLU B 641 15.82 25.20 -8.03
C GLU B 641 14.42 24.66 -8.33
N PRO B 642 14.02 24.71 -9.61
CA PRO B 642 12.69 24.25 -10.01
C PRO B 642 12.57 22.72 -10.18
N SER B 643 13.62 22.01 -10.61
CA SER B 643 13.57 20.54 -10.74
C SER B 643 14.78 19.92 -10.13
N SER B 644 14.72 18.61 -9.91
CA SER B 644 15.82 17.86 -9.29
C SER B 644 16.54 17.14 -10.40
N SER B 645 15.99 17.27 -11.60
CA SER B 645 16.63 16.69 -12.75
C SER B 645 16.49 17.62 -13.93
N SER B 646 16.89 17.17 -15.11
CA SER B 646 16.74 17.98 -16.29
C SER B 646 16.73 17.05 -17.49
N VAL B 647 16.03 17.46 -18.54
CA VAL B 647 16.01 16.70 -19.79
C VAL B 647 17.44 16.45 -20.29
N PHE B 648 18.41 17.24 -19.81
CA PHE B 648 19.80 17.17 -20.31
C PHE B 648 20.67 16.21 -19.57
N ASN B 649 20.24 15.78 -18.37
CA ASN B 649 21.07 14.87 -17.55
C ASN B 649 21.32 13.51 -18.22
N GLN B 650 20.31 12.98 -18.90
CA GLN B 650 20.34 11.65 -19.52
C GLN B 650 21.57 11.42 -20.42
N ASN B 651 21.82 12.33 -21.36
CA ASN B 651 22.93 12.14 -22.29
C ASN B 651 24.29 12.61 -21.80
N ASP B 652 24.33 13.21 -20.60
CA ASP B 652 25.59 13.46 -19.90
C ASP B 652 25.47 13.44 -18.35
N PRO B 653 25.29 12.25 -17.76
CA PRO B 653 25.21 12.29 -16.29
C PRO B 653 26.56 12.59 -15.65
N TRP B 654 27.65 12.45 -16.41
CA TRP B 654 29.00 12.70 -15.86
C TRP B 654 29.26 14.18 -15.55
N ALA B 655 28.59 15.05 -16.31
CA ALA B 655 28.59 16.48 -16.10
C ALA B 655 27.14 16.93 -16.08
N PRO B 656 26.48 16.71 -14.94
CA PRO B 656 25.03 16.87 -14.80
C PRO B 656 24.60 18.30 -14.98
N THR B 657 23.57 18.53 -15.78
CA THR B 657 22.99 19.86 -15.92
C THR B 657 22.26 20.33 -14.66
N VAL B 658 21.68 19.41 -13.93
CA VAL B 658 21.26 19.71 -12.56
C VAL B 658 21.73 18.59 -11.67
N ASP B 659 22.19 18.93 -10.48
CA ASP B 659 22.63 17.91 -9.56
C ASP B 659 21.83 18.14 -8.28
N PHE B 660 20.92 17.23 -7.99
CA PHE B 660 20.07 17.42 -6.82
C PHE B 660 20.86 17.69 -5.53
N SER B 661 21.99 17.02 -5.30
CA SER B 661 22.62 17.19 -3.98
C SER B 661 23.08 18.62 -3.72
N ASP B 662 23.20 19.40 -4.78
CA ASP B 662 23.44 20.83 -4.63
C ASP B 662 22.37 21.49 -3.76
N PHE B 663 21.12 21.03 -3.81
CA PHE B 663 20.06 21.76 -3.12
C PHE B 663 20.26 21.65 -1.63
N ILE B 664 20.93 20.61 -1.18
CA ILE B 664 21.19 20.45 0.27
C ILE B 664 22.56 21.03 0.61
N ASN B 665 22.54 22.21 1.23
CA ASN B 665 23.73 23.08 1.34
C ASN B 665 23.74 24.05 2.56
N ASN B 666 23.44 23.50 3.71
CA ASN B 666 23.58 24.17 4.98
C ASN B 666 22.77 25.41 5.19
N GLU B 667 21.61 25.48 4.57
CA GLU B 667 20.69 26.57 4.87
C GLU B 667 19.69 26.15 5.93
N THR B 668 18.97 27.12 6.47
CA THR B 668 17.98 26.83 7.49
C THR B 668 16.65 26.44 6.85
N ILE B 669 15.94 25.55 7.53
CA ILE B 669 14.59 25.18 7.14
C ILE B 669 13.70 25.40 8.36
N ALA B 670 14.02 26.44 9.14
CA ALA B 670 13.22 26.82 10.31
C ALA B 670 12.48 28.12 10.03
N GLY B 671 11.16 28.03 9.91
CA GLY B 671 10.35 29.13 9.41
C GLY B 671 10.64 29.60 8.00
N LYS B 672 11.00 28.70 7.09
CA LYS B 672 11.12 29.10 5.69
C LYS B 672 10.05 28.48 4.75
N ASP B 673 9.98 28.93 3.51
CA ASP B 673 9.15 28.25 2.50
C ASP B 673 9.90 26.98 2.12
N LEU B 674 9.32 25.84 2.44
CA LEU B 674 10.04 24.59 2.30
C LEU B 674 9.45 23.80 1.16
N VAL B 675 10.28 23.06 0.44
CA VAL B 675 9.77 22.05 -0.46
C VAL B 675 10.35 20.72 0.01
N ALA B 676 9.59 19.64 -0.12
CA ALA B 676 10.09 18.34 0.30
C ALA B 676 10.23 17.46 -0.92
N TRP B 677 11.27 16.65 -0.94
CA TRP B 677 11.58 15.80 -2.10
C TRP B 677 11.52 14.34 -1.70
N VAL B 678 10.72 13.57 -2.44
CA VAL B 678 10.53 12.15 -2.08
C VAL B 678 11.02 11.18 -3.17
N THR B 679 11.81 10.19 -2.78
CA THR B 679 12.22 9.14 -3.71
C THR B 679 11.46 7.88 -3.36
N ALA B 680 10.94 7.17 -4.36
CA ALA B 680 10.32 5.87 -4.08
C ALA B 680 10.69 4.90 -5.18
N GLY B 681 10.95 3.65 -4.80
CA GLY B 681 11.30 2.63 -5.78
C GLY B 681 11.36 1.22 -5.25
N PHE B 682 11.99 0.35 -6.03
CA PHE B 682 12.09 -1.05 -5.65
C PHE B 682 13.05 -1.78 -6.57
N LEU B 683 13.55 -2.92 -6.07
CA LEU B 683 14.33 -3.89 -6.85
C LEU B 683 13.40 -4.75 -7.72
N HIS B 684 13.81 -5.09 -8.92
CA HIS B 684 12.99 -5.98 -9.72
C HIS B 684 13.85 -7.06 -10.36
N ILE B 685 13.64 -8.30 -9.93
CA ILE B 685 14.29 -9.45 -10.54
C ILE B 685 13.24 -10.13 -11.38
N PRO B 686 13.17 -9.86 -12.69
CA PRO B 686 12.02 -10.38 -13.44
C PRO B 686 11.84 -11.89 -13.30
N HIS B 687 10.60 -12.33 -13.45
CA HIS B 687 10.28 -13.73 -13.26
C HIS B 687 9.24 -14.11 -14.26
N ALA B 688 8.94 -15.39 -14.32
CA ALA B 688 8.04 -15.87 -15.36
C ALA B 688 6.73 -15.07 -15.40
N GLU B 689 6.27 -14.59 -14.24
CA GLU B 689 4.95 -13.96 -14.20
C GLU B 689 4.97 -12.53 -14.76
N ASP B 690 6.14 -12.07 -15.17
CA ASP B 690 6.22 -10.80 -15.87
C ASP B 690 5.95 -10.95 -17.38
N ILE B 691 5.57 -12.14 -17.84
CA ILE B 691 5.30 -12.37 -19.27
C ILE B 691 3.82 -12.63 -19.47
N PRO B 692 3.17 -11.86 -20.32
CA PRO B 692 3.71 -10.88 -21.21
C PRO B 692 4.08 -9.57 -20.52
N ASN B 693 3.30 -9.12 -19.54
CA ASN B 693 3.62 -7.84 -18.87
C ASN B 693 3.90 -8.01 -17.36
N THR B 694 4.58 -7.06 -16.74
CA THR B 694 4.64 -7.07 -15.29
C THR B 694 3.31 -6.48 -14.82
N VAL B 695 2.79 -6.96 -13.70
CA VAL B 695 1.49 -6.52 -13.23
C VAL B 695 1.67 -5.46 -12.18
N THR B 696 0.59 -4.78 -11.86
CA THR B 696 0.68 -3.66 -10.95
C THR B 696 0.57 -4.08 -9.48
N VAL B 697 0.04 -5.25 -9.23
CA VAL B 697 -0.16 -5.73 -7.87
C VAL B 697 1.14 -5.68 -7.07
N GLY B 698 1.11 -5.02 -5.91
CA GLY B 698 2.25 -5.00 -4.99
C GLY B 698 3.38 -4.07 -5.39
N ASN B 699 3.25 -3.48 -6.58
CA ASN B 699 4.32 -2.68 -7.18
C ASN B 699 4.09 -1.19 -7.15
N GLY B 700 3.02 -0.74 -6.49
CA GLY B 700 2.79 0.69 -6.27
C GLY B 700 3.66 1.28 -5.17
N VAL B 701 4.28 2.41 -5.48
CA VAL B 701 5.13 3.11 -4.53
C VAL B 701 4.74 4.57 -4.60
N GLY B 702 5.20 5.34 -3.62
CA GLY B 702 4.86 6.75 -3.52
C GLY B 702 4.76 7.16 -2.09
N PHE B 703 3.75 7.96 -1.77
CA PHE B 703 3.67 8.50 -0.42
C PHE B 703 2.26 9.04 -0.18
N PHE B 704 1.94 9.18 1.11
CA PHE B 704 0.73 9.87 1.55
C PHE B 704 1.14 11.19 2.18
N LEU B 705 0.40 12.25 1.87
CA LEU B 705 0.43 13.45 2.70
C LEU B 705 -0.81 13.40 3.63
N ARG B 706 -0.61 13.26 4.93
CA ARG B 706 -1.73 13.11 5.84
C ARG B 706 -1.78 14.25 6.81
N PRO B 707 -2.96 14.86 6.97
CA PRO B 707 -3.13 15.88 8.01
C PRO B 707 -2.71 15.37 9.38
N TYR B 708 -1.94 16.17 10.10
CA TYR B 708 -1.52 15.85 11.46
C TYR B 708 -1.67 17.08 12.37
N ASN B 709 -2.84 17.18 13.02
CA ASN B 709 -3.20 18.33 13.85
C ASN B 709 -3.38 19.57 13.00
N PHE B 710 -3.49 19.38 11.70
CA PHE B 710 -3.78 20.48 10.83
C PHE B 710 -5.17 20.95 11.14
N PHE B 711 -6.12 20.03 11.14
CA PHE B 711 -7.51 20.34 11.50
C PHE B 711 -7.74 20.22 13.03
N ASP B 712 -8.96 20.53 13.48
CA ASP B 712 -9.34 20.52 14.90
C ASP B 712 -10.10 19.24 15.18
N GLU B 713 -10.68 18.69 14.12
CA GLU B 713 -11.18 17.33 14.15
C GLU B 713 -11.14 16.78 12.73
N ASP B 714 -11.33 15.48 12.58
CA ASP B 714 -11.47 14.89 11.24
C ASP B 714 -12.55 15.60 10.38
N PRO B 715 -12.15 16.22 9.25
CA PRO B 715 -13.16 16.86 8.40
C PRO B 715 -14.32 15.95 7.97
N SER B 716 -14.15 14.62 7.93
CA SER B 716 -15.18 13.77 7.33
C SER B 716 -16.34 13.67 8.29
N PHE B 717 -16.12 14.16 9.52
CA PHE B 717 -17.22 14.22 10.44
C PHE B 717 -18.38 15.02 9.83
N TYR B 718 -18.05 15.94 8.92
CA TYR B 718 -19.01 16.87 8.36
C TYR B 718 -19.47 16.38 7.01
N SER B 719 -19.19 15.12 6.73
CA SER B 719 -19.44 14.54 5.41
C SER B 719 -20.92 14.48 5.03
N ALA B 720 -21.23 14.83 3.79
CA ALA B 720 -22.60 14.66 3.34
C ALA B 720 -22.98 13.18 3.17
N ASP B 721 -21.99 12.30 3.09
CA ASP B 721 -22.30 10.92 2.77
C ASP B 721 -22.20 9.98 3.98
N SER B 722 -22.02 10.53 5.18
CA SER B 722 -21.82 9.68 6.35
C SER B 722 -23.13 9.02 6.77
N ILE B 723 -23.06 7.96 7.58
CA ILE B 723 -24.25 7.18 7.94
C ILE B 723 -24.24 7.00 9.45
N TYR B 724 -25.43 7.14 10.05
CA TYR B 724 -25.54 7.00 11.51
C TYR B 724 -26.93 6.57 11.93
N PHE B 725 -26.96 5.70 12.95
CA PHE B 725 -28.21 5.24 13.51
C PHE B 725 -28.00 4.53 14.81
N ARG B 726 -29.03 4.68 15.63
CA ARG B 726 -29.01 4.24 16.99
C ARG B 726 -29.78 2.93 17.01
N GLY B 727 -29.53 2.08 17.99
CA GLY B 727 -30.29 0.85 18.13
C GLY B 727 -31.80 1.11 18.14
N ASP B 728 -32.19 2.10 18.95
CA ASP B 728 -33.59 2.52 19.05
C ASP B 728 -34.21 3.11 17.76
N GLN B 729 -33.44 3.23 16.68
CA GLN B 729 -34.02 3.70 15.43
C GLN B 729 -34.26 2.61 14.43
N ASP B 730 -34.96 3.00 13.37
CA ASP B 730 -35.35 2.09 12.30
C ASP B 730 -34.32 2.23 11.21
N ALA B 731 -33.28 1.40 11.26
CA ALA B 731 -32.19 1.54 10.30
C ALA B 731 -32.67 1.39 8.83
N GLY B 732 -33.85 0.79 8.63
CA GLY B 732 -34.38 0.62 7.28
C GLY B 732 -35.23 1.78 6.83
N ALA B 733 -35.37 2.77 7.70
CA ALA B 733 -36.18 3.95 7.43
C ALA B 733 -35.41 5.02 6.64
N CYS B 734 -35.90 5.36 5.46
CA CYS B 734 -35.24 6.32 4.57
C CYS B 734 -34.77 7.64 5.25
N GLU B 735 -35.49 8.07 6.29
CA GLU B 735 -35.25 9.36 6.94
C GLU B 735 -34.13 9.25 7.94
N VAL B 736 -33.99 8.05 8.50
CA VAL B 736 -32.91 7.75 9.43
C VAL B 736 -31.61 7.53 8.66
N ASN B 737 -31.73 6.92 7.47
CA ASN B 737 -30.58 6.30 6.80
C ASN B 737 -30.63 6.36 5.27
N PRO B 738 -29.88 7.27 4.65
CA PRO B 738 -30.03 7.44 3.20
C PRO B 738 -29.72 6.19 2.36
N LEU B 739 -29.09 5.20 2.97
CA LEU B 739 -28.83 3.93 2.36
C LEU B 739 -30.14 3.22 2.11
N ALA B 740 -31.13 3.59 2.89
CA ALA B 740 -32.44 3.04 2.74
C ALA B 740 -33.31 3.76 1.71
N CYS B 741 -32.81 4.75 0.99
CA CYS B 741 -33.66 5.38 -0.01
C CYS B 741 -33.32 4.87 -1.41
N LEU B 742 -32.17 4.21 -1.50
CA LEU B 742 -31.63 3.72 -2.74
C LEU B 742 -32.61 2.76 -3.35
N PRO B 743 -33.23 3.16 -4.43
CA PRO B 743 -32.75 4.33 -5.15
C PRO B 743 -33.84 5.10 -5.85
N ALA B 749 -28.89 3.18 -18.02
CA ALA B 749 -29.64 3.42 -16.82
C ALA B 749 -28.88 2.84 -15.67
N PRO B 750 -27.55 2.79 -15.72
CA PRO B 750 -26.59 3.77 -16.24
C PRO B 750 -26.46 4.06 -17.73
N ASP B 751 -26.05 5.28 -18.04
CA ASP B 751 -25.95 5.74 -19.41
C ASP B 751 -24.54 5.82 -19.99
N LEU B 752 -24.11 4.77 -20.66
CA LEU B 752 -22.74 4.61 -21.10
C LEU B 752 -22.44 5.30 -22.41
N PRO B 753 -21.51 6.26 -22.38
CA PRO B 753 -21.05 6.84 -23.65
C PRO B 753 -20.50 5.74 -24.56
N ALA B 754 -20.65 5.88 -25.87
CA ALA B 754 -20.12 4.86 -26.80
C ALA B 754 -18.61 4.85 -26.74
N PHE B 755 -18.03 3.65 -26.85
CA PHE B 755 -16.60 3.52 -26.68
C PHE B 755 -15.81 4.14 -27.84
N SER B 756 -14.80 4.95 -27.51
CA SER B 756 -13.88 5.50 -28.50
C SER B 756 -12.45 5.27 -28.01
N HIS B 757 -11.53 4.98 -28.93
CA HIS B 757 -10.12 4.95 -28.54
C HIS B 757 -9.27 6.06 -29.16
N GLY B 758 -8.33 6.59 -28.38
CA GLY B 758 -7.46 7.67 -28.80
C GLY B 758 -6.49 7.43 -29.96
N GLY B 759 -6.41 6.20 -30.46
CA GLY B 759 -5.59 5.90 -31.64
C GLY B 759 -4.08 5.85 -31.43
N PHE B 760 -3.33 5.82 -32.53
CA PHE B 760 -1.85 5.73 -32.47
C PHE B 760 -1.06 6.86 -33.17
N SER B 761 0.21 6.92 -32.87
CA SER B 761 1.06 7.97 -33.35
C SER B 761 1.97 7.51 -34.45
N HIS B 762 2.11 8.34 -35.45
CA HIS B 762 3.04 8.08 -36.52
C HIS B 762 4.01 9.25 -36.66
#